data_3II6
#
_entry.id   3II6
#
_cell.length_a   67.243
_cell.length_b   85.982
_cell.length_c   111.608
_cell.angle_alpha   67.34
_cell.angle_beta   82.86
_cell.angle_gamma   74.52
#
_symmetry.space_group_name_H-M   'P 1'
#
loop_
_entity.id
_entity.type
_entity.pdbx_description
1 polymer 'DNA repair protein XRCC4'
2 polymer 'DNA ligase 4'
3 non-polymer 'CHLORIDE ION'
4 water water
#
loop_
_entity_poly.entity_id
_entity_poly.type
_entity_poly.pdbx_seq_one_letter_code
_entity_poly.pdbx_strand_id
1 'polypeptide(L)'
;MERKISRIHLVSEPSITHFLQVSWEKTLESGFVITLTDGHSAWTGTVSESEISQEADDMEMEKGKYVGELRKALLSGAGP
ADVYTFNFSKESCYFFFEKNLKDVSFRLGSFNLEKVENPAEVIRELICYCLDTTAENQAKNEHLQKENERLLRDWNDVQG
RFEKCVSAKEALETDLYKRFILVLNEKKTKIRSLHNKLLNAAQ
;
A,B,C,D
2 'polypeptide(L)'
;GAMGSKISNIFEDVEFCVMSGTDSQPKPDLENRIAEFGGYIVQNPGPDTYCVIAGSENIRVKNIILSNKHDVVKPAWLLE
CFKTKSFVPWQPRFMIHMCPSTKEHFAREYDCYGDSYFIDTDLNQLKEVFSGIKNSNEQTPEEMASLIADLEYRYSWDCS
PLSMFRRHTVYLDSYAVINDLSTKNEGTRLAIKALELRFHGAKVVSCLAEGVSHVIIGEDHSRVADFKAFRRTFKRKFKI
LKESWVTDSIDKCELQEENQYLI
;
X,Y
#
# COMPACT_ATOMS: atom_id res chain seq x y z
N MET A 1 23.80 -2.07 25.14
CA MET A 1 23.87 -3.49 24.87
C MET A 1 22.49 -4.09 24.73
N GLU A 2 21.91 -3.96 23.55
CA GLU A 2 20.59 -4.48 23.27
C GLU A 2 20.65 -5.98 23.06
N ARG A 3 19.55 -6.66 23.33
CA ARG A 3 19.35 -8.04 22.84
C ARG A 3 17.89 -8.09 22.28
N LYS A 4 17.48 -9.23 21.74
CA LYS A 4 16.29 -9.29 20.92
C LYS A 4 16.06 -10.75 20.70
N ILE A 5 15.07 -11.33 21.36
CA ILE A 5 14.65 -12.73 21.15
C ILE A 5 13.43 -12.66 20.19
N SER A 6 13.40 -13.54 19.20
CA SER A 6 12.55 -13.48 18.03
C SER A 6 12.17 -14.95 17.90
N ARG A 7 10.93 -15.36 17.79
CA ARG A 7 10.67 -16.74 17.48
C ARG A 7 10.59 -17.07 15.95
N ILE A 8 11.28 -18.13 15.51
CA ILE A 8 11.29 -18.60 14.09
C ILE A 8 10.77 -20.05 13.83
N HIS A 9 10.94 -20.49 12.59
CA HIS A 9 10.62 -21.83 12.15
C HIS A 9 11.78 -22.12 11.27
N LEU A 10 12.31 -23.33 11.40
CA LEU A 10 13.31 -23.82 10.43
C LEU A 10 12.63 -24.40 9.17
N VAL A 11 13.22 -24.22 8.00
CA VAL A 11 12.71 -25.05 6.89
C VAL A 11 12.65 -26.58 7.27
N SER A 12 13.71 -27.11 7.95
CA SER A 12 13.73 -28.54 8.41
C SER A 12 12.59 -28.97 9.31
N GLU A 13 11.92 -28.00 9.98
CA GLU A 13 10.97 -28.23 11.09
C GLU A 13 9.72 -27.31 11.09
N PRO A 14 8.88 -27.46 10.03
CA PRO A 14 7.60 -26.76 9.75
C PRO A 14 6.70 -26.41 10.97
N SER A 15 6.44 -27.38 11.83
CA SER A 15 5.47 -27.15 12.92
C SER A 15 6.18 -26.64 14.26
N ILE A 16 7.32 -27.26 14.61
CA ILE A 16 8.19 -26.83 15.73
C ILE A 16 8.86 -25.41 15.74
N THR A 17 8.37 -24.57 16.66
CA THR A 17 8.96 -23.25 17.04
C THR A 17 10.36 -23.24 17.69
N HIS A 18 11.17 -22.24 17.44
CA HIS A 18 12.57 -22.24 17.70
C HIS A 18 12.84 -20.82 18.03
N PHE A 19 13.91 -20.47 18.74
CA PHE A 19 14.05 -19.09 19.19
C PHE A 19 15.35 -18.60 18.85
N LEU A 20 15.41 -17.42 18.33
CA LEU A 20 16.65 -16.86 17.92
C LEU A 20 16.93 -15.78 18.88
N GLN A 21 18.06 -15.72 19.52
CA GLN A 21 18.34 -14.56 20.36
C GLN A 21 19.51 -13.85 19.83
N VAL A 22 19.36 -12.63 19.38
CA VAL A 22 20.54 -11.88 19.12
C VAL A 22 20.68 -10.84 20.19
N SER A 23 21.81 -10.13 20.14
CA SER A 23 22.56 -9.49 21.31
C SER A 23 23.69 -8.71 20.65
N TRP A 24 23.91 -7.48 21.13
CA TRP A 24 24.90 -6.60 20.54
C TRP A 24 25.00 -5.28 21.31
N GLU A 25 25.63 -4.29 20.70
CA GLU A 25 25.98 -3.06 21.40
C GLU A 25 26.23 -1.92 20.42
N LYS A 26 25.47 -0.84 20.61
CA LYS A 26 24.31 -0.56 19.79
C LYS A 26 24.78 -0.06 18.44
N THR A 27 25.36 -0.96 17.66
CA THR A 27 24.77 -1.32 16.38
C THR A 27 24.64 -2.83 16.23
N LEU A 28 24.09 -3.27 15.10
CA LEU A 28 24.19 -4.68 14.69
C LEU A 28 25.44 -4.84 13.85
N GLU A 29 25.78 -3.74 13.18
CA GLU A 29 26.85 -3.62 12.21
C GLU A 29 28.23 -3.76 12.85
N SER A 30 28.29 -3.60 14.18
CA SER A 30 29.51 -3.79 14.96
C SER A 30 29.78 -5.29 15.27
N GLY A 31 28.85 -6.21 14.97
CA GLY A 31 29.03 -7.65 15.21
C GLY A 31 27.95 -8.04 16.18
N PHE A 32 27.70 -9.32 16.44
CA PHE A 32 26.61 -9.74 17.34
C PHE A 32 26.75 -11.18 17.65
N VAL A 33 26.07 -11.66 18.67
CA VAL A 33 26.17 -13.04 19.18
C VAL A 33 24.79 -13.54 18.96
N ILE A 34 24.58 -14.86 19.02
CA ILE A 34 23.45 -15.37 18.30
C ILE A 34 23.02 -16.77 18.66
N THR A 35 22.27 -16.93 19.71
CA THR A 35 21.91 -18.26 20.17
C THR A 35 20.65 -18.78 19.48
N LEU A 36 20.59 -20.03 19.08
CA LEU A 36 19.29 -20.64 18.77
C LEU A 36 18.94 -21.60 19.91
N THR A 37 17.73 -22.13 19.94
CA THR A 37 17.36 -23.13 20.93
C THR A 37 16.02 -23.74 20.58
N ASP A 38 15.68 -24.92 21.07
CA ASP A 38 14.33 -25.39 20.82
C ASP A 38 13.54 -25.78 22.06
N GLY A 39 14.04 -25.41 23.28
CA GLY A 39 13.45 -25.87 24.56
C GLY A 39 14.31 -26.84 25.41
N HIS A 40 15.14 -27.61 24.72
CA HIS A 40 15.59 -28.94 24.80
C HIS A 40 17.08 -28.98 24.38
N SER A 41 17.61 -27.99 23.61
CA SER A 41 19.10 -27.87 23.24
C SER A 41 19.45 -26.40 23.00
N ALA A 42 20.68 -26.06 22.61
CA ALA A 42 21.02 -24.63 22.48
C ALA A 42 22.35 -24.35 21.79
N TRP A 43 22.36 -23.62 20.64
CA TRP A 43 23.56 -23.47 19.84
C TRP A 43 23.96 -22.04 19.73
N THR A 44 25.24 -21.68 19.69
CA THR A 44 25.61 -20.21 19.64
C THR A 44 26.58 -19.83 18.56
N GLY A 45 27.29 -18.71 18.69
CA GLY A 45 28.12 -18.21 17.57
C GLY A 45 28.16 -16.71 17.49
N THR A 46 29.11 -16.15 16.76
CA THR A 46 29.39 -14.72 16.75
C THR A 46 29.69 -14.29 15.33
N VAL A 47 29.31 -13.08 14.99
CA VAL A 47 29.49 -12.54 13.68
C VAL A 47 30.25 -11.25 13.96
N SER A 48 30.94 -10.67 13.01
CA SER A 48 31.84 -9.59 13.30
C SER A 48 31.69 -8.45 12.34
N GLU A 49 32.03 -7.25 12.78
CA GLU A 49 31.91 -6.05 11.95
C GLU A 49 32.16 -6.29 10.49
N SER A 50 33.20 -7.06 10.22
CA SER A 50 33.82 -7.11 8.87
C SER A 50 33.32 -8.28 7.93
N GLU A 51 33.13 -9.48 8.54
CA GLU A 51 32.33 -10.56 8.04
C GLU A 51 31.01 -9.98 7.47
N ILE A 52 30.30 -9.15 8.23
CA ILE A 52 29.14 -8.44 7.69
C ILE A 52 29.46 -7.67 6.40
N SER A 53 30.56 -6.94 6.40
CA SER A 53 30.91 -6.02 5.29
C SER A 53 31.25 -6.70 3.98
N GLN A 54 31.65 -7.95 4.15
CA GLN A 54 32.22 -8.87 3.19
C GLN A 54 31.05 -9.57 2.48
N GLU A 55 30.26 -10.34 3.27
CA GLU A 55 28.84 -10.67 3.02
C GLU A 55 28.08 -9.61 2.19
N ALA A 56 28.05 -8.36 2.58
CA ALA A 56 27.42 -7.33 1.72
C ALA A 56 28.07 -7.13 0.37
N ASP A 57 29.39 -7.21 0.43
CA ASP A 57 30.24 -7.07 -0.73
C ASP A 57 30.01 -8.20 -1.75
N ASP A 58 29.88 -9.41 -1.19
CA ASP A 58 29.51 -10.59 -1.91
C ASP A 58 28.21 -10.40 -2.64
N MET A 59 27.30 -9.58 -2.10
CA MET A 59 25.97 -9.45 -2.68
C MET A 59 25.85 -8.27 -3.60
N GLU A 60 27.02 -7.63 -3.78
CA GLU A 60 27.04 -6.31 -4.44
C GLU A 60 25.96 -5.34 -3.94
N MET A 61 25.81 -5.23 -2.64
CA MET A 61 24.71 -4.42 -2.12
C MET A 61 25.30 -3.36 -1.17
N GLU A 62 24.86 -2.12 -1.42
CA GLU A 62 25.12 -0.98 -0.51
C GLU A 62 25.03 -1.45 1.02
N LYS A 63 26.05 -1.11 1.82
CA LYS A 63 25.97 -1.38 3.26
C LYS A 63 24.79 -0.85 4.07
N GLY A 64 24.25 0.33 4.01
CA GLY A 64 23.09 0.54 4.91
C GLY A 64 22.00 -0.49 4.64
N LYS A 65 21.58 -0.43 3.36
CA LYS A 65 20.73 -1.45 2.70
C LYS A 65 20.86 -2.91 3.27
N TYR A 66 22.11 -3.39 3.33
CA TYR A 66 22.36 -4.73 3.78
C TYR A 66 22.00 -4.95 5.25
N VAL A 67 22.51 -3.99 6.06
CA VAL A 67 22.19 -3.97 7.51
C VAL A 67 20.64 -3.80 7.69
N GLY A 68 20.06 -2.93 6.88
CA GLY A 68 18.59 -2.89 6.78
C GLY A 68 18.08 -4.32 6.86
N GLU A 69 18.45 -5.08 5.81
CA GLU A 69 18.02 -6.49 5.66
C GLU A 69 18.34 -7.38 6.83
N LEU A 70 19.57 -7.26 7.32
CA LEU A 70 19.88 -7.96 8.59
C LEU A 70 18.93 -7.73 9.83
N ARG A 71 18.64 -6.44 10.09
CA ARG A 71 17.75 -6.12 11.21
C ARG A 71 16.40 -6.79 10.98
N LYS A 72 15.86 -6.61 9.76
CA LYS A 72 14.56 -7.16 9.46
C LYS A 72 14.51 -8.68 9.55
N ALA A 73 15.57 -9.34 9.06
CA ALA A 73 15.69 -10.81 9.17
C ALA A 73 15.89 -11.23 10.62
N LEU A 74 16.86 -10.62 11.30
CA LEU A 74 17.26 -11.18 12.59
C LEU A 74 16.51 -10.68 13.87
N LEU A 75 15.77 -9.59 13.68
CA LEU A 75 15.22 -8.82 14.84
C LEU A 75 13.69 -8.71 14.81
N SER A 76 13.06 -9.60 14.01
CA SER A 76 11.64 -9.47 13.66
C SER A 76 11.25 -8.01 13.21
N GLY A 77 12.02 -7.48 12.24
CA GLY A 77 11.74 -6.13 11.70
C GLY A 77 10.92 -6.21 10.37
N ALA A 78 10.38 -7.39 10.06
CA ALA A 78 9.83 -7.69 8.72
C ALA A 78 8.57 -6.93 8.39
N GLY A 79 8.55 -6.23 7.26
CA GLY A 79 7.30 -5.70 6.68
C GLY A 79 6.20 -6.75 6.36
N PRO A 80 4.99 -6.29 5.87
CA PRO A 80 3.97 -7.29 5.37
C PRO A 80 4.52 -8.10 4.17
N ALA A 81 5.12 -7.35 3.24
CA ALA A 81 5.76 -7.91 2.09
C ALA A 81 6.63 -9.04 2.55
N ASP A 82 7.77 -8.66 3.16
CA ASP A 82 8.93 -9.51 3.50
C ASP A 82 8.75 -10.96 3.96
N VAL A 83 9.23 -11.90 3.16
CA VAL A 83 9.26 -13.31 3.57
C VAL A 83 10.70 -13.75 3.75
N TYR A 84 11.02 -14.25 4.94
CA TYR A 84 12.38 -14.67 5.28
C TYR A 84 12.38 -16.15 5.67
N THR A 85 13.50 -16.79 5.47
CA THR A 85 13.55 -18.22 5.53
C THR A 85 14.79 -18.63 6.39
N PHE A 86 14.63 -19.66 7.24
CA PHE A 86 15.68 -19.96 8.20
C PHE A 86 16.08 -21.45 8.16
N ASN A 87 17.36 -21.69 7.98
CA ASN A 87 17.80 -23.03 7.77
C ASN A 87 18.92 -23.45 8.64
N PHE A 88 18.78 -24.62 9.25
CA PHE A 88 19.77 -25.12 10.19
C PHE A 88 19.94 -26.63 10.12
N SER A 89 21.19 -27.08 10.08
CA SER A 89 21.51 -28.47 10.38
C SER A 89 22.04 -28.61 11.80
N LYS A 90 21.24 -29.25 12.64
CA LYS A 90 21.76 -29.84 13.86
C LYS A 90 23.16 -30.36 13.59
N GLU A 91 23.29 -31.12 12.51
CA GLU A 91 24.42 -32.01 12.30
C GLU A 91 25.65 -31.24 11.88
N SER A 92 25.52 -30.42 10.85
CA SER A 92 26.64 -29.63 10.43
C SER A 92 26.85 -28.34 11.25
N CYS A 93 25.89 -28.11 12.16
CA CYS A 93 25.60 -26.80 12.79
C CYS A 93 25.84 -25.56 11.90
N TYR A 94 25.23 -25.51 10.72
CA TYR A 94 25.39 -24.38 9.82
C TYR A 94 24.05 -23.65 9.76
N PHE A 95 24.07 -22.33 9.92
CA PHE A 95 22.81 -21.55 9.90
C PHE A 95 22.84 -20.62 8.72
N PHE A 96 21.83 -20.70 7.90
CA PHE A 96 21.72 -19.68 6.91
C PHE A 96 20.26 -19.28 6.84
N PHE A 97 20.11 -18.06 6.33
CA PHE A 97 18.82 -17.42 6.27
C PHE A 97 18.76 -16.66 4.97
N GLU A 98 17.55 -16.62 4.43
CA GLU A 98 17.37 -16.01 3.16
C GLU A 98 16.10 -15.22 3.11
N LYS A 99 16.00 -14.45 2.02
CA LYS A 99 14.80 -13.74 1.65
C LYS A 99 14.15 -14.38 0.42
N ASN A 100 12.83 -14.30 0.34
CA ASN A 100 12.11 -14.87 -0.81
C ASN A 100 11.26 -13.79 -1.53
N LEU A 101 11.75 -13.42 -2.71
CA LEU A 101 11.13 -12.41 -3.57
C LEU A 101 10.46 -12.99 -4.91
N LYS A 102 10.94 -12.86 -6.08
CA LYS A 102 10.02 -13.16 -7.15
C LYS A 102 10.08 -14.66 -7.36
N ASP A 103 9.62 -15.43 -6.35
CA ASP A 103 9.82 -16.89 -6.28
C ASP A 103 11.30 -17.30 -6.44
N VAL A 104 12.25 -16.36 -6.27
CA VAL A 104 13.60 -16.76 -5.95
C VAL A 104 13.90 -16.62 -4.46
N SER A 105 14.85 -17.43 -4.07
CA SER A 105 15.33 -17.42 -2.75
C SER A 105 16.70 -16.78 -2.74
N PHE A 106 16.83 -15.76 -1.89
CA PHE A 106 18.10 -15.04 -1.85
C PHE A 106 18.67 -15.14 -0.46
N ARG A 107 19.80 -15.79 -0.44
CA ARG A 107 20.53 -16.05 0.75
C ARG A 107 20.96 -14.69 1.37
N LEU A 108 20.76 -14.52 2.68
CA LEU A 108 21.09 -13.23 3.20
C LEU A 108 22.34 -13.20 4.01
N GLY A 109 22.66 -14.35 4.61
CA GLY A 109 23.89 -14.57 5.39
C GLY A 109 23.92 -15.96 6.03
N SER A 110 25.05 -16.26 6.66
CA SER A 110 25.28 -17.63 7.24
C SER A 110 25.89 -17.53 8.63
N PHE A 111 25.78 -18.63 9.37
CA PHE A 111 26.46 -18.82 10.66
C PHE A 111 26.97 -20.22 10.89
N ASN A 112 28.12 -20.17 11.53
CA ASN A 112 28.72 -21.23 12.33
C ASN A 112 28.28 -21.11 13.79
N LEU A 113 27.32 -21.99 14.14
CA LEU A 113 26.93 -22.29 15.52
C LEU A 113 27.82 -23.40 16.12
N GLU A 114 27.98 -23.32 17.45
CA GLU A 114 28.75 -24.30 18.24
C GLU A 114 27.80 -24.75 19.32
N LYS A 115 27.35 -26.01 19.24
CA LYS A 115 26.38 -26.52 20.22
C LYS A 115 26.93 -26.23 21.55
N VAL A 116 26.02 -25.95 22.45
CA VAL A 116 26.37 -25.40 23.72
C VAL A 116 26.29 -26.47 24.80
N GLU A 117 27.22 -26.28 25.75
CA GLU A 117 27.51 -27.24 26.79
C GLU A 117 26.47 -27.26 27.94
N ASN A 118 26.13 -26.06 28.46
CA ASN A 118 25.08 -25.83 29.50
C ASN A 118 23.74 -25.44 28.82
N PRO A 119 22.86 -26.43 28.51
CA PRO A 119 21.64 -26.06 27.74
C PRO A 119 20.48 -25.46 28.61
N ALA A 120 20.06 -26.18 29.66
CA ALA A 120 18.87 -25.83 30.50
C ALA A 120 19.04 -24.50 31.23
N GLU A 121 20.26 -23.94 31.15
CA GLU A 121 20.79 -22.78 31.92
C GLU A 121 20.77 -21.42 31.26
N VAL A 122 21.29 -21.37 30.05
CA VAL A 122 21.05 -20.25 29.12
C VAL A 122 19.56 -20.03 28.72
N ILE A 123 18.83 -21.14 28.46
CA ILE A 123 17.37 -21.23 28.53
C ILE A 123 16.77 -20.48 29.77
N ARG A 124 17.30 -20.79 30.97
CA ARG A 124 16.93 -20.10 32.18
C ARG A 124 17.11 -18.59 32.13
N GLU A 125 18.28 -18.19 31.68
CA GLU A 125 18.66 -16.81 31.66
C GLU A 125 17.74 -16.14 30.65
N LEU A 126 17.70 -16.72 29.45
CA LEU A 126 16.81 -16.29 28.38
C LEU A 126 15.42 -15.99 28.93
N ILE A 127 14.82 -17.02 29.51
CA ILE A 127 13.44 -16.98 29.93
C ILE A 127 13.22 -16.31 31.28
N CYS A 128 14.27 -15.82 31.91
CA CYS A 128 14.09 -14.86 32.98
C CYS A 128 13.91 -13.46 32.41
N TYR A 129 14.65 -13.20 31.32
CA TYR A 129 14.66 -11.93 30.68
C TYR A 129 13.31 -11.73 30.00
N CYS A 130 12.61 -12.80 29.74
CA CYS A 130 11.38 -12.61 29.00
C CYS A 130 10.29 -12.24 29.99
N LEU A 131 10.24 -12.96 31.11
CA LEU A 131 9.41 -12.64 32.24
C LEU A 131 9.56 -11.16 32.62
N ASP A 132 10.79 -10.62 32.55
CA ASP A 132 11.09 -9.26 33.00
C ASP A 132 10.59 -8.29 31.99
N THR A 133 10.82 -8.71 30.74
CA THR A 133 10.32 -7.97 29.59
C THR A 133 8.76 -7.91 29.57
N THR A 134 8.08 -9.07 29.61
CA THR A 134 6.67 -9.11 29.58
C THR A 134 6.01 -8.31 30.78
N ALA A 135 6.69 -8.34 31.94
CA ALA A 135 6.19 -7.71 33.13
C ALA A 135 6.31 -6.16 32.99
N GLU A 136 7.44 -5.69 32.50
CA GLU A 136 7.62 -4.28 32.19
C GLU A 136 6.63 -3.67 31.21
N ASN A 137 6.33 -4.36 30.15
CA ASN A 137 5.48 -3.93 29.09
C ASN A 137 4.05 -4.09 29.51
N GLN A 138 3.81 -5.04 30.40
CA GLN A 138 2.51 -5.16 31.02
C GLN A 138 2.17 -3.99 31.90
N ALA A 139 3.09 -3.67 32.77
CA ALA A 139 2.88 -2.62 33.69
C ALA A 139 2.84 -1.30 32.93
N LYS A 140 3.62 -1.12 31.89
CA LYS A 140 3.57 0.14 31.18
C LYS A 140 2.24 0.32 30.47
N ASN A 141 1.63 -0.79 30.08
CA ASN A 141 0.36 -0.81 29.45
C ASN A 141 -0.75 -0.45 30.43
N GLU A 142 -0.70 -1.00 31.62
CA GLU A 142 -1.68 -0.68 32.59
C GLU A 142 -1.69 0.79 32.84
N HIS A 143 -0.52 1.38 32.97
CA HIS A 143 -0.42 2.81 33.14
C HIS A 143 -0.91 3.68 31.97
N LEU A 144 -0.59 3.30 30.74
CA LEU A 144 -0.91 4.07 29.54
C LEU A 144 -2.45 4.03 29.30
N GLN A 145 -3.07 2.93 29.60
CA GLN A 145 -4.46 2.68 29.45
C GLN A 145 -5.27 3.51 30.46
N LYS A 146 -4.80 3.58 31.70
CA LYS A 146 -5.35 4.47 32.71
C LYS A 146 -5.20 5.94 32.34
N GLU A 147 -4.05 6.43 31.80
CA GLU A 147 -3.91 7.78 31.31
C GLU A 147 -4.82 7.97 30.10
N ASN A 148 -4.87 6.99 29.23
CA ASN A 148 -5.73 7.17 28.15
C ASN A 148 -7.22 7.52 28.60
N GLU A 149 -7.78 6.74 29.55
CA GLU A 149 -9.04 6.93 30.24
C GLU A 149 -9.27 8.28 30.92
N ARG A 150 -8.25 8.71 31.67
CA ARG A 150 -8.20 9.98 32.30
C ARG A 150 -8.35 10.98 31.26
N LEU A 151 -7.57 10.86 30.21
CA LEU A 151 -7.42 11.92 29.26
C LEU A 151 -8.72 12.06 28.44
N LEU A 152 -9.24 10.94 28.02
CA LEU A 152 -10.44 10.87 27.22
C LEU A 152 -11.62 11.41 28.09
N ARG A 153 -11.65 11.13 29.40
CA ARG A 153 -12.80 11.64 30.16
C ARG A 153 -12.61 13.15 30.32
N ASP A 154 -11.43 13.63 30.41
CA ASP A 154 -11.25 15.01 30.75
C ASP A 154 -11.38 15.81 29.47
N TRP A 155 -10.90 15.30 28.32
CA TRP A 155 -11.12 16.03 27.15
C TRP A 155 -12.75 16.16 26.90
N ASN A 156 -13.53 15.09 27.00
CA ASN A 156 -14.96 15.11 26.78
C ASN A 156 -15.67 16.12 27.60
N ASP A 157 -15.10 16.34 28.75
CA ASP A 157 -15.65 17.13 29.80
C ASP A 157 -15.42 18.63 29.62
N VAL A 158 -14.14 19.06 29.47
CA VAL A 158 -13.92 20.41 28.92
C VAL A 158 -14.60 20.71 27.55
N GLN A 159 -14.65 19.83 26.62
CA GLN A 159 -15.23 20.19 25.38
C GLN A 159 -16.74 20.69 25.59
N GLY A 160 -17.53 19.87 26.27
CA GLY A 160 -18.85 20.20 26.58
C GLY A 160 -18.95 21.45 27.41
N ARG A 161 -18.23 21.55 28.55
CA ARG A 161 -18.31 22.73 29.41
C ARG A 161 -17.97 23.99 28.63
N PHE A 162 -16.94 23.90 27.81
CA PHE A 162 -16.47 24.99 27.06
C PHE A 162 -17.43 25.54 26.08
N GLU A 163 -17.87 24.76 25.16
CA GLU A 163 -18.98 25.14 24.30
C GLU A 163 -20.27 25.64 24.96
N LYS A 164 -20.68 25.08 26.09
CA LYS A 164 -21.85 25.60 26.79
C LYS A 164 -21.52 26.98 27.28
N CYS A 165 -20.30 27.23 27.69
CA CYS A 165 -19.83 28.56 28.06
C CYS A 165 -19.68 29.60 26.95
N VAL A 166 -19.16 29.22 25.79
CA VAL A 166 -19.22 30.10 24.60
C VAL A 166 -20.67 30.51 24.19
N SER A 167 -21.67 29.61 24.23
CA SER A 167 -23.03 30.05 23.98
C SER A 167 -23.54 31.07 24.92
N ALA A 168 -23.25 30.84 26.22
CA ALA A 168 -23.87 31.66 27.29
C ALA A 168 -23.19 33.00 27.14
N LYS A 169 -21.93 32.98 26.82
CA LYS A 169 -21.24 34.27 26.74
C LYS A 169 -21.66 35.10 25.52
N GLU A 170 -22.00 34.38 24.46
CA GLU A 170 -22.39 35.07 23.29
C GLU A 170 -23.73 35.61 23.45
N ALA A 171 -24.50 35.24 24.49
CA ALA A 171 -25.97 35.73 24.58
C ALA A 171 -25.96 36.75 25.72
N LEU A 172 -24.79 36.93 26.36
CA LEU A 172 -24.70 37.78 27.58
C LEU A 172 -24.99 39.27 27.35
N GLU A 173 -24.26 39.86 26.38
CA GLU A 173 -24.41 41.35 26.16
C GLU A 173 -25.88 41.80 26.07
N THR A 174 -26.62 41.14 25.22
CA THR A 174 -28.01 41.48 24.97
C THR A 174 -28.87 41.28 26.14
N ASP A 175 -28.61 40.20 26.78
CA ASP A 175 -29.17 39.91 28.07
C ASP A 175 -29.08 40.92 29.21
N LEU A 176 -27.85 41.37 29.45
CA LEU A 176 -27.58 42.60 30.25
C LEU A 176 -28.34 43.93 29.78
N TYR A 177 -28.14 44.30 28.53
CA TYR A 177 -29.03 45.23 27.93
C TYR A 177 -30.45 45.17 28.26
N LYS A 178 -30.99 43.99 28.14
CA LYS A 178 -32.42 43.93 28.40
C LYS A 178 -32.73 44.19 29.87
N ARG A 179 -31.86 43.84 30.82
CA ARG A 179 -32.13 43.92 32.19
C ARG A 179 -32.04 45.45 32.52
N PHE A 180 -30.96 46.08 32.04
CA PHE A 180 -30.73 47.55 32.02
C PHE A 180 -31.83 48.39 31.46
N ILE A 181 -32.48 48.05 30.36
CA ILE A 181 -33.58 48.81 29.78
C ILE A 181 -34.73 48.75 30.70
N LEU A 182 -35.05 47.58 31.25
CA LEU A 182 -36.31 47.56 32.17
C LEU A 182 -36.08 48.40 33.39
N VAL A 183 -34.87 48.38 33.91
CA VAL A 183 -34.60 49.16 35.12
C VAL A 183 -34.66 50.71 34.86
N LEU A 184 -34.05 51.18 33.73
CA LEU A 184 -33.96 52.58 33.36
C LEU A 184 -35.32 53.01 32.99
N ASN A 185 -36.03 52.23 32.18
CA ASN A 185 -37.44 52.74 31.91
C ASN A 185 -38.34 52.74 33.12
N GLU A 186 -38.14 51.86 34.10
CA GLU A 186 -38.91 52.10 35.38
C GLU A 186 -38.53 53.37 36.04
N LYS A 187 -37.25 53.73 36.02
CA LYS A 187 -36.81 55.02 36.54
C LYS A 187 -37.51 56.18 35.85
N LYS A 188 -37.81 56.00 34.56
CA LYS A 188 -38.29 57.10 33.71
C LYS A 188 -39.72 57.22 33.99
N THR A 189 -40.44 56.12 34.27
CA THR A 189 -41.88 56.18 34.84
C THR A 189 -42.07 57.10 36.11
N LYS A 190 -41.04 57.07 36.89
CA LYS A 190 -41.08 57.71 38.14
C LYS A 190 -40.80 59.20 37.81
N ILE A 191 -39.72 59.52 37.01
CA ILE A 191 -39.48 60.90 36.34
C ILE A 191 -40.69 61.54 35.72
N ARG A 192 -41.44 60.78 34.97
CA ARG A 192 -42.59 61.37 34.32
C ARG A 192 -43.62 61.81 35.26
N SER A 193 -43.76 60.99 36.31
CA SER A 193 -44.96 61.18 37.24
C SER A 193 -44.60 62.36 38.06
N LEU A 194 -43.39 62.38 38.63
CA LEU A 194 -42.98 63.54 39.41
C LEU A 194 -42.99 64.85 38.63
N HIS A 195 -42.65 64.79 37.35
CA HIS A 195 -42.69 65.94 36.50
C HIS A 195 -44.08 66.48 36.18
N ASN A 196 -44.99 65.63 35.78
CA ASN A 196 -46.34 66.00 35.69
C ASN A 196 -46.94 66.54 36.91
N LYS A 197 -46.57 66.03 38.07
CA LYS A 197 -47.22 66.57 39.33
C LYS A 197 -46.62 67.93 39.54
N LEU A 198 -45.38 68.09 39.18
CA LEU A 198 -44.78 69.37 39.36
C LEU A 198 -45.47 70.38 38.45
N LEU A 199 -45.93 69.91 37.31
CA LEU A 199 -46.68 70.77 36.34
C LEU A 199 -47.94 71.19 36.88
N ASN A 200 -48.72 70.21 37.28
CA ASN A 200 -49.94 70.53 37.97
C ASN A 200 -49.58 71.31 39.28
N ALA A 201 -48.39 71.25 39.89
CA ALA A 201 -48.19 72.15 41.11
C ALA A 201 -48.35 73.71 40.88
N MET B 1 -10.02 -19.36 29.03
CA MET B 1 -8.67 -19.82 29.50
C MET B 1 -7.64 -18.74 29.91
N GLU B 2 -7.53 -18.56 31.23
CA GLU B 2 -6.53 -17.72 31.91
C GLU B 2 -5.26 -18.52 32.21
N ARG B 3 -4.24 -17.90 32.78
CA ARG B 3 -2.95 -18.55 33.07
C ARG B 3 -2.08 -17.54 33.77
N LYS B 4 -1.01 -17.99 34.43
CA LYS B 4 0.02 -17.11 35.04
C LYS B 4 1.39 -17.78 35.42
N ILE B 5 2.48 -17.11 35.05
CA ILE B 5 3.82 -17.68 35.09
C ILE B 5 4.72 -17.01 36.12
N SER B 6 5.61 -17.79 36.72
CA SER B 6 6.17 -17.42 38.03
C SER B 6 7.48 -18.16 38.40
N ARG B 7 8.53 -17.38 38.57
CA ARG B 7 9.82 -17.86 38.99
C ARG B 7 9.83 -18.21 40.49
N ILE B 8 10.43 -19.35 40.85
CA ILE B 8 10.48 -19.88 42.23
C ILE B 8 11.85 -20.47 42.65
N HIS B 9 11.96 -20.86 43.92
CA HIS B 9 13.03 -21.73 44.37
C HIS B 9 12.50 -22.98 45.07
N LEU B 10 13.39 -23.93 45.32
CA LEU B 10 13.09 -25.04 46.23
C LEU B 10 14.10 -24.97 47.36
N VAL B 11 13.74 -25.52 48.51
CA VAL B 11 14.76 -25.64 49.58
C VAL B 11 15.65 -26.82 49.20
N SER B 12 15.06 -27.80 48.53
CA SER B 12 15.76 -28.95 47.93
C SER B 12 16.98 -28.53 47.02
N GLU B 13 16.87 -27.40 46.33
CA GLU B 13 18.01 -26.80 45.59
C GLU B 13 17.99 -25.27 45.77
N PRO B 14 18.68 -24.77 46.83
CA PRO B 14 18.60 -23.35 47.24
C PRO B 14 19.17 -22.36 46.21
N SER B 15 20.20 -22.79 45.46
CA SER B 15 21.10 -21.92 44.66
C SER B 15 20.73 -21.65 43.19
N ILE B 16 19.55 -22.06 42.75
CA ILE B 16 19.13 -21.84 41.34
C ILE B 16 17.67 -21.37 41.10
N THR B 17 17.30 -21.18 39.83
CA THR B 17 15.92 -20.74 39.44
C THR B 17 15.09 -21.76 38.66
N HIS B 18 13.82 -21.86 39.06
CA HIS B 18 12.82 -22.77 38.51
C HIS B 18 11.65 -21.93 38.07
N PHE B 19 10.70 -22.61 37.42
CA PHE B 19 9.49 -21.88 36.99
C PHE B 19 8.24 -22.71 37.28
N LEU B 20 7.34 -22.07 38.00
CA LEU B 20 6.00 -22.63 38.18
C LEU B 20 5.09 -21.86 37.29
N GLN B 21 4.10 -22.55 36.75
CA GLN B 21 3.22 -21.91 35.84
C GLN B 21 1.82 -22.38 36.15
N VAL B 22 0.95 -21.47 36.53
CA VAL B 22 -0.38 -21.96 36.87
C VAL B 22 -1.44 -21.59 35.82
N SER B 23 -2.16 -22.57 35.26
CA SER B 23 -3.20 -22.27 34.24
C SER B 23 -4.61 -22.68 34.72
N TRP B 24 -5.64 -21.88 34.40
CA TRP B 24 -7.03 -22.24 34.67
C TRP B 24 -8.09 -21.73 33.70
N GLU B 25 -9.29 -22.25 33.89
CA GLU B 25 -10.39 -21.97 32.95
C GLU B 25 -11.51 -21.05 33.56
N LYS B 26 -11.52 -19.79 33.11
CA LYS B 26 -12.52 -18.84 33.55
C LYS B 26 -12.70 -18.51 35.03
N THR B 27 -12.21 -19.40 35.89
CA THR B 27 -11.83 -19.15 37.30
C THR B 27 -10.88 -20.23 37.85
N LEU B 28 -10.21 -19.87 38.96
CA LEU B 28 -9.36 -20.75 39.73
C LEU B 28 -10.24 -21.76 40.41
N GLU B 29 -11.54 -21.48 40.36
CA GLU B 29 -12.51 -22.25 41.10
C GLU B 29 -12.98 -23.52 40.34
N SER B 30 -13.04 -23.45 39.00
CA SER B 30 -13.31 -24.63 38.19
C SER B 30 -12.29 -25.78 38.54
N GLY B 31 -11.17 -25.37 39.15
CA GLY B 31 -9.93 -26.17 39.18
C GLY B 31 -8.94 -25.73 38.08
N PHE B 32 -7.85 -26.49 37.92
CA PHE B 32 -6.67 -25.97 37.20
C PHE B 32 -5.50 -26.94 36.91
N VAL B 33 -4.69 -26.59 35.92
CA VAL B 33 -3.40 -27.27 35.67
C VAL B 33 -2.21 -26.46 36.27
N ILE B 34 -1.21 -27.17 36.78
CA ILE B 34 -0.01 -26.53 37.36
C ILE B 34 1.27 -27.27 36.92
N THR B 35 2.31 -26.53 36.55
CA THR B 35 3.47 -27.07 35.85
C THR B 35 4.76 -26.50 36.46
N LEU B 36 5.81 -27.29 36.55
CA LEU B 36 7.11 -26.80 37.09
C LEU B 36 8.33 -27.25 36.27
N THR B 37 9.34 -26.38 36.15
CA THR B 37 10.47 -26.72 35.30
C THR B 37 11.79 -26.06 35.71
N ASP B 38 12.88 -26.75 35.41
CA ASP B 38 14.21 -26.25 35.75
C ASP B 38 14.86 -25.59 34.57
N GLY B 39 14.16 -25.59 33.43
CA GLY B 39 14.71 -25.23 32.10
C GLY B 39 15.07 -26.49 31.28
N HIS B 40 14.92 -27.66 31.90
CA HIS B 40 15.33 -28.91 31.28
C HIS B 40 14.17 -29.91 31.26
N SER B 41 13.53 -30.14 32.43
CA SER B 41 12.50 -31.19 32.55
C SER B 41 11.05 -30.77 32.95
N ALA B 42 10.14 -31.70 32.63
CA ALA B 42 8.68 -31.50 32.48
C ALA B 42 7.82 -32.05 33.61
N TRP B 43 7.34 -31.19 34.52
CA TRP B 43 6.42 -31.62 35.65
C TRP B 43 5.02 -30.95 35.70
N THR B 44 3.96 -31.77 35.79
CA THR B 44 2.57 -31.33 35.54
C THR B 44 1.63 -31.92 36.58
N GLY B 45 0.42 -31.38 36.66
CA GLY B 45 -0.54 -31.74 37.73
C GLY B 45 -1.92 -31.08 37.65
N THR B 46 -2.96 -31.93 37.67
CA THR B 46 -4.37 -31.51 37.49
C THR B 46 -5.30 -31.64 38.74
N VAL B 47 -5.58 -30.50 39.38
CA VAL B 47 -6.33 -30.46 40.65
C VAL B 47 -7.66 -29.66 40.62
N SER B 48 -8.76 -30.33 40.19
CA SER B 48 -10.01 -29.66 39.69
C SER B 48 -11.28 -29.36 40.62
N GLU B 49 -12.45 -29.15 39.95
CA GLU B 49 -13.78 -28.68 40.54
C GLU B 49 -14.63 -29.76 41.24
N SER B 50 -14.34 -30.08 42.53
CA SER B 50 -15.09 -31.19 43.19
C SER B 50 -14.28 -31.62 44.41
N GLU B 51 -12.95 -31.52 44.24
CA GLU B 51 -11.96 -31.74 45.29
C GLU B 51 -11.25 -30.42 45.58
N ILE B 52 -11.41 -29.45 44.69
CA ILE B 52 -11.11 -28.06 44.99
C ILE B 52 -11.89 -27.59 46.20
N SER B 53 -13.22 -27.68 46.14
CA SER B 53 -14.06 -27.16 47.25
C SER B 53 -14.29 -28.17 48.37
N GLN B 54 -13.63 -29.33 48.21
CA GLN B 54 -13.57 -30.40 49.22
C GLN B 54 -12.36 -30.16 50.16
N GLU B 55 -11.47 -29.26 49.73
CA GLU B 55 -10.29 -28.81 50.48
C GLU B 55 -10.70 -27.97 51.68
N ALA B 56 -11.59 -27.01 51.40
CA ALA B 56 -12.12 -26.02 52.36
C ALA B 56 -13.21 -26.62 53.29
N ASP B 57 -13.44 -27.93 53.11
CA ASP B 57 -14.45 -28.72 53.84
C ASP B 57 -13.78 -29.71 54.81
N ASP B 58 -12.80 -30.45 54.31
CA ASP B 58 -11.92 -31.26 55.11
C ASP B 58 -11.00 -30.35 55.93
N MET B 59 -10.97 -29.06 55.61
CA MET B 59 -10.44 -28.06 56.54
C MET B 59 -11.50 -27.14 57.20
N GLU B 60 -12.74 -27.35 56.83
CA GLU B 60 -13.96 -26.61 57.31
C GLU B 60 -14.01 -25.11 57.02
N MET B 61 -13.17 -24.61 56.12
CA MET B 61 -12.79 -23.20 56.11
C MET B 61 -13.41 -22.37 54.97
N GLU B 62 -13.43 -21.05 55.14
CA GLU B 62 -13.50 -20.12 54.01
C GLU B 62 -12.52 -20.72 53.00
N LYS B 63 -13.07 -21.21 51.89
CA LYS B 63 -12.36 -21.27 50.62
C LYS B 63 -11.55 -19.94 50.55
N GLY B 64 -12.03 -18.91 51.24
CA GLY B 64 -11.65 -17.52 51.05
C GLY B 64 -10.18 -17.21 51.19
N LYS B 65 -9.63 -17.46 52.37
CA LYS B 65 -8.20 -17.31 52.60
C LYS B 65 -7.50 -18.67 52.60
N TYR B 66 -8.11 -19.66 51.95
CA TYR B 66 -7.36 -20.78 51.35
C TYR B 66 -7.06 -20.44 49.88
N VAL B 67 -8.09 -20.63 49.05
CA VAL B 67 -8.13 -20.12 47.70
C VAL B 67 -7.22 -18.88 47.61
N GLY B 68 -7.49 -17.85 48.44
CA GLY B 68 -6.77 -16.54 48.39
C GLY B 68 -5.34 -16.57 48.95
N GLU B 69 -5.04 -17.66 49.66
CA GLU B 69 -3.77 -17.86 50.35
C GLU B 69 -2.87 -18.54 49.39
N LEU B 70 -3.50 -19.42 48.59
CA LEU B 70 -2.89 -20.18 47.48
C LEU B 70 -2.46 -19.22 46.41
N ARG B 71 -3.44 -18.55 45.77
CA ARG B 71 -3.20 -17.46 44.78
C ARG B 71 -2.18 -16.36 45.17
N LYS B 72 -2.04 -16.10 46.48
CA LYS B 72 -0.97 -15.24 46.97
C LYS B 72 0.32 -16.07 46.91
N ALA B 73 0.22 -17.25 47.52
CA ALA B 73 1.28 -18.24 47.58
C ALA B 73 1.67 -18.90 46.26
N LEU B 74 0.92 -18.70 45.20
CA LEU B 74 1.21 -19.53 44.03
C LEU B 74 1.45 -18.64 42.82
N LEU B 75 0.50 -17.72 42.61
CA LEU B 75 0.57 -16.82 41.53
C LEU B 75 1.48 -15.65 42.03
N SER B 76 2.49 -16.00 42.86
CA SER B 76 3.44 -15.04 43.50
C SER B 76 2.85 -14.32 44.74
N ASP B 82 9.34 -13.35 53.40
CA ASP B 82 9.60 -13.50 51.97
C ASP B 82 9.13 -14.85 51.47
N VAL B 83 7.88 -15.20 51.76
CA VAL B 83 7.57 -16.11 52.85
C VAL B 83 6.47 -17.08 52.46
N TYR B 84 6.61 -17.70 51.30
CA TYR B 84 6.16 -19.05 51.10
C TYR B 84 7.45 -19.83 50.80
N THR B 85 7.29 -21.12 50.56
CA THR B 85 8.44 -21.99 50.61
C THR B 85 8.13 -23.23 49.80
N PHE B 86 8.95 -23.52 48.80
CA PHE B 86 8.59 -24.61 47.89
C PHE B 86 9.56 -25.84 47.97
N ASN B 87 8.95 -27.02 47.94
CA ASN B 87 9.75 -28.17 48.04
C ASN B 87 9.04 -29.20 47.17
N PHE B 88 9.87 -29.93 46.39
CA PHE B 88 9.40 -30.86 45.39
C PHE B 88 10.41 -31.96 45.36
N SER B 89 9.94 -33.19 45.20
CA SER B 89 10.88 -34.22 44.79
C SER B 89 10.51 -35.03 43.58
N LYS B 90 11.52 -35.09 42.71
CA LYS B 90 11.48 -35.63 41.31
C LYS B 90 11.10 -37.10 41.20
N GLU B 91 11.52 -37.89 42.21
CA GLU B 91 11.26 -39.36 42.44
C GLU B 91 9.80 -39.69 42.88
N SER B 92 9.30 -38.95 43.86
CA SER B 92 7.92 -39.08 44.36
C SER B 92 6.96 -38.22 43.53
N CYS B 93 7.35 -36.96 43.36
CA CYS B 93 6.59 -35.98 42.57
C CYS B 93 5.77 -35.11 43.47
N TYR B 94 5.80 -35.45 44.76
CA TYR B 94 5.23 -34.64 45.80
C TYR B 94 5.79 -33.22 45.77
N PHE B 95 4.87 -32.26 45.66
CA PHE B 95 5.20 -30.86 45.75
C PHE B 95 4.40 -30.19 46.86
N PHE B 96 5.10 -29.67 47.87
CA PHE B 96 4.47 -29.00 48.98
C PHE B 96 5.06 -27.62 49.18
N PHE B 97 4.23 -26.75 49.78
CA PHE B 97 4.56 -25.39 50.20
C PHE B 97 3.88 -25.09 51.54
N GLU B 98 4.54 -24.31 52.37
CA GLU B 98 3.92 -23.96 53.62
C GLU B 98 4.17 -22.49 53.99
N LYS B 99 3.13 -21.85 54.52
CA LYS B 99 3.16 -20.43 54.89
C LYS B 99 4.06 -20.17 56.11
N ASN B 100 5.21 -19.52 55.89
CA ASN B 100 6.18 -19.24 56.97
C ASN B 100 5.89 -17.96 57.78
N LEU B 101 5.55 -18.11 59.06
CA LEU B 101 5.19 -16.95 59.89
C LEU B 101 6.32 -16.49 60.84
N LYS B 102 6.06 -15.41 61.56
CA LYS B 102 6.92 -14.96 62.65
C LYS B 102 6.82 -15.97 63.79
N ASP B 103 7.90 -16.74 63.94
CA ASP B 103 8.15 -17.77 65.01
C ASP B 103 7.20 -19.02 65.20
N VAL B 104 6.13 -19.10 64.41
CA VAL B 104 5.41 -20.36 64.15
C VAL B 104 5.77 -20.78 62.70
N SER B 105 5.12 -21.80 62.17
CA SER B 105 5.21 -22.21 60.73
C SER B 105 4.08 -23.22 60.55
N PHE B 106 3.43 -23.28 59.38
CA PHE B 106 2.37 -24.29 59.18
C PHE B 106 2.11 -24.64 57.75
N ARG B 107 1.20 -25.60 57.54
CA ARG B 107 0.99 -26.23 56.22
C ARG B 107 -0.18 -25.72 55.39
N LEU B 108 0.16 -25.51 54.11
CA LEU B 108 -0.64 -24.78 53.17
C LEU B 108 -1.10 -25.57 51.98
N GLY B 109 -0.23 -26.39 51.39
CA GLY B 109 -0.64 -27.11 50.16
C GLY B 109 0.34 -28.14 49.65
N SER B 110 -0.11 -29.07 48.81
CA SER B 110 0.82 -30.10 48.41
C SER B 110 0.31 -31.05 47.35
N PHE B 111 0.57 -30.72 46.08
CA PHE B 111 0.24 -31.64 44.99
C PHE B 111 1.20 -32.78 44.94
N ASN B 112 0.55 -33.93 44.82
CA ASN B 112 1.15 -35.15 44.37
C ASN B 112 1.08 -35.04 42.81
N LEU B 113 2.05 -34.33 42.24
CA LEU B 113 2.20 -34.16 40.78
C LEU B 113 2.43 -35.50 40.08
N GLU B 114 2.39 -35.47 38.73
CA GLU B 114 2.76 -36.64 37.86
C GLU B 114 3.37 -36.18 36.52
N LYS B 115 4.69 -36.03 36.44
CA LYS B 115 5.33 -35.31 35.32
C LYS B 115 5.06 -35.88 33.92
N VAL B 116 5.54 -35.18 32.87
CA VAL B 116 5.18 -35.49 31.46
C VAL B 116 6.45 -35.67 30.63
N GLU B 117 6.25 -36.00 29.38
CA GLU B 117 7.31 -36.43 28.53
C GLU B 117 8.04 -35.36 27.63
N ASN B 118 7.40 -34.20 27.32
CA ASN B 118 8.13 -33.11 26.60
C ASN B 118 8.50 -31.95 27.44
N PRO B 119 9.79 -31.89 27.80
CA PRO B 119 10.40 -30.76 28.52
C PRO B 119 10.63 -29.58 27.56
N ALA B 120 10.35 -29.80 26.27
CA ALA B 120 10.54 -28.79 25.22
C ALA B 120 9.21 -28.09 24.82
N GLU B 121 8.18 -28.91 24.51
CA GLU B 121 6.80 -28.48 24.24
C GLU B 121 6.22 -27.53 25.29
N VAL B 122 6.81 -27.62 26.49
CA VAL B 122 6.41 -26.91 27.71
C VAL B 122 7.19 -25.63 27.85
N ILE B 123 8.49 -25.68 27.61
CA ILE B 123 9.36 -24.49 27.51
C ILE B 123 9.06 -23.63 26.26
N ARG B 124 8.59 -24.29 25.20
CA ARG B 124 8.11 -23.64 23.98
C ARG B 124 6.92 -22.76 24.32
N GLU B 125 5.84 -23.29 24.95
CA GLU B 125 4.60 -22.53 25.28
C GLU B 125 4.84 -21.39 26.16
N LEU B 126 5.97 -21.39 26.83
CA LEU B 126 6.18 -20.49 27.88
C LEU B 126 7.07 -19.40 27.45
N ILE B 127 8.08 -19.70 26.68
CA ILE B 127 8.79 -18.61 26.05
C ILE B 127 7.86 -17.84 25.11
N CYS B 128 7.02 -18.54 24.38
CA CYS B 128 6.12 -17.93 23.43
C CYS B 128 5.23 -16.93 24.10
N TYR B 129 4.59 -17.41 25.17
CA TYR B 129 3.67 -16.64 25.95
C TYR B 129 4.25 -15.27 26.24
N CYS B 130 5.45 -15.29 26.78
CA CYS B 130 6.12 -14.05 27.09
C CYS B 130 6.20 -13.16 25.87
N LEU B 131 6.81 -13.68 24.79
CA LEU B 131 7.02 -12.95 23.55
C LEU B 131 5.72 -12.42 22.91
N ASP B 132 4.67 -13.24 22.86
CA ASP B 132 3.43 -12.90 22.26
C ASP B 132 2.83 -11.77 23.07
N THR B 133 2.85 -11.95 24.41
CA THR B 133 2.23 -11.01 25.40
C THR B 133 3.05 -9.76 25.44
N THR B 134 4.36 -9.92 25.43
CA THR B 134 5.17 -8.80 25.29
C THR B 134 5.02 -8.07 23.96
N ALA B 135 4.94 -8.73 22.81
CA ALA B 135 4.88 -7.99 21.57
C ALA B 135 3.53 -7.28 21.38
N GLU B 136 2.46 -7.88 21.91
CA GLU B 136 1.14 -7.36 21.89
C GLU B 136 1.09 -6.05 22.65
N ASN B 137 1.74 -5.97 23.82
CA ASN B 137 1.67 -4.79 24.65
C ASN B 137 2.45 -3.69 24.04
N GLN B 138 3.52 -4.06 23.36
CA GLN B 138 4.32 -3.02 22.78
C GLN B 138 3.64 -2.23 21.76
N ALA B 139 2.93 -2.92 20.88
CA ALA B 139 2.04 -2.25 19.87
C ALA B 139 0.95 -1.29 20.46
N LYS B 140 0.18 -1.82 21.42
CA LYS B 140 -0.84 -1.09 22.07
C LYS B 140 -0.21 0.11 22.74
N ASN B 141 0.96 -0.09 23.41
CA ASN B 141 1.63 0.96 24.18
C ASN B 141 2.05 2.06 23.25
N GLU B 142 2.47 1.70 22.06
CA GLU B 142 2.77 2.73 21.09
C GLU B 142 1.59 3.52 20.65
N HIS B 143 0.48 2.88 20.36
CA HIS B 143 -0.70 3.59 19.96
C HIS B 143 -1.22 4.42 21.13
N LEU B 144 -1.29 3.86 22.31
CA LEU B 144 -1.79 4.61 23.43
C LEU B 144 -0.93 5.74 23.60
N GLN B 145 0.36 5.66 23.27
CA GLN B 145 1.21 6.79 23.68
C GLN B 145 1.04 8.00 22.77
N LYS B 146 0.79 7.71 21.51
CA LYS B 146 0.50 8.72 20.55
C LYS B 146 -0.89 9.22 20.65
N GLU B 147 -1.82 8.33 20.99
CA GLU B 147 -3.20 8.81 21.33
C GLU B 147 -3.17 9.85 22.51
N ASN B 148 -2.32 9.60 23.54
CA ASN B 148 -2.45 10.34 24.68
C ASN B 148 -1.83 11.72 24.49
N GLU B 149 -0.71 11.78 23.82
CA GLU B 149 -0.18 13.12 23.31
C GLU B 149 -1.17 13.87 22.44
N ARG B 150 -1.96 13.17 21.64
CA ARG B 150 -2.89 13.92 20.92
C ARG B 150 -4.08 14.50 21.80
N LEU B 151 -4.75 13.66 22.62
CA LEU B 151 -5.67 14.06 23.70
C LEU B 151 -5.15 15.20 24.63
N LEU B 152 -3.92 15.10 25.15
CA LEU B 152 -3.31 16.26 25.83
C LEU B 152 -3.09 17.56 24.98
N ARG B 153 -2.65 17.49 23.74
CA ARG B 153 -2.56 18.61 22.95
C ARG B 153 -3.96 19.22 22.91
N ASP B 154 -5.01 18.49 22.44
CA ASP B 154 -6.28 19.09 22.32
C ASP B 154 -6.82 19.73 23.55
N TRP B 155 -6.50 19.14 24.70
CA TRP B 155 -7.03 19.46 26.00
C TRP B 155 -6.46 20.77 26.35
N ASN B 156 -5.24 20.96 25.90
CA ASN B 156 -4.45 22.11 26.32
C ASN B 156 -4.97 23.24 25.48
N ASP B 157 -5.33 22.98 24.24
CA ASP B 157 -5.88 24.01 23.41
C ASP B 157 -7.22 24.56 23.88
N VAL B 158 -8.12 23.65 24.25
CA VAL B 158 -9.45 24.02 24.81
C VAL B 158 -9.24 24.75 26.07
N GLN B 159 -8.31 24.32 26.86
CA GLN B 159 -8.04 25.07 28.05
C GLN B 159 -7.73 26.58 27.79
N GLY B 160 -6.90 26.88 26.73
CA GLY B 160 -6.40 28.25 26.48
C GLY B 160 -7.55 29.00 25.91
N ARG B 161 -8.40 28.36 25.13
CA ARG B 161 -9.59 29.06 24.55
C ARG B 161 -10.71 29.33 25.51
N PHE B 162 -10.90 28.43 26.48
CA PHE B 162 -11.77 28.63 27.65
C PHE B 162 -11.21 29.74 28.56
N GLU B 163 -9.91 29.77 28.83
CA GLU B 163 -9.34 30.90 29.56
C GLU B 163 -9.69 32.21 28.89
N LYS B 164 -9.51 32.34 27.59
CA LYS B 164 -9.78 33.64 26.93
C LYS B 164 -11.28 33.90 27.03
N CYS B 165 -12.12 32.89 27.01
CA CYS B 165 -13.66 33.14 26.90
C CYS B 165 -14.15 33.64 28.27
N VAL B 166 -13.43 33.22 29.34
CA VAL B 166 -13.76 33.64 30.68
C VAL B 166 -13.31 35.06 30.91
N SER B 167 -12.01 35.38 30.59
CA SER B 167 -11.59 36.80 30.58
C SER B 167 -12.53 37.73 29.76
N ALA B 168 -12.97 37.31 28.59
CA ALA B 168 -13.83 38.10 27.71
C ALA B 168 -15.19 38.39 28.33
N LYS B 169 -15.68 37.36 29.04
CA LYS B 169 -17.03 37.42 29.73
C LYS B 169 -16.89 38.37 30.92
N GLU B 170 -15.76 38.24 31.69
CA GLU B 170 -15.48 39.13 32.84
C GLU B 170 -15.40 40.58 32.47
N ALA B 171 -14.60 40.85 31.42
CA ALA B 171 -14.38 42.23 30.78
C ALA B 171 -15.77 42.72 30.21
N LEU B 172 -16.54 41.84 29.58
CA LEU B 172 -17.83 42.30 28.91
C LEU B 172 -18.74 42.72 29.99
N GLU B 173 -18.86 41.97 31.08
CA GLU B 173 -19.79 42.50 32.13
C GLU B 173 -19.35 43.80 32.75
N THR B 174 -18.14 43.87 33.21
CA THR B 174 -17.57 45.08 33.83
C THR B 174 -17.74 46.33 33.03
N ASP B 175 -17.34 46.30 31.76
CA ASP B 175 -17.51 47.37 30.86
C ASP B 175 -18.98 47.76 30.81
N LEU B 176 -19.83 46.82 30.51
CA LEU B 176 -21.26 47.10 30.45
C LEU B 176 -21.92 47.56 31.84
N TYR B 177 -21.55 47.00 33.01
CA TYR B 177 -22.05 47.55 34.25
C TYR B 177 -21.49 48.94 34.43
N LYS B 178 -20.31 49.19 33.90
CA LYS B 178 -19.63 50.50 34.30
C LYS B 178 -20.52 51.63 33.66
N ARG B 179 -21.07 51.37 32.47
CA ARG B 179 -21.75 52.33 31.64
C ARG B 179 -23.27 52.45 32.02
N PHE B 180 -23.92 51.31 32.33
CA PHE B 180 -25.08 51.27 33.25
C PHE B 180 -25.20 51.99 34.54
N ILE B 181 -24.25 51.83 35.49
CA ILE B 181 -24.27 52.56 36.71
C ILE B 181 -24.18 54.14 36.44
N LEU B 182 -23.43 54.58 35.40
CA LEU B 182 -23.39 56.02 35.07
C LEU B 182 -24.79 56.49 34.60
N VAL B 183 -25.37 55.74 33.69
CA VAL B 183 -26.65 56.15 33.18
C VAL B 183 -27.65 56.04 34.28
N LEU B 184 -27.68 54.91 35.04
CA LEU B 184 -28.73 54.73 36.19
C LEU B 184 -28.63 55.84 37.19
N ASN B 185 -27.39 56.09 37.68
CA ASN B 185 -27.26 57.25 38.46
C ASN B 185 -27.85 58.53 38.00
N GLU B 186 -27.94 58.77 36.70
CA GLU B 186 -28.44 60.04 36.20
C GLU B 186 -29.95 60.13 36.30
N LYS B 187 -30.60 58.97 36.38
CA LYS B 187 -32.05 58.91 36.54
C LYS B 187 -32.45 59.15 37.99
N LYS B 188 -31.56 58.83 38.92
CA LYS B 188 -31.84 58.92 40.34
C LYS B 188 -31.59 60.34 40.85
N THR B 189 -30.46 60.91 40.44
CA THR B 189 -30.20 62.33 40.67
C THR B 189 -31.42 63.20 40.09
N LYS B 190 -31.76 63.01 38.83
CA LYS B 190 -32.94 63.66 38.26
C LYS B 190 -34.12 63.39 39.18
N ILE B 191 -34.40 62.12 39.55
CA ILE B 191 -35.53 61.81 40.46
C ILE B 191 -35.42 62.53 41.76
N ARG B 192 -34.21 62.82 42.20
CA ARG B 192 -34.03 63.57 43.43
C ARG B 192 -34.40 65.05 43.35
N SER B 193 -33.85 65.77 42.39
CA SER B 193 -34.33 67.13 42.10
C SER B 193 -35.76 67.18 42.06
N LEU B 194 -36.42 66.39 41.18
CA LEU B 194 -37.85 66.59 40.95
C LEU B 194 -38.64 66.37 42.23
N HIS B 195 -38.15 65.49 43.10
CA HIS B 195 -38.83 65.06 44.33
C HIS B 195 -38.66 66.24 45.31
N ASN B 196 -37.45 66.65 45.46
CA ASN B 196 -37.23 67.80 46.27
C ASN B 196 -38.03 69.06 45.85
N LYS B 197 -38.13 69.24 44.53
CA LYS B 197 -38.55 70.49 43.89
C LYS B 197 -40.05 70.41 43.98
N LEU B 198 -40.57 69.19 43.90
CA LEU B 198 -41.95 68.92 44.27
C LEU B 198 -42.25 69.41 45.68
N LEU B 199 -41.57 68.83 46.67
CA LEU B 199 -41.89 69.07 48.07
C LEU B 199 -41.90 70.52 48.26
N ASN B 200 -41.06 71.25 47.57
CA ASN B 200 -41.02 72.68 47.65
C ASN B 200 -42.08 73.52 46.95
N ALA B 201 -42.55 73.17 45.77
CA ALA B 201 -43.73 73.79 45.23
C ALA B 201 -44.94 73.13 45.81
N MET C 1 -19.11 -29.33 -4.72
CA MET C 1 -18.66 -29.37 -3.29
C MET C 1 -17.18 -29.06 -3.00
N GLU C 2 -16.91 -27.80 -2.59
CA GLU C 2 -15.57 -27.39 -2.18
C GLU C 2 -15.24 -27.78 -0.71
N ARG C 3 -13.96 -27.80 -0.39
CA ARG C 3 -13.55 -27.88 1.01
C ARG C 3 -12.20 -27.10 1.08
N LYS C 4 -11.67 -26.87 2.28
CA LYS C 4 -10.62 -25.91 2.46
C LYS C 4 -10.09 -26.20 3.80
N ILE C 5 -8.90 -26.78 3.90
CA ILE C 5 -8.18 -26.98 5.17
C ILE C 5 -7.17 -25.81 5.35
N SER C 6 -7.20 -25.20 6.54
CA SER C 6 -6.52 -23.93 6.85
C SER C 6 -5.82 -24.28 8.16
N ARG C 7 -4.55 -24.04 8.37
CA ARG C 7 -4.08 -24.22 9.71
C ARG C 7 -4.15 -22.93 10.57
N ILE C 8 -4.65 -23.05 11.82
CA ILE C 8 -4.71 -22.00 12.85
C ILE C 8 -3.99 -22.27 14.23
N HIS C 9 -4.23 -21.33 15.13
CA HIS C 9 -3.66 -21.30 16.49
C HIS C 9 -4.85 -20.85 17.26
N LEU C 10 -5.08 -21.52 18.38
CA LEU C 10 -6.09 -21.10 19.33
C LEU C 10 -5.49 -20.02 20.22
N VAL C 11 -6.26 -19.05 20.70
CA VAL C 11 -5.70 -18.23 21.80
C VAL C 11 -5.22 -19.13 22.98
N SER C 12 -6.09 -20.10 23.44
CA SER C 12 -5.74 -21.06 24.50
C SER C 12 -4.41 -21.78 24.40
N GLU C 13 -3.82 -21.84 23.19
CA GLU C 13 -2.70 -22.75 22.80
C GLU C 13 -1.71 -22.17 21.76
N PRO C 14 -1.03 -21.07 22.19
CA PRO C 14 -0.01 -20.26 21.50
C PRO C 14 0.93 -21.00 20.55
N SER C 15 1.55 -22.07 21.02
CA SER C 15 2.59 -22.76 20.24
C SER C 15 2.03 -23.97 19.33
N ILE C 16 1.06 -24.73 19.89
CA ILE C 16 0.33 -25.81 19.21
C ILE C 16 -0.61 -25.46 18.03
N THR C 17 -0.20 -25.88 16.84
CA THR C 17 -1.01 -25.91 15.60
C THR C 17 -2.29 -26.79 15.60
N HIS C 18 -3.34 -26.35 14.89
CA HIS C 18 -4.64 -26.92 14.97
C HIS C 18 -5.11 -26.75 13.54
N PHE C 19 -6.17 -27.44 13.13
CA PHE C 19 -6.56 -27.43 11.72
C PHE C 19 -8.00 -27.24 11.62
N LEU C 20 -8.37 -26.26 10.83
CA LEU C 20 -9.73 -25.99 10.58
C LEU C 20 -10.08 -26.56 9.24
N GLN C 21 -11.13 -27.33 9.08
CA GLN C 21 -11.51 -27.75 7.77
C GLN C 21 -12.90 -27.24 7.54
N VAL C 22 -13.11 -26.44 6.53
CA VAL C 22 -14.46 -26.06 6.19
C VAL C 22 -14.64 -26.84 4.91
N SER C 23 -15.86 -26.75 4.35
CA SER C 23 -16.52 -27.70 3.42
C SER C 23 -17.90 -27.08 3.14
N TRP C 24 -18.34 -27.08 1.91
CA TRP C 24 -19.60 -26.46 1.61
C TRP C 24 -20.03 -26.86 0.18
N GLU C 25 -20.84 -25.98 -0.42
CA GLU C 25 -21.36 -26.13 -1.75
C GLU C 25 -21.85 -24.79 -2.34
N LYS C 26 -21.36 -24.44 -3.52
CA LYS C 26 -20.53 -23.23 -3.69
C LYS C 26 -21.32 -21.91 -3.72
N THR C 27 -21.87 -21.52 -2.58
CA THR C 27 -21.33 -20.44 -1.75
C THR C 27 -21.00 -20.98 -0.31
N LEU C 28 -20.35 -20.10 0.47
CA LEU C 28 -20.10 -20.28 1.92
C LEU C 28 -21.39 -19.86 2.60
N GLU C 29 -22.03 -18.87 1.97
CA GLU C 29 -23.26 -18.27 2.36
C GLU C 29 -24.42 -19.27 2.47
N SER C 30 -24.33 -20.40 1.77
CA SER C 30 -25.39 -21.41 1.78
C SER C 30 -25.29 -22.31 3.05
N GLY C 31 -24.31 -22.07 3.93
CA GLY C 31 -24.07 -22.89 5.15
C GLY C 31 -22.80 -23.66 4.94
N PHE C 32 -22.24 -24.31 5.97
CA PHE C 32 -20.98 -25.10 5.80
C PHE C 32 -20.74 -25.98 6.94
N VAL C 33 -19.80 -26.89 6.81
CA VAL C 33 -19.50 -27.85 7.92
C VAL C 33 -18.10 -27.52 8.32
N ILE C 34 -17.69 -27.99 9.48
CA ILE C 34 -16.58 -27.32 10.03
C ILE C 34 -15.77 -28.04 11.14
N THR C 35 -14.93 -28.98 10.75
CA THR C 35 -14.18 -29.80 11.69
C THR C 35 -12.95 -29.06 12.24
N LEU C 36 -12.68 -29.10 13.53
CA LEU C 36 -11.34 -28.73 14.02
C LEU C 36 -10.62 -30.00 14.40
N THR C 37 -9.33 -29.97 14.68
CA THR C 37 -8.62 -31.15 15.17
C THR C 37 -7.21 -30.77 15.62
N ASP C 38 -6.57 -31.57 16.43
CA ASP C 38 -5.18 -31.23 16.78
C ASP C 38 -4.12 -32.34 16.50
N GLY C 39 -4.55 -33.45 15.86
CA GLY C 39 -3.67 -34.64 15.61
C GLY C 39 -3.76 -35.77 16.63
N HIS C 40 -4.92 -35.79 17.30
CA HIS C 40 -5.16 -36.53 18.52
C HIS C 40 -6.68 -36.61 18.73
N SER C 41 -7.37 -35.48 18.57
CA SER C 41 -8.88 -35.44 18.78
C SER C 41 -9.54 -34.69 17.57
N ALA C 42 -10.86 -34.40 17.61
CA ALA C 42 -11.57 -33.86 16.40
C ALA C 42 -13.01 -33.45 16.60
N TRP C 43 -13.33 -32.16 16.45
CA TRP C 43 -14.70 -31.64 16.76
C TRP C 43 -15.42 -31.16 15.54
N THR C 44 -16.74 -31.25 15.48
CA THR C 44 -17.43 -30.84 14.25
C THR C 44 -18.60 -29.91 14.45
N GLY C 45 -19.52 -29.82 13.48
CA GLY C 45 -20.62 -28.84 13.54
C GLY C 45 -20.92 -28.15 12.24
N THR C 46 -22.08 -27.50 12.17
CA THR C 46 -22.63 -27.01 10.90
C THR C 46 -23.23 -25.63 11.09
N VAL C 47 -23.12 -24.77 10.08
CA VAL C 47 -23.63 -23.42 10.15
C VAL C 47 -24.59 -23.35 8.97
N SER C 48 -25.54 -22.43 8.95
CA SER C 48 -26.66 -22.53 8.01
C SER C 48 -26.88 -21.25 7.34
N GLU C 49 -27.55 -21.26 6.21
CA GLU C 49 -27.74 -20.03 5.40
C GLU C 49 -28.13 -18.80 6.17
N SER C 50 -28.94 -19.02 7.16
CA SER C 50 -29.70 -17.97 7.81
C SER C 50 -29.09 -17.47 9.21
N GLU C 51 -28.46 -18.42 9.94
CA GLU C 51 -27.64 -18.18 11.05
C GLU C 51 -26.58 -17.19 10.61
N ILE C 52 -25.92 -17.42 9.48
CA ILE C 52 -25.03 -16.40 8.85
C ILE C 52 -25.71 -15.03 8.66
N SER C 53 -26.93 -15.00 8.17
CA SER C 53 -27.61 -13.72 7.83
C SER C 53 -27.94 -12.85 9.02
N GLN C 54 -28.07 -13.57 10.14
CA GLN C 54 -28.58 -13.19 11.43
C GLN C 54 -27.41 -12.54 12.20
N GLU C 55 -26.35 -13.33 12.48
CA GLU C 55 -24.98 -12.92 12.68
C GLU C 55 -24.56 -11.64 11.97
N ALA C 56 -24.72 -11.52 10.67
CA ALA C 56 -24.46 -10.24 9.98
C ALA C 56 -25.34 -9.11 10.46
N ASP C 57 -26.61 -9.43 10.63
CA ASP C 57 -27.63 -8.52 11.17
C ASP C 57 -27.25 -7.94 12.53
N ASP C 58 -26.77 -8.85 13.39
CA ASP C 58 -26.30 -8.56 14.72
C ASP C 58 -25.10 -7.66 14.62
N MET C 59 -24.39 -7.67 13.48
CA MET C 59 -23.31 -6.72 13.33
C MET C 59 -23.71 -5.43 12.63
N GLU C 60 -24.96 -5.29 12.32
CA GLU C 60 -25.31 -4.19 11.42
C GLU C 60 -24.40 -4.01 10.17
N MET C 61 -24.05 -5.10 9.54
CA MET C 61 -23.09 -5.02 8.44
C MET C 61 -23.79 -5.64 7.22
N GLU C 62 -23.72 -4.87 6.13
CA GLU C 62 -24.05 -5.39 4.78
C GLU C 62 -23.55 -6.88 4.54
N LYS C 63 -24.47 -7.79 4.10
CA LYS C 63 -24.12 -9.24 3.75
C LYS C 63 -23.12 -9.19 2.61
N GLY C 64 -22.50 -10.15 2.07
CA GLY C 64 -21.52 -9.67 1.05
C GLY C 64 -20.31 -9.30 1.86
N LYS C 65 -20.17 -8.00 2.19
CA LYS C 65 -19.21 -7.53 3.22
C LYS C 65 -18.97 -8.60 4.33
N TYR C 66 -20.03 -9.11 4.92
CA TYR C 66 -19.88 -10.03 6.00
C TYR C 66 -19.32 -11.42 5.57
N VAL C 67 -19.91 -11.94 4.49
CA VAL C 67 -19.39 -13.18 3.84
C VAL C 67 -17.90 -12.96 3.40
N GLY C 68 -17.64 -11.77 2.84
CA GLY C 68 -16.27 -11.28 2.61
C GLY C 68 -15.43 -11.66 3.77
N GLU C 69 -15.79 -11.12 4.94
CA GLU C 69 -15.11 -11.41 6.24
C GLU C 69 -15.03 -12.87 6.64
N LEU C 70 -16.16 -13.56 6.47
CA LEU C 70 -16.15 -15.01 6.65
C LEU C 70 -15.15 -15.86 5.81
N ARG C 71 -15.06 -15.54 4.52
CA ARG C 71 -14.08 -16.25 3.67
C ARG C 71 -12.68 -15.98 4.16
N LYS C 72 -12.36 -14.69 4.34
CA LYS C 72 -11.06 -14.36 4.84
C LYS C 72 -10.68 -15.02 6.13
N ALA C 73 -11.59 -14.96 7.11
CA ALA C 73 -11.37 -15.58 8.39
C ALA C 73 -11.26 -17.11 8.26
N LEU C 74 -12.26 -17.72 7.62
CA LEU C 74 -12.34 -19.20 7.63
C LEU C 74 -11.54 -20.05 6.55
N LEU C 75 -11.05 -19.33 5.54
CA LEU C 75 -10.54 -19.99 4.33
C LEU C 75 -9.09 -19.53 3.97
N SER C 76 -8.40 -18.97 4.96
CA SER C 76 -7.08 -18.33 4.77
C SER C 76 -7.07 -17.31 3.58
N GLY C 77 -8.10 -16.47 3.52
CA GLY C 77 -8.18 -15.37 2.54
C GLY C 77 -7.55 -14.05 3.05
N ALA C 78 -6.85 -14.08 4.19
CA ALA C 78 -6.49 -12.86 4.94
C ALA C 78 -5.45 -11.98 4.20
N GLY C 79 -5.73 -10.69 3.99
CA GLY C 79 -4.68 -9.78 3.54
C GLY C 79 -3.50 -9.56 4.53
N PRO C 80 -2.51 -8.70 4.15
CA PRO C 80 -1.37 -8.36 5.05
C PRO C 80 -1.92 -7.74 6.36
N ALA C 81 -2.82 -6.76 6.16
CA ALA C 81 -3.49 -6.04 7.20
C ALA C 81 -4.04 -7.05 8.16
N ASP C 82 -5.09 -7.75 7.72
CA ASP C 82 -5.99 -8.60 8.53
C ASP C 82 -5.44 -9.50 9.63
N VAL C 83 -5.88 -9.27 10.87
CA VAL C 83 -5.48 -10.13 11.97
C VAL C 83 -6.72 -10.77 12.56
N TYR C 84 -6.76 -12.11 12.53
CA TYR C 84 -7.92 -12.89 12.96
C TYR C 84 -7.60 -13.75 14.15
N THR C 85 -8.56 -13.98 15.00
CA THR C 85 -8.25 -14.61 16.25
C THR C 85 -9.20 -15.81 16.47
N PHE C 86 -8.67 -16.95 16.96
CA PHE C 86 -9.51 -18.11 17.08
C PHE C 86 -9.56 -18.70 18.46
N ASN C 87 -10.79 -18.92 18.96
CA ASN C 87 -10.96 -19.36 20.32
C ASN C 87 -11.87 -20.57 20.52
N PHE C 88 -11.40 -21.47 21.38
CA PHE C 88 -12.13 -22.70 21.60
C PHE C 88 -11.93 -23.25 23.00
N SER C 89 -13.04 -23.67 23.62
CA SER C 89 -12.99 -24.46 24.87
C SER C 89 -13.44 -25.83 24.44
N LYS C 90 -12.54 -26.80 24.60
CA LYS C 90 -12.90 -28.20 24.41
C LYS C 90 -13.72 -28.69 25.61
N GLU C 91 -13.95 -27.80 26.56
CA GLU C 91 -14.71 -28.12 27.73
C GLU C 91 -16.14 -27.75 27.38
N SER C 92 -16.29 -26.54 26.86
CA SER C 92 -17.62 -26.08 26.54
C SER C 92 -17.99 -26.41 25.11
N CYS C 93 -16.99 -26.95 24.42
CA CYS C 93 -16.87 -26.89 22.99
C CYS C 93 -17.65 -25.73 22.39
N TYR C 94 -17.16 -24.53 22.63
CA TYR C 94 -17.62 -23.32 21.93
C TYR C 94 -16.51 -22.72 21.09
N PHE C 95 -16.78 -22.50 19.79
CA PHE C 95 -15.79 -21.87 18.90
C PHE C 95 -16.25 -20.46 18.57
N PHE C 96 -15.33 -19.52 18.79
CA PHE C 96 -15.62 -18.19 18.25
C PHE C 96 -14.32 -17.64 17.68
N PHE C 97 -14.55 -16.79 16.69
CA PHE C 97 -13.44 -16.15 15.97
C PHE C 97 -13.71 -14.67 15.74
N GLU C 98 -12.62 -13.93 15.79
CA GLU C 98 -12.72 -12.51 15.73
C GLU C 98 -11.67 -11.90 14.89
N LYS C 99 -11.90 -10.64 14.61
CA LYS C 99 -10.96 -9.80 13.91
C LYS C 99 -10.39 -8.74 14.86
N ASN C 100 -9.13 -8.40 14.67
CA ASN C 100 -8.46 -7.36 15.53
C ASN C 100 -8.03 -6.09 14.69
N LEU C 101 -8.68 -4.98 15.03
CA LEU C 101 -8.46 -3.67 14.45
C LEU C 101 -8.33 -2.66 15.58
N LYS C 102 -7.57 -1.60 15.35
CA LYS C 102 -7.52 -0.48 16.28
C LYS C 102 -7.46 -0.96 17.71
N ASP C 103 -6.87 -2.12 17.93
CA ASP C 103 -6.73 -2.65 19.27
C ASP C 103 -8.06 -2.93 19.93
N VAL C 104 -9.15 -2.93 19.16
CA VAL C 104 -10.31 -3.73 19.57
C VAL C 104 -10.38 -5.09 18.84
N SER C 105 -11.03 -5.98 19.54
CA SER C 105 -11.27 -7.22 18.98
C SER C 105 -12.76 -7.32 18.71
N PHE C 106 -13.07 -7.75 17.49
CA PHE C 106 -14.45 -7.77 17.05
C PHE C 106 -14.73 -9.16 16.61
N ARG C 107 -15.69 -9.73 17.33
CA ARG C 107 -16.13 -11.06 17.22
C ARG C 107 -16.82 -11.15 15.86
N LEU C 108 -16.48 -12.20 15.09
CA LEU C 108 -17.00 -12.26 13.77
C LEU C 108 -18.09 -13.31 13.63
N GLY C 109 -18.02 -14.37 14.45
CA GLY C 109 -18.98 -15.44 14.51
C GLY C 109 -18.62 -16.54 15.50
N SER C 110 -19.58 -17.41 15.76
CA SER C 110 -19.39 -18.51 16.77
C SER C 110 -19.86 -19.86 16.27
N PHE C 111 -19.36 -20.91 16.93
CA PHE C 111 -19.83 -22.28 16.68
C PHE C 111 -19.97 -23.10 17.93
N ASN C 112 -21.02 -23.91 17.81
CA ASN C 112 -21.26 -25.21 18.50
C ASN C 112 -20.63 -26.39 17.75
N LEU C 113 -19.56 -26.90 18.35
CA LEU C 113 -18.86 -28.12 17.95
C LEU C 113 -19.33 -29.27 18.84
N GLU C 114 -19.42 -30.44 18.22
CA GLU C 114 -19.77 -31.71 18.90
C GLU C 114 -18.61 -32.65 18.74
N LYS C 115 -17.91 -32.95 19.84
CA LYS C 115 -16.71 -33.80 19.79
C LYS C 115 -17.06 -35.03 19.05
N VAL C 116 -16.08 -35.49 18.30
CA VAL C 116 -16.35 -36.52 17.34
C VAL C 116 -15.87 -37.89 17.84
N GLU C 117 -16.71 -38.88 17.49
CA GLU C 117 -16.62 -40.23 17.99
C GLU C 117 -15.48 -41.07 17.37
N ASN C 118 -15.35 -41.02 16.03
CA ASN C 118 -14.23 -41.63 15.26
C ASN C 118 -13.09 -40.60 14.96
N PRO C 119 -12.06 -40.47 15.85
CA PRO C 119 -11.07 -39.35 15.65
C PRO C 119 -9.91 -39.69 14.65
N ALA C 120 -9.23 -40.84 14.82
CA ALA C 120 -8.08 -41.20 13.98
C ALA C 120 -8.45 -41.36 12.50
N GLU C 121 -9.77 -41.36 12.22
CA GLU C 121 -10.42 -41.75 10.93
C GLU C 121 -10.77 -40.66 9.89
N VAL C 122 -11.50 -39.67 10.37
CA VAL C 122 -11.62 -38.36 9.74
C VAL C 122 -10.28 -37.58 9.57
N ILE C 123 -9.38 -37.74 10.58
CA ILE C 123 -7.94 -37.45 10.40
C ILE C 123 -7.29 -38.11 9.10
N ARG C 124 -7.62 -39.38 8.91
CA ARG C 124 -7.18 -40.17 7.78
C ARG C 124 -7.72 -39.64 6.45
N GLU C 125 -9.01 -39.34 6.44
CA GLU C 125 -9.66 -38.93 5.26
C GLU C 125 -9.05 -37.55 4.92
N LEU C 126 -9.05 -36.67 5.94
CA LEU C 126 -8.49 -35.34 5.85
C LEU C 126 -7.16 -35.43 5.18
N ILE C 127 -6.23 -36.19 5.75
CA ILE C 127 -4.85 -36.19 5.29
C ILE C 127 -4.53 -37.34 4.32
N CYS C 128 -5.54 -37.80 3.60
CA CYS C 128 -5.33 -38.35 2.28
C CYS C 128 -5.66 -37.29 1.24
N TYR C 129 -6.65 -36.45 1.55
CA TYR C 129 -7.02 -35.35 0.71
C TYR C 129 -5.85 -34.38 0.55
N CYS C 130 -5.04 -34.29 1.59
CA CYS C 130 -3.92 -33.38 1.56
C CYS C 130 -2.81 -33.84 0.63
N LEU C 131 -2.41 -35.10 0.85
CA LEU C 131 -1.56 -35.90 -0.06
C LEU C 131 -1.99 -35.79 -1.50
N ASP C 132 -3.31 -35.77 -1.75
CA ASP C 132 -3.88 -35.70 -3.09
C ASP C 132 -3.68 -34.34 -3.69
N THR C 133 -4.06 -33.36 -2.86
CA THR C 133 -3.87 -31.96 -3.12
C THR C 133 -2.40 -31.66 -3.39
N THR C 134 -1.52 -31.97 -2.43
CA THR C 134 -0.10 -31.62 -2.58
C THR C 134 0.53 -32.29 -3.84
N ALA C 135 0.07 -33.50 -4.12
CA ALA C 135 0.55 -34.22 -5.32
C ALA C 135 0.11 -33.50 -6.64
N GLU C 136 -1.15 -33.11 -6.74
CA GLU C 136 -1.68 -32.34 -7.83
C GLU C 136 -0.97 -31.02 -8.14
N ASN C 137 -0.67 -30.24 -7.12
CA ASN C 137 -0.11 -28.94 -7.23
C ASN C 137 1.36 -29.03 -7.44
N GLN C 138 1.93 -30.14 -6.98
CA GLN C 138 3.30 -30.43 -7.24
C GLN C 138 3.50 -30.83 -8.68
N ALA C 139 2.58 -31.62 -9.24
CA ALA C 139 2.76 -32.06 -10.60
C ALA C 139 2.47 -30.90 -11.55
N LYS C 140 1.50 -30.05 -11.18
CA LYS C 140 1.10 -28.96 -12.02
C LYS C 140 2.23 -27.90 -12.09
N ASN C 141 2.98 -27.81 -11.04
CA ASN C 141 4.13 -26.97 -10.94
C ASN C 141 5.26 -27.43 -11.73
N GLU C 142 5.47 -28.76 -11.80
CA GLU C 142 6.60 -29.31 -12.55
C GLU C 142 6.33 -29.02 -14.04
N HIS C 143 5.08 -29.14 -14.44
CA HIS C 143 4.70 -28.90 -15.76
C HIS C 143 4.82 -27.40 -16.15
N LEU C 144 4.22 -26.50 -15.36
CA LEU C 144 4.38 -25.03 -15.56
C LEU C 144 5.81 -24.48 -15.66
N GLN C 145 6.71 -25.07 -14.89
CA GLN C 145 8.07 -24.64 -14.79
C GLN C 145 8.70 -25.04 -16.10
N LYS C 146 8.46 -26.27 -16.53
CA LYS C 146 8.92 -26.74 -17.84
C LYS C 146 8.42 -25.89 -19.04
N GLU C 147 7.15 -25.43 -19.02
CA GLU C 147 6.60 -24.50 -20.01
C GLU C 147 7.24 -23.17 -19.90
N ASN C 148 7.41 -22.66 -18.72
CA ASN C 148 8.10 -21.43 -18.55
C ASN C 148 9.46 -21.55 -19.26
N GLU C 149 10.24 -22.63 -19.00
CA GLU C 149 11.55 -22.87 -19.66
C GLU C 149 11.56 -22.97 -21.19
N ARG C 150 10.56 -23.69 -21.72
CA ARG C 150 10.36 -23.77 -23.15
C ARG C 150 10.22 -22.46 -23.67
N LEU C 151 9.34 -21.74 -23.06
CA LEU C 151 8.88 -20.51 -23.57
C LEU C 151 9.97 -19.48 -23.49
N LEU C 152 10.63 -19.44 -22.40
CA LEU C 152 11.65 -18.43 -22.24
C LEU C 152 12.80 -18.77 -23.19
N ARG C 153 13.06 -20.01 -23.50
CA ARG C 153 14.13 -20.21 -24.42
C ARG C 153 13.74 -19.81 -25.80
N ASP C 154 12.56 -20.20 -26.22
CA ASP C 154 12.11 -19.87 -27.52
C ASP C 154 11.87 -18.35 -27.73
N TRP C 155 11.42 -17.63 -26.68
CA TRP C 155 11.28 -16.24 -26.83
C TRP C 155 12.71 -15.65 -27.15
N ASN C 156 13.74 -16.05 -26.39
CA ASN C 156 15.05 -15.43 -26.56
C ASN C 156 15.66 -15.63 -27.96
N ASP C 157 15.34 -16.78 -28.49
CA ASP C 157 15.76 -17.27 -29.68
C ASP C 157 15.22 -16.54 -30.91
N VAL C 158 13.88 -16.49 -31.09
CA VAL C 158 13.25 -15.58 -32.11
C VAL C 158 13.56 -14.09 -31.93
N GLN C 159 13.60 -13.60 -30.72
CA GLN C 159 14.03 -12.24 -30.55
C GLN C 159 15.33 -11.93 -31.32
N GLY C 160 16.40 -12.71 -31.13
CA GLY C 160 17.70 -12.45 -31.65
C GLY C 160 17.73 -12.75 -33.10
N ARG C 161 17.11 -13.86 -33.57
CA ARG C 161 17.09 -14.19 -34.97
C ARG C 161 16.33 -13.16 -35.74
N PHE C 162 15.25 -12.68 -35.16
CA PHE C 162 14.41 -11.73 -35.81
C PHE C 162 15.12 -10.40 -36.09
N GLU C 163 15.80 -9.87 -35.05
CA GLU C 163 16.54 -8.63 -35.18
C GLU C 163 17.76 -8.77 -36.09
N LYS C 164 18.43 -9.94 -36.08
CA LYS C 164 19.48 -10.17 -37.04
C LYS C 164 18.97 -10.19 -38.47
N CYS C 165 17.79 -10.77 -38.67
CA CYS C 165 17.06 -10.66 -39.91
C CYS C 165 16.56 -9.28 -40.32
N VAL C 166 16.07 -8.47 -39.38
CA VAL C 166 15.64 -7.08 -39.72
C VAL C 166 16.81 -6.27 -40.27
N SER C 167 18.00 -6.35 -39.63
CA SER C 167 19.20 -5.70 -40.15
C SER C 167 19.61 -6.12 -41.51
N ALA C 168 19.66 -7.43 -41.76
CA ALA C 168 20.07 -7.93 -42.99
C ALA C 168 19.14 -7.46 -44.00
N LYS C 169 17.85 -7.48 -43.71
CA LYS C 169 16.79 -6.97 -44.69
C LYS C 169 16.98 -5.45 -45.05
N GLU C 170 17.45 -4.67 -44.07
CA GLU C 170 17.41 -3.27 -44.23
C GLU C 170 18.60 -2.92 -45.05
N ALA C 171 19.66 -3.78 -45.04
CA ALA C 171 20.93 -3.53 -45.87
C ALA C 171 20.83 -4.06 -47.29
N LEU C 172 19.79 -4.80 -47.59
CA LEU C 172 19.67 -5.70 -48.80
C LEU C 172 19.49 -5.00 -50.10
N GLU C 173 18.51 -4.11 -50.15
CA GLU C 173 18.35 -3.30 -51.35
C GLU C 173 19.69 -2.68 -51.86
N THR C 174 20.45 -2.02 -51.01
CA THR C 174 21.74 -1.42 -51.61
C THR C 174 22.85 -2.37 -51.97
N ASP C 175 22.91 -3.45 -51.25
CA ASP C 175 23.64 -4.63 -51.67
C ASP C 175 23.40 -5.13 -53.02
N LEU C 176 22.13 -5.37 -53.37
CA LEU C 176 21.77 -5.73 -54.71
C LEU C 176 22.11 -4.70 -55.76
N TYR C 177 21.68 -3.50 -55.50
CA TYR C 177 22.25 -2.33 -56.26
C TYR C 177 23.67 -2.33 -56.56
N LYS C 178 24.48 -2.55 -55.52
CA LYS C 178 25.91 -2.59 -55.75
C LYS C 178 26.34 -3.72 -56.63
N ARG C 179 25.82 -4.90 -56.47
CA ARG C 179 26.13 -6.06 -57.26
C ARG C 179 25.78 -5.77 -58.67
N PHE C 180 24.58 -5.20 -58.90
CA PHE C 180 24.03 -4.91 -60.23
C PHE C 180 24.84 -3.89 -60.98
N ILE C 181 25.35 -2.87 -60.30
CA ILE C 181 26.15 -1.76 -60.97
C ILE C 181 27.51 -2.27 -61.43
N LEU C 182 28.11 -3.13 -60.63
CA LEU C 182 29.36 -3.71 -61.14
C LEU C 182 29.10 -4.55 -62.32
N VAL C 183 28.03 -5.36 -62.30
CA VAL C 183 27.80 -6.24 -63.45
C VAL C 183 27.53 -5.44 -64.74
N LEU C 184 26.66 -4.44 -64.60
CA LEU C 184 26.31 -3.51 -65.68
C LEU C 184 27.40 -2.68 -66.17
N ASN C 185 28.17 -2.04 -65.29
CA ASN C 185 29.44 -1.38 -65.83
C ASN C 185 30.51 -2.28 -66.40
N GLU C 186 30.56 -3.55 -66.03
CA GLU C 186 31.45 -4.45 -66.88
C GLU C 186 30.88 -4.70 -68.25
N LYS C 187 29.56 -4.83 -68.40
CA LYS C 187 29.05 -4.82 -69.73
C LYS C 187 29.33 -3.58 -70.54
N LYS C 188 29.30 -2.40 -69.90
CA LYS C 188 29.55 -1.15 -70.58
C LYS C 188 31.01 -1.03 -70.97
N THR C 189 31.93 -1.60 -70.20
CA THR C 189 33.37 -1.76 -70.75
C THR C 189 33.54 -2.52 -72.13
N LYS C 190 32.90 -3.68 -72.16
CA LYS C 190 32.69 -4.42 -73.40
C LYS C 190 32.14 -3.51 -74.49
N ILE C 191 31.00 -2.89 -74.24
CA ILE C 191 30.34 -1.94 -75.30
C ILE C 191 31.30 -0.85 -75.81
N ARG C 192 32.00 -0.25 -74.88
CA ARG C 192 32.97 0.80 -75.26
C ARG C 192 34.07 0.33 -76.11
N SER C 193 34.48 -0.93 -75.86
CA SER C 193 35.63 -1.52 -76.65
C SER C 193 35.19 -1.89 -78.01
N LEU C 194 34.13 -2.71 -78.08
CA LEU C 194 33.52 -3.01 -79.37
C LEU C 194 33.20 -1.80 -80.21
N HIS C 195 32.64 -0.74 -79.63
CA HIS C 195 32.39 0.49 -80.34
C HIS C 195 33.60 1.17 -80.91
N ASN C 196 34.56 1.37 -80.10
CA ASN C 196 35.74 2.01 -80.54
C ASN C 196 36.46 1.25 -81.57
N LYS C 197 36.44 -0.08 -81.48
CA LYS C 197 36.96 -0.91 -82.70
C LYS C 197 36.15 -0.72 -83.90
N LEU C 198 34.87 -0.57 -83.80
CA LEU C 198 34.00 -0.42 -84.98
C LEU C 198 34.39 0.89 -85.69
N LEU C 199 34.72 1.87 -84.86
CA LEU C 199 34.96 3.23 -85.34
C LEU C 199 36.32 3.34 -86.03
N ASN C 200 37.34 2.73 -85.46
CA ASN C 200 38.62 2.55 -86.16
C ASN C 200 38.37 1.54 -87.25
N ALA C 201 39.25 0.87 -87.95
CA ALA C 201 38.50 0.14 -89.10
C ALA C 201 37.90 1.15 -90.17
N MET D 1 17.67 -31.06 4.47
CA MET D 1 16.89 -32.20 4.91
C MET D 1 15.72 -32.47 3.95
N GLU D 2 15.82 -33.56 3.20
CA GLU D 2 14.69 -34.05 2.39
C GLU D 2 13.66 -34.92 3.20
N ARG D 3 12.57 -35.34 2.55
CA ARG D 3 11.50 -36.12 3.19
C ARG D 3 10.51 -36.55 2.13
N LYS D 4 9.66 -37.53 2.41
CA LYS D 4 8.63 -38.01 1.49
C LYS D 4 7.50 -38.81 2.17
N ILE D 5 6.27 -38.54 1.83
CA ILE D 5 5.15 -39.13 2.55
C ILE D 5 4.32 -40.04 1.63
N SER D 6 3.76 -41.10 2.20
CA SER D 6 2.99 -42.06 1.42
C SER D 6 2.08 -43.03 2.16
N ARG D 7 0.93 -43.17 1.54
CA ARG D 7 -0.17 -43.94 2.02
C ARG D 7 0.13 -45.41 1.75
N ILE D 8 -0.21 -46.26 2.74
CA ILE D 8 0.01 -47.77 2.71
C ILE D 8 -1.11 -48.65 3.35
N HIS D 9 -1.01 -49.95 3.12
CA HIS D 9 -1.77 -50.94 3.87
C HIS D 9 -0.84 -51.87 4.64
N LEU D 10 -1.40 -52.60 5.60
CA LEU D 10 -0.77 -53.82 6.10
C LEU D 10 -1.65 -55.02 5.70
N VAL D 11 -1.09 -56.22 5.68
CA VAL D 11 -1.93 -57.42 5.51
C VAL D 11 -2.59 -57.72 6.85
N SER D 12 -1.93 -57.30 7.91
CA SER D 12 -2.45 -57.30 9.28
C SER D 12 -3.83 -56.63 9.40
N GLU D 13 -4.03 -55.53 8.66
CA GLU D 13 -5.33 -54.84 8.59
C GLU D 13 -5.63 -54.44 7.14
N PRO D 14 -6.29 -55.36 6.39
CA PRO D 14 -6.47 -55.20 4.92
C PRO D 14 -7.39 -54.03 4.51
N SER D 15 -8.38 -53.74 5.36
CA SER D 15 -9.53 -52.88 5.04
C SER D 15 -9.39 -51.35 5.32
N ILE D 16 -8.19 -50.88 5.69
CA ILE D 16 -8.00 -49.47 6.04
C ILE D 16 -6.74 -48.77 5.46
N THR D 17 -6.59 -47.48 5.73
CA THR D 17 -5.39 -46.69 5.32
C THR D 17 -4.45 -46.17 6.43
N HIS D 18 -3.16 -46.43 6.20
CA HIS D 18 -2.08 -45.96 7.07
C HIS D 18 -1.18 -45.04 6.28
N PHE D 19 -0.13 -44.61 6.97
CA PHE D 19 0.76 -43.56 6.45
C PHE D 19 2.21 -43.88 6.84
N LEU D 20 3.02 -44.13 5.83
CA LEU D 20 4.46 -44.17 6.10
C LEU D 20 4.99 -42.81 5.74
N GLN D 21 6.16 -42.47 6.25
CA GLN D 21 6.72 -41.15 6.02
C GLN D 21 8.21 -41.27 6.11
N VAL D 22 8.90 -41.09 5.02
CA VAL D 22 10.32 -41.36 5.08
C VAL D 22 11.11 -40.07 5.03
N SER D 23 11.92 -39.79 6.05
CA SER D 23 12.73 -38.55 6.07
C SER D 23 14.25 -38.84 6.06
N TRP D 24 15.00 -38.02 5.33
CA TRP D 24 16.48 -38.13 5.28
C TRP D 24 17.29 -36.83 5.11
N GLU D 25 18.60 -36.99 5.23
CA GLU D 25 19.46 -35.84 5.21
C GLU D 25 20.46 -35.83 4.03
N LYS D 26 20.16 -34.98 3.05
CA LYS D 26 20.97 -34.85 1.85
C LYS D 26 21.27 -36.02 0.91
N THR D 27 21.04 -37.24 1.41
CA THR D 27 20.79 -38.49 0.66
C THR D 27 20.25 -39.59 1.55
N LEU D 28 19.55 -40.53 0.92
CA LEU D 28 19.03 -41.70 1.60
C LEU D 28 20.19 -42.50 2.16
N GLU D 29 21.39 -42.16 1.67
CA GLU D 29 22.63 -42.91 1.91
C GLU D 29 23.33 -42.60 3.27
N SER D 30 23.21 -41.34 3.73
CA SER D 30 23.61 -40.96 5.08
C SER D 30 22.89 -41.83 6.11
N GLY D 31 21.75 -42.39 5.69
CA GLY D 31 20.77 -43.01 6.58
C GLY D 31 19.55 -42.11 6.78
N PHE D 32 18.65 -42.52 7.69
CA PHE D 32 17.31 -41.92 7.64
C PHE D 32 16.34 -42.24 8.82
N VAL D 33 15.34 -41.37 9.01
CA VAL D 33 14.22 -41.65 9.92
C VAL D 33 12.96 -42.17 9.13
N ILE D 34 12.27 -43.16 9.67
CA ILE D 34 11.01 -43.65 9.07
C ILE D 34 9.84 -43.72 10.13
N THR D 35 8.65 -43.32 9.74
CA THR D 35 7.55 -43.17 10.68
C THR D 35 6.23 -43.75 10.14
N LEU D 36 5.44 -44.41 10.97
CA LEU D 36 4.14 -45.00 10.52
C LEU D 36 2.92 -44.66 11.39
N THR D 37 1.78 -44.35 10.75
CA THR D 37 0.64 -43.97 11.54
C THR D 37 -0.74 -44.40 11.01
N ASP D 38 -1.71 -44.52 11.92
CA ASP D 38 -3.06 -44.94 11.55
C ASP D 38 -4.00 -43.77 11.48
N GLY D 39 -3.50 -42.56 11.79
CA GLY D 39 -4.30 -41.38 12.17
C GLY D 39 -4.39 -41.16 13.69
N HIS D 40 -3.94 -42.16 14.45
CA HIS D 40 -4.13 -42.20 15.90
C HIS D 40 -2.82 -42.33 16.68
N SER D 41 -1.93 -43.25 16.23
CA SER D 41 -0.76 -43.59 17.04
C SER D 41 0.62 -43.45 16.34
N ALA D 42 1.64 -43.36 17.19
CA ALA D 42 2.98 -42.83 16.85
C ALA D 42 4.11 -43.87 16.74
N TRP D 43 4.44 -44.33 15.53
CA TRP D 43 5.58 -45.30 15.36
C TRP D 43 6.80 -44.77 14.56
N THR D 44 8.03 -44.99 15.09
CA THR D 44 9.24 -44.32 14.57
C THR D 44 10.40 -45.28 14.56
N GLY D 45 11.47 -44.88 13.86
CA GLY D 45 12.63 -45.75 13.60
C GLY D 45 13.78 -45.10 12.85
N THR D 46 14.99 -45.27 13.40
CA THR D 46 16.24 -44.69 12.87
C THR D 46 17.31 -45.72 12.39
N VAL D 47 17.46 -45.83 11.07
CA VAL D 47 18.36 -46.83 10.43
C VAL D 47 19.44 -46.20 9.50
N SER D 48 20.65 -45.90 10.04
CA SER D 48 21.64 -44.93 9.44
C SER D 48 22.95 -45.40 8.69
N GLU D 49 23.94 -44.49 8.61
CA GLU D 49 25.15 -44.55 7.71
C GLU D 49 26.32 -45.51 8.01
N SER D 50 26.08 -46.71 8.51
CA SER D 50 27.21 -47.61 8.77
C SER D 50 26.69 -49.02 8.83
N GLU D 51 25.38 -49.12 9.03
CA GLU D 51 24.65 -50.35 8.88
C GLU D 51 23.72 -50.27 7.67
N ILE D 52 23.53 -49.09 7.06
CA ILE D 52 22.86 -49.09 5.78
C ILE D 52 23.77 -49.65 4.68
N SER D 53 25.11 -49.52 4.76
CA SER D 53 25.95 -50.05 3.68
C SER D 53 26.56 -51.38 4.08
N GLN D 54 26.18 -51.79 5.28
CA GLN D 54 26.45 -53.11 5.86
C GLN D 54 25.33 -54.11 5.41
N GLU D 55 24.21 -53.56 4.94
CA GLU D 55 23.07 -54.29 4.37
C GLU D 55 23.43 -54.99 3.05
N ALA D 56 23.99 -54.17 2.15
CA ALA D 56 24.43 -54.56 0.82
C ALA D 56 25.73 -55.43 0.81
N ASP D 57 26.25 -55.72 2.02
CA ASP D 57 27.51 -56.46 2.27
C ASP D 57 27.20 -57.83 2.91
N ASP D 58 26.28 -57.78 3.87
CA ASP D 58 25.69 -58.98 4.45
C ASP D 58 24.71 -59.61 3.45
N MET D 59 24.33 -58.86 2.41
CA MET D 59 23.80 -59.57 1.22
C MET D 59 24.75 -59.80 0.00
N GLU D 60 25.85 -59.06 -0.01
CA GLU D 60 26.88 -59.16 -1.03
C GLU D 60 26.86 -58.03 -2.05
N MET D 61 25.80 -57.23 -2.06
CA MET D 61 25.31 -56.85 -3.39
C MET D 61 25.25 -55.34 -3.65
N GLU D 62 25.13 -54.97 -4.93
CA GLU D 62 24.80 -53.61 -5.33
C GLU D 62 23.83 -53.12 -4.26
N LYS D 63 24.31 -52.17 -3.46
CA LYS D 63 23.43 -51.23 -2.76
C LYS D 63 22.47 -50.68 -3.84
N GLY D 64 22.77 -50.95 -5.11
CA GLY D 64 22.04 -50.37 -6.26
C GLY D 64 20.56 -50.69 -6.35
N LYS D 65 20.28 -51.95 -6.64
CA LYS D 65 18.92 -52.44 -6.66
C LYS D 65 18.35 -52.69 -5.27
N TYR D 66 19.20 -52.64 -4.24
CA TYR D 66 18.67 -52.65 -2.85
C TYR D 66 18.13 -51.26 -2.51
N VAL D 67 19.06 -50.36 -2.15
CA VAL D 67 18.78 -48.93 -2.00
C VAL D 67 17.61 -48.54 -2.94
N GLY D 68 17.78 -48.79 -4.26
CA GLY D 68 16.78 -48.42 -5.29
C GLY D 68 15.52 -49.28 -5.34
N GLU D 69 15.57 -50.44 -4.65
CA GLU D 69 14.45 -51.39 -4.53
C GLU D 69 13.62 -50.96 -3.37
N LEU D 70 14.32 -50.38 -2.38
CA LEU D 70 13.69 -49.84 -1.17
C LEU D 70 12.96 -48.57 -1.52
N ARG D 71 13.69 -47.58 -2.02
CA ARG D 71 13.10 -46.34 -2.54
C ARG D 71 11.93 -46.53 -3.53
N LYS D 72 11.92 -47.64 -4.27
CA LYS D 72 10.78 -48.00 -5.11
C LYS D 72 9.73 -48.44 -4.08
N ALA D 73 10.12 -49.46 -3.33
CA ALA D 73 9.33 -50.14 -2.30
C ALA D 73 8.97 -49.32 -1.07
N LEU D 74 9.39 -48.07 -1.01
CA LEU D 74 9.16 -47.33 0.21
C LEU D 74 8.57 -45.99 -0.11
N LEU D 75 9.29 -45.22 -0.91
CA LEU D 75 8.85 -43.90 -1.31
C LEU D 75 7.76 -44.05 -2.44
N SER D 76 6.92 -45.11 -2.29
CA SER D 76 5.88 -45.49 -3.27
C SER D 76 6.48 -46.23 -4.53
N VAL D 83 3.42 -54.31 -6.81
CA VAL D 83 3.27 -54.83 -5.44
C VAL D 83 4.58 -54.89 -4.58
N TYR D 84 4.46 -54.16 -3.48
CA TYR D 84 5.15 -54.40 -2.19
C TYR D 84 4.08 -54.72 -1.15
N THR D 85 4.52 -55.15 0.01
CA THR D 85 3.59 -55.69 0.94
C THR D 85 4.09 -55.35 2.31
N PHE D 86 3.22 -54.82 3.15
CA PHE D 86 3.70 -54.25 4.41
C PHE D 86 3.00 -54.88 5.67
N ASN D 87 3.82 -55.33 6.60
CA ASN D 87 3.22 -55.99 7.70
C ASN D 87 4.02 -55.57 8.93
N PHE D 88 3.23 -55.04 9.92
CA PHE D 88 3.80 -54.42 11.13
C PHE D 88 3.04 -54.95 12.34
N SER D 89 3.72 -55.31 13.41
CA SER D 89 2.95 -55.46 14.63
C SER D 89 3.35 -54.58 15.72
N LYS D 90 2.29 -54.12 16.40
CA LYS D 90 2.33 -52.96 17.34
C LYS D 90 3.05 -53.34 18.63
N GLU D 91 2.92 -54.63 19.00
CA GLU D 91 3.50 -55.32 20.21
C GLU D 91 5.03 -55.61 20.18
N SER D 92 5.51 -56.12 19.03
CA SER D 92 6.94 -56.31 18.76
C SER D 92 7.52 -54.98 18.22
N CYS D 93 6.87 -54.43 17.20
CA CYS D 93 7.33 -53.21 16.57
C CYS D 93 8.17 -53.60 15.37
N TYR D 94 8.24 -54.89 15.12
CA TYR D 94 8.72 -55.40 13.83
C TYR D 94 7.85 -54.83 12.68
N PHE D 95 8.51 -54.31 11.66
CA PHE D 95 7.89 -53.96 10.40
C PHE D 95 8.71 -54.57 9.30
N PHE D 96 8.03 -55.35 8.44
CA PHE D 96 8.66 -55.95 7.26
C PHE D 96 7.82 -55.66 6.02
N PHE D 97 8.49 -55.80 4.89
CA PHE D 97 7.93 -55.79 3.55
C PHE D 97 8.73 -56.79 2.67
N GLU D 98 8.04 -57.31 1.65
CA GLU D 98 8.70 -58.22 0.73
C GLU D 98 8.20 -58.07 -0.70
N LYS D 99 9.15 -58.13 -1.63
CA LYS D 99 8.89 -57.99 -3.06
C LYS D 99 8.10 -59.18 -3.62
N ASN D 100 6.84 -58.96 -3.97
CA ASN D 100 5.95 -60.02 -4.52
C ASN D 100 6.06 -60.20 -6.04
N LEU D 101 6.57 -61.37 -6.48
CA LEU D 101 6.80 -61.58 -7.92
C LEU D 101 5.76 -62.50 -8.55
N LYS D 102 5.88 -62.67 -9.86
CA LYS D 102 5.08 -63.62 -10.59
C LYS D 102 5.56 -64.99 -10.11
N ASP D 103 4.70 -65.63 -9.32
CA ASP D 103 4.78 -67.05 -8.80
C ASP D 103 5.94 -67.50 -7.79
N VAL D 104 6.95 -66.64 -7.61
CA VAL D 104 7.89 -66.75 -6.49
C VAL D 104 7.45 -65.63 -5.52
N SER D 105 8.19 -65.43 -4.42
CA SER D 105 8.00 -64.27 -3.50
C SER D 105 9.22 -64.27 -2.56
N PHE D 106 9.75 -63.09 -2.20
CA PHE D 106 10.99 -63.04 -1.39
C PHE D 106 11.16 -61.83 -0.55
N ARG D 107 12.21 -61.83 0.28
CA ARG D 107 12.39 -60.82 1.34
C ARG D 107 13.30 -59.66 1.06
N LEU D 108 12.76 -58.50 1.46
CA LEU D 108 13.24 -57.21 1.04
C LEU D 108 13.66 -56.34 2.19
N GLY D 109 12.92 -56.31 3.30
CA GLY D 109 13.33 -55.39 4.36
C GLY D 109 12.52 -55.39 5.65
N SER D 110 13.06 -54.88 6.74
CA SER D 110 12.35 -55.14 7.99
C SER D 110 12.90 -54.43 9.22
N PHE D 111 12.35 -53.25 9.49
CA PHE D 111 12.78 -52.52 10.68
C PHE D 111 12.04 -53.01 11.86
N ASN D 112 12.90 -53.35 12.83
CA ASN D 112 12.51 -53.51 14.22
C ASN D 112 12.42 -52.06 14.73
N LEU D 113 11.25 -51.43 14.46
CA LEU D 113 10.94 -50.04 14.89
C LEU D 113 10.94 -49.94 16.43
N GLU D 114 10.66 -48.71 16.93
CA GLU D 114 10.51 -48.43 18.40
C GLU D 114 9.65 -47.20 18.72
N LYS D 115 8.32 -47.33 18.76
CA LYS D 115 7.42 -46.18 18.63
C LYS D 115 7.67 -45.02 19.63
N VAL D 116 6.82 -44.00 19.58
CA VAL D 116 7.01 -42.75 20.35
C VAL D 116 5.69 -42.30 21.04
N GLU D 117 5.83 -41.21 21.71
CA GLU D 117 4.91 -40.70 22.66
C GLU D 117 3.83 -39.72 22.15
N ASN D 118 4.16 -39.06 21.04
CA ASN D 118 3.37 -38.01 20.42
C ASN D 118 2.64 -38.35 19.16
N PRO D 119 1.42 -38.96 19.25
CA PRO D 119 0.63 -39.32 18.04
C PRO D 119 -0.06 -38.09 17.41
N ALA D 120 0.28 -36.89 17.91
CA ALA D 120 -0.30 -35.61 17.53
C ALA D 120 0.75 -34.71 16.94
N GLU D 121 1.89 -34.56 17.63
CA GLU D 121 3.11 -33.86 17.14
C GLU D 121 3.62 -34.41 15.77
N VAL D 122 3.28 -35.68 15.53
CA VAL D 122 3.57 -36.41 14.30
C VAL D 122 2.57 -36.10 13.16
N ILE D 123 1.28 -36.13 13.51
CA ILE D 123 0.18 -35.85 12.60
C ILE D 123 0.17 -34.35 12.27
N ARG D 124 0.63 -33.58 13.26
CA ARG D 124 0.82 -32.13 13.09
C ARG D 124 1.79 -31.87 11.96
N GLU D 125 3.03 -32.34 12.06
CA GLU D 125 4.11 -32.13 11.02
C GLU D 125 3.80 -32.58 9.64
N LEU D 126 2.83 -33.46 9.53
CA LEU D 126 2.56 -34.12 8.32
C LEU D 126 1.39 -33.47 7.65
N ILE D 127 0.30 -33.19 8.34
CA ILE D 127 -0.71 -32.30 7.72
C ILE D 127 -0.07 -30.96 7.33
N CYS D 128 0.83 -30.45 8.13
CA CYS D 128 1.45 -29.14 7.87
C CYS D 128 2.21 -29.10 6.57
N TYR D 129 3.15 -30.04 6.48
CA TYR D 129 3.91 -30.34 5.29
C TYR D 129 3.05 -30.26 4.02
N CYS D 130 1.97 -31.02 4.06
CA CYS D 130 1.05 -31.00 2.96
C CYS D 130 0.65 -29.56 2.69
N LEU D 131 0.09 -28.90 3.70
CA LEU D 131 -0.45 -27.61 3.52
C LEU D 131 0.59 -26.51 3.09
N ASP D 132 1.76 -26.46 3.68
CA ASP D 132 2.77 -25.53 3.35
C ASP D 132 3.26 -25.77 1.94
N THR D 133 3.36 -27.06 1.60
CA THR D 133 3.95 -27.43 0.33
C THR D 133 2.95 -27.17 -0.75
N THR D 134 1.71 -27.47 -0.46
CA THR D 134 0.64 -27.20 -1.37
C THR D 134 0.40 -25.67 -1.56
N ALA D 135 0.57 -24.86 -0.50
CA ALA D 135 0.27 -23.47 -0.65
C ALA D 135 1.42 -22.77 -1.39
N GLU D 136 2.64 -23.24 -1.17
CA GLU D 136 3.78 -22.64 -1.87
C GLU D 136 3.55 -22.82 -3.38
N ASN D 137 3.13 -24.00 -3.83
CA ASN D 137 3.09 -24.33 -5.22
C ASN D 137 1.96 -23.62 -5.81
N GLN D 138 0.91 -23.44 -5.05
CA GLN D 138 -0.16 -22.61 -5.55
C GLN D 138 0.14 -21.25 -6.02
N ALA D 139 0.95 -20.56 -5.23
CA ALA D 139 1.41 -19.19 -5.55
C ALA D 139 2.30 -19.20 -6.79
N LYS D 140 3.24 -20.17 -6.88
CA LYS D 140 4.20 -20.25 -7.97
C LYS D 140 3.46 -20.52 -9.20
N ASN D 141 2.46 -21.40 -9.07
CA ASN D 141 1.66 -21.86 -10.21
C ASN D 141 0.87 -20.70 -10.80
N GLU D 142 0.48 -19.74 -9.96
CA GLU D 142 -0.19 -18.59 -10.45
C GLU D 142 0.71 -17.66 -11.18
N HIS D 143 1.87 -17.34 -10.60
CA HIS D 143 2.88 -16.49 -11.18
C HIS D 143 3.34 -17.12 -12.44
N LEU D 144 3.76 -18.40 -12.38
CA LEU D 144 4.20 -19.09 -13.66
C LEU D 144 3.15 -19.01 -14.66
N GLN D 145 1.89 -19.12 -14.27
CA GLN D 145 0.81 -19.16 -15.31
C GLN D 145 0.59 -17.81 -16.06
N LYS D 146 0.75 -16.78 -15.29
CA LYS D 146 0.72 -15.46 -15.82
C LYS D 146 1.89 -15.15 -16.62
N GLU D 147 3.11 -15.39 -16.06
CA GLU D 147 4.37 -15.23 -16.76
C GLU D 147 4.37 -15.85 -18.16
N ASN D 148 3.78 -17.06 -18.31
CA ASN D 148 4.02 -17.66 -19.51
C ASN D 148 2.89 -17.43 -20.52
N GLU D 149 1.77 -16.91 -20.01
CA GLU D 149 0.84 -16.19 -20.93
C GLU D 149 1.47 -14.95 -21.52
N ARG D 150 2.13 -14.13 -20.72
CA ARG D 150 2.88 -13.06 -21.32
C ARG D 150 3.95 -13.47 -22.38
N LEU D 151 4.83 -14.44 -22.02
CA LEU D 151 5.84 -15.10 -22.95
C LEU D 151 5.21 -15.52 -24.26
N LEU D 152 4.14 -16.28 -24.20
CA LEU D 152 3.44 -16.67 -25.48
C LEU D 152 2.85 -15.45 -26.27
N ARG D 153 2.29 -14.47 -25.56
CA ARG D 153 1.85 -13.33 -26.21
C ARG D 153 3.02 -12.77 -26.97
N ASP D 154 4.08 -12.30 -26.27
CA ASP D 154 5.25 -11.73 -26.96
C ASP D 154 5.87 -12.53 -28.07
N TRP D 155 5.79 -13.88 -27.98
CA TRP D 155 6.40 -14.79 -28.95
C TRP D 155 5.61 -14.72 -30.22
N ASN D 156 4.31 -14.55 -29.99
CA ASN D 156 3.26 -14.64 -31.08
C ASN D 156 3.38 -13.33 -31.87
N ASP D 157 3.74 -12.25 -31.17
CA ASP D 157 4.05 -10.97 -31.86
C ASP D 157 5.26 -10.92 -32.73
N VAL D 158 6.42 -11.33 -32.19
CA VAL D 158 7.65 -11.48 -33.01
C VAL D 158 7.40 -12.39 -34.15
N GLN D 159 6.66 -13.43 -33.93
CA GLN D 159 6.41 -14.42 -35.02
C GLN D 159 5.77 -13.57 -36.15
N GLY D 160 4.76 -12.70 -35.82
CA GLY D 160 3.95 -11.97 -36.86
C GLY D 160 4.83 -10.98 -37.61
N ARG D 161 5.64 -10.24 -36.86
CA ARG D 161 6.64 -9.37 -37.45
C ARG D 161 7.54 -10.15 -38.41
N PHE D 162 8.08 -11.27 -37.94
CA PHE D 162 9.14 -11.96 -38.67
C PHE D 162 8.47 -12.44 -39.91
N GLU D 163 7.25 -12.96 -39.83
CA GLU D 163 6.60 -13.36 -41.10
C GLU D 163 6.51 -12.10 -42.04
N LYS D 164 6.29 -10.89 -41.55
CA LYS D 164 6.16 -9.77 -42.46
C LYS D 164 7.55 -9.37 -43.05
N CYS D 165 8.63 -9.31 -42.25
CA CYS D 165 10.01 -9.16 -42.72
C CYS D 165 10.48 -10.15 -43.77
N VAL D 166 10.04 -11.40 -43.60
CA VAL D 166 10.41 -12.42 -44.55
C VAL D 166 9.71 -12.12 -45.80
N SER D 167 8.42 -11.82 -45.72
CA SER D 167 7.72 -11.55 -47.04
C SER D 167 8.28 -10.30 -47.82
N ALA D 168 8.59 -9.22 -47.09
CA ALA D 168 9.09 -8.01 -47.60
C ALA D 168 10.50 -8.24 -48.28
N LYS D 169 11.27 -9.19 -47.75
CA LYS D 169 12.60 -9.54 -48.26
C LYS D 169 12.37 -10.27 -49.59
N GLU D 170 11.51 -11.29 -49.59
CA GLU D 170 11.13 -11.89 -50.86
C GLU D 170 10.71 -11.02 -51.96
N ALA D 171 9.88 -10.07 -51.61
CA ALA D 171 9.33 -9.08 -52.63
C ALA D 171 10.44 -8.09 -53.10
N LEU D 172 11.25 -7.58 -52.13
CA LEU D 172 12.37 -6.65 -52.39
C LEU D 172 13.27 -7.30 -53.42
N GLU D 173 13.64 -8.51 -53.12
CA GLU D 173 14.44 -9.29 -54.12
C GLU D 173 13.86 -9.48 -55.49
N THR D 174 12.62 -9.98 -55.52
CA THR D 174 11.97 -10.24 -56.81
C THR D 174 11.71 -8.96 -57.63
N ASP D 175 11.19 -7.98 -57.00
CA ASP D 175 11.19 -6.68 -57.60
C ASP D 175 12.45 -6.13 -58.20
N LEU D 176 13.52 -6.04 -57.40
CA LEU D 176 14.83 -5.63 -57.91
C LEU D 176 15.46 -6.48 -58.99
N TYR D 177 15.50 -7.79 -58.81
CA TYR D 177 15.85 -8.72 -59.89
C TYR D 177 15.06 -8.62 -61.13
N LYS D 178 13.74 -8.40 -61.04
CA LYS D 178 13.03 -8.30 -62.33
C LYS D 178 13.63 -7.14 -63.22
N ARG D 179 13.87 -5.99 -62.57
CA ARG D 179 14.37 -4.79 -63.16
C ARG D 179 15.77 -4.80 -63.67
N PHE D 180 16.65 -5.38 -62.88
CA PHE D 180 17.95 -5.90 -63.35
C PHE D 180 18.07 -6.75 -64.53
N ILE D 181 17.35 -7.90 -64.55
CA ILE D 181 17.27 -8.76 -65.75
C ILE D 181 16.92 -7.88 -67.03
N LEU D 182 15.91 -6.98 -66.91
CA LEU D 182 15.56 -6.08 -68.07
C LEU D 182 16.75 -5.15 -68.58
N VAL D 183 17.38 -4.40 -67.62
CA VAL D 183 18.59 -3.58 -67.91
C VAL D 183 19.77 -4.41 -68.32
N LEU D 184 20.10 -5.48 -67.61
CA LEU D 184 21.15 -6.46 -68.04
C LEU D 184 21.04 -6.96 -69.42
N ASN D 185 19.83 -7.47 -69.78
CA ASN D 185 19.54 -7.84 -71.11
C ASN D 185 19.73 -6.83 -72.19
N GLU D 186 19.36 -5.53 -72.00
CA GLU D 186 19.66 -4.61 -73.08
C GLU D 186 21.25 -4.43 -73.20
N LYS D 187 22.06 -4.61 -72.13
CA LYS D 187 23.50 -4.49 -72.44
C LYS D 187 23.96 -5.67 -73.34
N LYS D 188 23.58 -6.92 -72.95
CA LYS D 188 23.84 -8.16 -73.79
C LYS D 188 23.46 -8.08 -75.25
N THR D 189 22.24 -7.53 -75.51
CA THR D 189 21.71 -7.22 -76.87
C THR D 189 22.57 -6.15 -77.62
N LYS D 190 23.03 -5.10 -76.95
CA LYS D 190 23.82 -4.09 -77.64
C LYS D 190 25.13 -4.78 -77.90
N ILE D 191 25.69 -5.45 -76.90
CA ILE D 191 26.96 -6.20 -77.14
C ILE D 191 26.90 -7.13 -78.39
N ARG D 192 25.77 -7.76 -78.64
CA ARG D 192 25.64 -8.73 -79.70
C ARG D 192 25.60 -7.99 -81.01
N SER D 193 24.89 -6.90 -81.03
CA SER D 193 24.74 -6.10 -82.22
C SER D 193 26.08 -5.53 -82.62
N LEU D 194 26.82 -5.01 -81.68
CA LEU D 194 28.15 -4.46 -82.05
C LEU D 194 29.19 -5.53 -82.47
N HIS D 195 29.19 -6.67 -81.77
CA HIS D 195 29.95 -7.88 -82.05
C HIS D 195 29.70 -8.31 -83.44
N ASN D 196 28.44 -8.41 -83.87
CA ASN D 196 28.13 -8.91 -85.22
C ASN D 196 28.57 -7.84 -86.18
N LYS D 197 28.34 -6.58 -85.83
CA LYS D 197 28.55 -5.41 -86.71
C LYS D 197 30.03 -5.34 -86.92
N LEU D 198 30.78 -5.76 -85.92
CA LEU D 198 32.28 -5.72 -86.02
C LEU D 198 32.87 -6.84 -86.88
N LEU D 199 32.39 -8.06 -86.70
CA LEU D 199 32.67 -9.14 -87.65
C LEU D 199 32.49 -8.67 -89.09
N ASN D 200 31.33 -8.07 -89.36
CA ASN D 200 30.97 -7.71 -90.69
C ASN D 200 31.69 -6.47 -91.22
N ALA D 201 32.70 -5.91 -90.58
CA ALA D 201 33.47 -4.90 -91.32
C ALA D 201 34.99 -5.06 -91.07
N LYS E 6 -22.99 74.33 -5.92
CA LYS E 6 -22.70 72.97 -6.38
C LYS E 6 -23.69 72.05 -5.61
N ILE E 7 -23.31 71.06 -4.84
CA ILE E 7 -24.31 70.03 -4.60
C ILE E 7 -25.50 70.20 -3.64
N SER E 8 -25.68 71.34 -2.96
CA SER E 8 -26.83 71.48 -2.18
C SER E 8 -26.61 72.78 -1.48
N ASN E 9 -27.59 73.38 -0.83
CA ASN E 9 -27.40 74.30 0.23
C ASN E 9 -28.21 74.23 1.41
N ILE E 10 -28.45 73.06 1.96
CA ILE E 10 -28.82 73.13 3.32
C ILE E 10 -27.95 74.14 4.18
N PHE E 11 -26.66 74.37 3.84
CA PHE E 11 -25.78 75.08 4.80
C PHE E 11 -25.70 76.58 4.53
N GLU E 12 -26.48 77.03 3.55
CA GLU E 12 -26.23 78.31 2.96
C GLU E 12 -26.36 79.32 4.09
N ASP E 13 -25.41 80.23 4.19
CA ASP E 13 -25.56 81.31 5.23
C ASP E 13 -25.37 80.73 6.66
N VAL E 14 -24.59 79.64 6.71
CA VAL E 14 -24.35 79.03 7.96
C VAL E 14 -22.84 78.98 7.94
N GLU E 15 -22.25 79.49 9.05
CA GLU E 15 -20.77 79.57 9.22
C GLU E 15 -20.27 78.59 10.10
N PHE E 16 -19.26 77.94 9.60
CA PHE E 16 -18.58 76.85 10.32
C PHE E 16 -17.06 77.05 10.60
N CYS E 17 -16.63 76.86 11.83
CA CYS E 17 -15.23 76.52 12.10
C CYS E 17 -14.86 75.04 12.13
N VAL E 18 -14.02 74.62 11.21
CA VAL E 18 -13.49 73.28 11.35
C VAL E 18 -12.06 73.40 12.00
N MET E 19 -11.93 73.02 13.27
CA MET E 19 -10.58 72.88 13.88
C MET E 19 -9.95 71.47 13.75
N SER E 20 -10.70 70.38 13.81
CA SER E 20 -10.03 69.11 13.54
C SER E 20 -10.78 68.02 12.77
N GLY E 21 -10.09 66.96 12.41
CA GLY E 21 -9.26 66.93 11.21
C GLY E 21 -7.84 66.47 11.50
N THR E 22 -6.86 67.19 10.94
CA THR E 22 -6.58 67.13 9.52
C THR E 22 -6.32 65.70 9.06
N GLN E 25 -10.26 61.90 7.24
CA GLN E 25 -11.36 62.66 7.82
C GLN E 25 -11.06 64.15 7.83
N PRO E 26 -10.51 64.65 6.74
CA PRO E 26 -9.33 65.52 6.80
C PRO E 26 -9.70 67.00 6.75
N LYS E 27 -9.07 67.81 7.58
CA LYS E 27 -9.60 69.13 7.82
C LYS E 27 -10.03 69.83 6.56
N PRO E 28 -9.29 69.73 5.47
CA PRO E 28 -9.76 70.53 4.33
C PRO E 28 -10.77 69.76 3.46
N ASP E 29 -10.82 68.45 3.60
CA ASP E 29 -11.89 67.74 2.93
C ASP E 29 -13.30 68.26 3.38
N LEU E 30 -13.46 68.38 4.72
CA LEU E 30 -14.70 68.70 5.32
C LEU E 30 -14.92 70.12 5.02
N GLU E 31 -13.90 70.98 5.07
CA GLU E 31 -14.27 72.36 4.82
C GLU E 31 -14.78 72.48 3.38
N ASN E 32 -14.27 71.62 2.52
CA ASN E 32 -14.61 71.68 1.10
C ASN E 32 -16.05 71.25 0.84
N ARG E 33 -16.35 70.09 1.44
CA ARG E 33 -17.66 69.53 1.53
C ARG E 33 -18.69 70.47 2.17
N ILE E 34 -18.39 71.02 3.34
CA ILE E 34 -19.25 72.03 3.84
C ILE E 34 -19.57 72.97 2.72
N ALA E 35 -18.58 73.21 1.93
CA ALA E 35 -18.56 74.46 1.13
C ALA E 35 -19.42 74.18 -0.12
N GLU E 36 -19.33 72.97 -0.62
CA GLU E 36 -20.32 72.50 -1.60
C GLU E 36 -21.77 72.16 -1.13
N PHE E 37 -22.13 72.39 0.18
CA PHE E 37 -23.52 72.46 0.71
C PHE E 37 -23.99 73.80 0.98
N GLY E 38 -23.34 74.82 0.45
CA GLY E 38 -23.78 76.23 0.59
C GLY E 38 -23.20 77.05 1.75
N GLY E 39 -22.22 76.43 2.42
CA GLY E 39 -21.93 76.93 3.77
C GLY E 39 -20.61 77.64 3.90
N TYR E 40 -20.48 78.57 4.86
CA TYR E 40 -19.20 79.29 5.01
C TYR E 40 -18.23 78.74 6.05
N ILE E 41 -16.93 78.78 5.71
CA ILE E 41 -15.86 78.43 6.63
C ILE E 41 -15.18 79.69 7.10
N VAL E 42 -14.43 79.65 8.20
CA VAL E 42 -14.04 80.84 9.08
C VAL E 42 -12.89 80.24 9.87
N GLN E 43 -11.72 80.93 10.00
CA GLN E 43 -10.52 80.15 10.52
C GLN E 43 -10.45 79.95 12.07
N ASN E 44 -10.98 80.97 12.75
CA ASN E 44 -11.30 80.89 14.16
C ASN E 44 -12.72 81.40 14.36
N PRO E 45 -13.43 80.83 15.34
CA PRO E 45 -14.79 81.14 15.80
C PRO E 45 -15.05 82.46 16.24
N GLY E 46 -16.32 82.83 16.24
CA GLY E 46 -16.75 84.21 16.32
C GLY E 46 -18.25 84.30 16.66
N PRO E 47 -18.76 85.51 16.86
CA PRO E 47 -20.14 85.57 17.34
C PRO E 47 -21.30 84.86 16.45
N ASP E 48 -21.00 84.42 15.21
CA ASP E 48 -21.99 83.91 14.32
C ASP E 48 -21.44 82.60 13.80
N THR E 49 -20.40 82.07 14.40
CA THR E 49 -20.13 80.84 13.88
C THR E 49 -21.07 79.84 14.53
N TYR E 50 -21.53 78.86 13.75
CA TYR E 50 -22.67 78.12 14.19
C TYR E 50 -22.12 77.03 15.19
N CYS E 51 -21.00 76.40 14.83
CA CYS E 51 -20.39 75.35 15.67
C CYS E 51 -18.97 75.10 15.13
N VAL E 52 -18.11 74.44 15.93
CA VAL E 52 -16.83 74.04 15.40
C VAL E 52 -16.91 72.62 15.26
N ILE E 53 -16.17 72.06 14.31
CA ILE E 53 -16.15 70.62 14.08
C ILE E 53 -14.69 70.13 14.43
N ALA E 54 -14.70 68.93 15.02
CA ALA E 54 -13.81 68.41 16.01
C ALA E 54 -13.45 67.00 15.69
N GLY E 55 -12.59 66.69 14.71
CA GLY E 55 -12.25 65.25 14.48
C GLY E 55 -11.47 64.53 15.61
N SER E 56 -10.50 65.28 16.18
CA SER E 56 -9.40 64.78 17.06
C SER E 56 -9.13 65.80 18.16
N GLU E 57 -8.70 65.36 19.38
CA GLU E 57 -8.19 66.32 20.52
C GLU E 57 -7.11 67.31 20.04
N ASN E 58 -7.04 68.53 20.53
CA ASN E 58 -6.03 69.52 19.89
C ASN E 58 -5.85 70.96 20.47
N ILE E 59 -4.88 71.72 19.94
CA ILE E 59 -4.50 72.98 20.62
C ILE E 59 -5.58 74.08 20.62
N ARG E 60 -6.04 74.40 19.40
CA ARG E 60 -7.14 75.34 19.25
C ARG E 60 -8.38 74.71 19.94
N VAL E 61 -8.48 73.41 19.89
CA VAL E 61 -9.73 72.77 20.24
C VAL E 61 -9.97 72.77 21.73
N LYS E 62 -9.02 72.05 22.34
CA LYS E 62 -8.75 71.95 23.77
C LYS E 62 -8.87 73.28 24.43
N ASN E 63 -8.24 74.24 23.77
CA ASN E 63 -8.48 75.58 24.17
C ASN E 63 -9.90 76.19 23.95
N ILE E 64 -10.51 75.95 22.75
CA ILE E 64 -11.87 76.50 22.36
C ILE E 64 -12.89 76.04 23.39
N ILE E 65 -12.76 74.79 23.81
CA ILE E 65 -13.58 74.22 24.91
C ILE E 65 -13.46 74.93 26.30
N LEU E 66 -12.19 75.27 26.63
CA LEU E 66 -11.84 75.95 27.91
C LEU E 66 -12.53 77.31 27.99
N SER E 67 -12.65 78.02 26.85
CA SER E 67 -13.67 79.14 26.85
C SER E 67 -15.02 78.53 26.62
N ASN E 68 -16.11 79.21 26.80
CA ASN E 68 -17.31 78.38 26.59
C ASN E 68 -18.13 79.16 25.63
N LYS E 69 -17.51 79.73 24.62
CA LYS E 69 -18.43 80.50 23.73
C LYS E 69 -19.13 79.56 22.76
N HIS E 70 -18.46 78.44 22.43
CA HIS E 70 -18.88 77.59 21.32
C HIS E 70 -18.90 76.21 21.69
N ASP E 71 -19.55 75.55 20.79
CA ASP E 71 -20.24 74.43 21.09
C ASP E 71 -19.66 73.57 19.91
N VAL E 72 -19.19 72.34 20.17
CA VAL E 72 -18.20 71.67 19.30
C VAL E 72 -18.79 70.30 19.01
N VAL E 73 -18.75 69.82 17.76
CA VAL E 73 -19.72 68.86 17.26
C VAL E 73 -18.90 67.87 16.50
N LYS E 74 -19.32 66.60 16.59
CA LYS E 74 -18.57 65.72 15.78
C LYS E 74 -18.82 65.72 14.24
N PRO E 75 -17.71 65.51 13.48
CA PRO E 75 -17.77 65.28 12.05
C PRO E 75 -18.85 64.30 11.53
N ALA E 76 -19.26 63.31 12.26
CA ALA E 76 -20.31 62.40 11.88
C ALA E 76 -21.69 63.17 11.76
N TRP E 77 -21.84 64.26 12.51
CA TRP E 77 -23.02 65.05 12.21
C TRP E 77 -23.03 65.52 10.80
N LEU E 78 -21.92 66.11 10.27
CA LEU E 78 -21.92 66.71 8.94
C LEU E 78 -22.10 65.61 7.97
N LEU E 79 -21.64 64.46 8.35
CA LEU E 79 -21.70 63.37 7.35
C LEU E 79 -23.09 62.75 7.16
N GLU E 80 -23.91 62.85 8.18
CA GLU E 80 -25.37 62.57 8.00
C GLU E 80 -26.11 63.64 7.26
N CYS E 81 -25.81 64.89 7.55
CA CYS E 81 -26.29 65.94 6.73
C CYS E 81 -25.89 65.67 5.24
N PHE E 82 -24.60 65.41 4.96
CA PHE E 82 -24.14 65.19 3.60
C PHE E 82 -24.92 63.97 3.07
N LYS E 83 -24.87 62.80 3.69
CA LYS E 83 -25.65 61.69 3.32
C LYS E 83 -27.20 61.87 3.26
N THR E 84 -27.87 62.57 4.18
CA THR E 84 -29.35 62.73 4.04
C THR E 84 -29.75 63.88 3.16
N LYS E 85 -28.77 64.66 2.69
CA LYS E 85 -28.96 65.99 2.11
C LYS E 85 -29.86 66.72 2.90
N SER E 86 -29.77 66.63 4.22
CA SER E 86 -30.65 67.41 5.08
C SER E 86 -29.91 68.02 6.26
N PHE E 87 -30.55 68.99 6.91
CA PHE E 87 -29.93 69.64 7.99
C PHE E 87 -30.38 68.94 9.26
N VAL E 88 -29.85 67.76 9.47
CA VAL E 88 -30.05 66.91 10.67
C VAL E 88 -30.00 67.59 12.01
N PRO E 89 -31.11 67.57 12.78
CA PRO E 89 -31.10 68.17 14.15
C PRO E 89 -30.04 67.57 15.01
N TRP E 90 -29.49 68.34 15.92
CA TRP E 90 -28.42 67.90 16.70
C TRP E 90 -28.99 66.89 17.68
N GLN E 91 -28.21 65.90 18.08
CA GLN E 91 -28.62 64.78 18.97
C GLN E 91 -27.32 64.72 19.81
N PRO E 92 -27.42 64.50 21.12
CA PRO E 92 -26.24 64.30 21.96
C PRO E 92 -25.13 63.57 21.22
N ARG E 93 -25.44 62.43 20.63
CA ARG E 93 -24.43 61.54 20.02
C ARG E 93 -23.44 62.36 19.16
N PHE E 94 -23.93 63.52 18.64
CA PHE E 94 -23.10 64.48 17.92
C PHE E 94 -22.23 65.37 18.80
N MET E 95 -22.49 65.61 20.07
CA MET E 95 -21.84 66.78 20.65
C MET E 95 -20.48 66.47 21.25
N ILE E 96 -19.40 67.16 20.85
CA ILE E 96 -18.27 67.01 21.70
C ILE E 96 -18.28 67.88 22.93
N HIS E 97 -18.78 69.10 22.84
CA HIS E 97 -18.83 70.03 23.99
C HIS E 97 -20.00 70.99 23.86
N MET E 98 -20.68 71.34 24.94
CA MET E 98 -21.74 72.34 24.83
C MET E 98 -21.56 73.61 25.67
N CYS E 99 -21.16 74.70 25.02
CA CYS E 99 -21.68 75.99 25.31
C CYS E 99 -22.99 75.97 26.15
N PRO E 100 -23.08 76.96 27.11
CA PRO E 100 -23.97 77.00 28.28
C PRO E 100 -25.41 76.98 27.98
N SER E 101 -25.75 77.73 26.96
CA SER E 101 -27.08 77.90 26.52
C SER E 101 -27.66 76.63 25.92
N THR E 102 -26.76 75.90 25.25
CA THR E 102 -27.18 74.66 24.54
C THR E 102 -27.20 73.45 25.46
N LYS E 103 -26.26 73.44 26.39
CA LYS E 103 -26.20 72.53 27.47
C LYS E 103 -27.47 72.47 28.26
N GLU E 104 -28.26 73.53 28.26
CA GLU E 104 -29.24 73.66 29.29
C GLU E 104 -30.51 73.36 28.64
N HIS E 105 -30.53 73.66 27.37
CA HIS E 105 -31.57 73.25 26.52
C HIS E 105 -31.63 71.69 26.46
N PHE E 106 -30.48 71.02 26.27
CA PHE E 106 -30.35 69.56 26.37
C PHE E 106 -30.21 68.85 27.74
N ALA E 107 -30.35 69.54 28.85
CA ALA E 107 -30.20 68.94 30.13
C ALA E 107 -31.59 68.90 30.63
N ARG E 108 -32.53 69.46 29.86
CA ARG E 108 -33.99 69.44 30.16
C ARG E 108 -34.60 68.08 29.73
N GLU E 109 -34.17 67.60 28.57
CA GLU E 109 -34.61 66.34 28.04
C GLU E 109 -33.66 65.14 28.26
N TYR E 110 -32.32 65.35 28.43
CA TYR E 110 -31.30 64.35 28.37
C TYR E 110 -30.41 64.49 29.48
N ASP E 111 -29.82 63.30 29.82
CA ASP E 111 -28.75 62.91 30.76
C ASP E 111 -27.62 63.58 30.16
N CYS E 112 -26.51 63.70 30.87
CA CYS E 112 -25.29 63.96 30.20
C CYS E 112 -24.66 62.82 29.32
N TYR E 113 -25.36 61.71 29.03
CA TYR E 113 -24.69 60.66 28.25
C TYR E 113 -25.65 60.64 27.07
N GLY E 114 -26.74 61.38 27.16
CA GLY E 114 -27.58 61.17 26.09
C GLY E 114 -28.87 60.32 26.33
N ASP E 115 -29.14 59.83 27.59
CA ASP E 115 -30.44 59.09 27.79
C ASP E 115 -31.59 60.11 28.12
N SER E 116 -32.73 60.09 27.41
CA SER E 116 -33.85 60.83 27.95
C SER E 116 -34.29 60.46 29.29
N TYR E 117 -34.47 61.52 30.09
CA TYR E 117 -35.37 61.57 31.18
C TYR E 117 -36.75 60.93 30.90
N PHE E 118 -37.40 61.19 29.75
CA PHE E 118 -38.87 61.17 29.69
C PHE E 118 -39.41 60.17 28.73
N ILE E 119 -38.53 59.63 27.85
CA ILE E 119 -38.85 58.71 26.81
C ILE E 119 -38.08 57.32 27.04
N ASP E 120 -38.86 56.23 27.00
CA ASP E 120 -38.27 54.93 27.34
C ASP E 120 -37.12 54.77 26.29
N THR E 121 -35.96 54.27 26.73
CA THR E 121 -34.93 53.71 25.81
C THR E 121 -35.34 52.33 25.22
N ASP E 122 -34.37 51.72 24.63
CA ASP E 122 -34.49 50.81 23.56
C ASP E 122 -33.13 50.14 23.58
N LEU E 123 -33.14 49.05 22.84
CA LEU E 123 -31.89 48.38 22.50
C LEU E 123 -30.96 49.30 21.68
N ASN E 124 -31.41 49.62 20.52
CA ASN E 124 -30.79 50.58 19.70
C ASN E 124 -30.22 51.86 20.42
N GLN E 125 -31.16 52.71 20.87
CA GLN E 125 -30.95 53.95 21.52
C GLN E 125 -30.04 53.69 22.67
N LEU E 126 -30.07 52.58 23.40
CA LEU E 126 -29.12 52.51 24.59
C LEU E 126 -27.70 52.03 24.27
N LYS E 127 -27.55 51.36 23.16
CA LYS E 127 -26.38 50.87 22.67
C LYS E 127 -25.58 52.09 22.29
N GLU E 128 -26.28 53.00 21.63
CA GLU E 128 -25.71 54.27 21.12
C GLU E 128 -25.18 55.11 22.29
N VAL E 129 -26.04 55.28 23.32
CA VAL E 129 -25.60 55.90 24.61
C VAL E 129 -24.37 55.21 25.18
N PHE E 130 -24.46 53.89 25.30
CA PHE E 130 -23.35 53.18 25.88
C PHE E 130 -21.98 53.42 25.15
N SER E 131 -22.20 53.49 23.87
CA SER E 131 -21.23 53.65 22.86
C SER E 131 -20.36 54.91 22.88
N GLY E 132 -20.69 56.06 23.51
CA GLY E 132 -19.64 56.98 23.81
C GLY E 132 -19.13 57.02 25.25
N ILE E 133 -18.03 56.32 25.77
CA ILE E 133 -17.61 56.56 27.23
C ILE E 133 -15.99 56.29 27.75
N LYS E 134 -15.12 55.58 27.03
CA LYS E 134 -14.15 54.66 27.69
C LYS E 134 -13.39 54.82 29.00
N ASN E 135 -13.60 53.76 29.76
CA ASN E 135 -13.55 53.99 31.14
C ASN E 135 -12.14 53.72 31.56
N SER E 136 -12.04 53.27 32.75
CA SER E 136 -11.73 54.10 33.79
C SER E 136 -11.97 53.09 34.94
N ASN E 137 -11.20 53.55 35.90
CA ASN E 137 -10.32 52.50 36.15
C ASN E 137 -10.25 52.75 37.54
N GLU E 138 -10.85 53.89 37.74
CA GLU E 138 -11.58 54.26 38.84
C GLU E 138 -12.17 53.04 39.48
N GLN E 139 -11.96 51.89 38.80
CA GLN E 139 -12.45 50.55 39.23
C GLN E 139 -11.75 49.26 39.03
N THR E 140 -11.31 48.86 40.24
CA THR E 140 -10.77 47.57 40.71
C THR E 140 -11.68 46.36 40.64
N PRO E 141 -11.16 45.25 40.11
CA PRO E 141 -11.92 43.98 40.11
C PRO E 141 -12.77 43.66 41.38
N GLU E 142 -12.17 43.82 42.60
CA GLU E 142 -12.90 43.67 43.90
C GLU E 142 -14.14 44.57 43.98
N GLU E 143 -14.05 45.71 43.33
CA GLU E 143 -14.95 46.85 43.41
C GLU E 143 -16.05 46.58 42.48
N MET E 144 -15.71 46.41 41.19
CA MET E 144 -16.71 45.93 40.25
C MET E 144 -17.61 44.75 40.79
N ALA E 145 -16.98 43.68 41.23
CA ALA E 145 -17.65 42.66 41.98
C ALA E 145 -18.81 43.13 42.89
N SER E 146 -18.52 44.01 43.87
CA SER E 146 -19.62 44.42 44.82
C SER E 146 -20.64 45.20 44.22
N LEU E 147 -20.20 46.05 43.31
CA LEU E 147 -21.20 46.94 42.69
C LEU E 147 -22.17 46.05 41.97
N ILE E 148 -21.59 45.24 41.10
CA ILE E 148 -22.32 44.17 40.40
C ILE E 148 -23.25 43.40 41.33
N ALA E 149 -22.63 42.77 42.34
CA ALA E 149 -23.36 42.00 43.39
C ALA E 149 -24.44 42.73 44.02
N ASP E 150 -24.29 44.02 44.29
CA ASP E 150 -25.42 44.72 45.00
C ASP E 150 -26.52 45.03 44.05
N LEU E 151 -26.17 45.35 42.78
CA LEU E 151 -27.14 45.60 41.73
C LEU E 151 -27.97 44.34 41.48
N GLU E 152 -27.39 43.14 41.28
CA GLU E 152 -28.16 41.78 41.26
C GLU E 152 -29.05 41.49 42.45
N TYR E 153 -28.53 41.69 43.65
CA TYR E 153 -29.33 41.78 44.86
C TYR E 153 -30.44 42.79 44.81
N ARG E 154 -30.17 44.08 44.62
CA ARG E 154 -31.23 45.05 44.36
C ARG E 154 -32.29 44.48 43.42
N TYR E 155 -31.88 44.15 42.20
CA TYR E 155 -32.81 43.76 41.11
C TYR E 155 -33.22 42.33 40.98
N SER E 156 -32.85 41.49 41.97
CA SER E 156 -33.07 39.99 41.93
C SER E 156 -32.44 39.31 40.70
N TRP E 157 -31.26 39.74 40.32
CA TRP E 157 -30.59 39.05 39.24
C TRP E 157 -29.64 38.01 39.79
N ASP E 158 -29.63 37.84 41.11
CA ASP E 158 -28.62 37.03 41.82
C ASP E 158 -28.77 35.54 41.73
N CYS E 159 -29.88 35.07 41.09
CA CYS E 159 -29.94 33.70 40.77
C CYS E 159 -29.63 33.40 39.33
N SER E 160 -29.28 34.41 38.59
CA SER E 160 -28.92 34.13 37.28
C SER E 160 -27.64 33.24 37.27
N PRO E 161 -27.61 32.25 36.38
CA PRO E 161 -26.57 31.26 36.25
C PRO E 161 -25.22 31.87 36.20
N LEU E 162 -25.00 32.79 35.30
CA LEU E 162 -23.80 33.43 35.13
C LEU E 162 -23.36 34.20 36.33
N SER E 163 -24.25 34.30 37.33
CA SER E 163 -23.94 35.03 38.63
C SER E 163 -24.10 34.15 39.84
N MET E 164 -24.24 32.86 39.57
CA MET E 164 -24.74 31.80 40.54
C MET E 164 -23.86 31.88 41.73
N PHE E 165 -22.56 31.92 41.51
CA PHE E 165 -21.52 32.08 42.60
C PHE E 165 -21.02 33.52 42.94
N ARG E 166 -21.70 34.65 42.73
CA ARG E 166 -20.97 35.96 43.07
C ARG E 166 -20.64 35.95 44.49
N ARG E 167 -21.55 35.41 45.30
CA ARG E 167 -21.27 35.66 46.69
C ARG E 167 -20.22 34.71 47.31
N HIS E 168 -19.70 33.70 46.50
CA HIS E 168 -18.84 32.74 47.09
C HIS E 168 -17.40 33.36 46.93
N THR E 169 -16.46 33.26 47.87
CA THR E 169 -14.98 33.66 47.54
C THR E 169 -14.25 32.38 47.67
N VAL E 170 -13.69 31.82 46.62
CA VAL E 170 -13.22 30.42 46.64
C VAL E 170 -11.80 30.21 46.39
N TYR E 171 -11.21 29.39 47.24
CA TYR E 171 -9.88 28.83 47.15
C TYR E 171 -9.98 27.32 46.68
N LEU E 172 -9.48 27.10 45.48
CA LEU E 172 -9.21 25.86 45.00
C LEU E 172 -7.89 25.36 45.37
N ASP E 173 -7.84 24.09 45.73
CA ASP E 173 -6.69 23.43 46.13
C ASP E 173 -5.81 23.12 44.98
N SER E 174 -5.35 24.19 44.35
CA SER E 174 -4.43 24.03 43.19
C SER E 174 -2.99 24.13 43.55
N TYR E 175 -2.59 24.17 44.84
CA TYR E 175 -1.11 24.34 45.13
C TYR E 175 -0.64 23.21 45.95
N ALA E 176 0.31 22.41 45.48
CA ALA E 176 0.94 21.48 46.42
C ALA E 176 1.34 22.01 47.80
N VAL E 177 1.57 23.35 48.01
CA VAL E 177 1.65 23.86 49.32
C VAL E 177 0.64 24.89 49.42
N ILE E 178 -0.26 24.83 50.40
CA ILE E 178 -1.29 25.84 50.40
C ILE E 178 -0.60 27.24 50.28
N ASN E 179 -1.19 28.09 49.44
CA ASN E 179 -0.89 29.58 49.54
C ASN E 179 0.52 29.78 48.97
N ASP E 180 1.11 28.76 48.43
CA ASP E 180 2.48 28.92 47.88
C ASP E 180 2.42 28.91 46.41
N LEU E 181 2.41 30.10 45.84
CA LEU E 181 2.17 30.26 44.35
C LEU E 181 3.06 29.51 43.42
N SER E 182 4.16 29.00 43.90
CA SER E 182 5.11 28.43 43.05
C SER E 182 5.02 26.95 43.09
N THR E 183 4.05 26.44 43.85
CA THR E 183 3.81 24.98 43.90
C THR E 183 2.52 24.65 43.04
N LYS E 184 2.13 25.53 42.14
CA LYS E 184 0.82 25.43 41.49
C LYS E 184 0.74 24.12 40.79
N ASN E 185 -0.26 23.23 41.00
CA ASN E 185 -0.33 22.08 39.98
C ASN E 185 -1.09 22.53 38.71
N GLU E 186 -0.37 22.58 37.57
CA GLU E 186 -1.07 23.06 36.30
C GLU E 186 -1.63 21.93 35.37
N GLY E 187 -2.72 22.25 34.60
CA GLY E 187 -3.34 21.28 33.64
C GLY E 187 -3.99 20.19 34.51
N THR E 188 -5.10 20.51 35.18
CA THR E 188 -5.69 19.73 36.22
C THR E 188 -7.23 20.08 35.96
N ARG E 189 -8.01 19.07 36.21
CA ARG E 189 -9.39 19.19 36.38
C ARG E 189 -9.70 20.27 37.26
N LEU E 190 -8.81 20.63 38.18
CA LEU E 190 -9.15 21.70 39.16
C LEU E 190 -8.93 23.08 38.55
N ALA E 191 -8.01 23.15 37.52
CA ALA E 191 -7.67 24.37 36.74
C ALA E 191 -8.90 24.70 36.03
N ILE E 192 -9.53 23.70 35.40
CA ILE E 192 -10.87 23.86 34.80
C ILE E 192 -12.04 24.16 35.73
N LYS E 193 -11.98 23.69 36.94
CA LYS E 193 -13.02 24.17 37.87
C LYS E 193 -12.88 25.60 38.17
N ALA E 194 -11.65 26.12 38.23
CA ALA E 194 -11.46 27.66 38.51
C ALA E 194 -12.06 28.30 37.36
N LEU E 195 -11.78 27.84 36.15
CA LEU E 195 -12.54 28.55 35.11
C LEU E 195 -14.01 28.54 35.18
N GLU E 196 -14.63 27.43 35.56
CA GLU E 196 -16.11 27.40 35.68
C GLU E 196 -16.63 28.24 36.76
N LEU E 197 -16.02 28.20 37.94
CA LEU E 197 -16.41 29.04 38.96
C LEU E 197 -16.30 30.51 38.48
N ARG E 198 -15.29 30.84 37.76
CA ARG E 198 -15.16 32.31 37.49
C ARG E 198 -16.19 32.70 36.43
N PHE E 199 -16.42 31.79 35.54
CA PHE E 199 -17.29 32.15 34.51
C PHE E 199 -18.76 32.40 35.08
N HIS E 200 -19.15 31.67 36.15
CA HIS E 200 -20.48 31.86 36.75
C HIS E 200 -20.41 32.80 37.92
N GLY E 201 -19.46 33.83 37.95
CA GLY E 201 -19.53 34.94 38.89
C GLY E 201 -18.62 34.71 40.13
N ALA E 202 -17.92 33.58 40.28
CA ALA E 202 -17.30 33.31 41.62
C ALA E 202 -16.14 34.25 41.81
N LYS E 203 -15.77 34.67 43.01
CA LYS E 203 -14.43 35.27 43.14
C LYS E 203 -13.40 34.16 43.51
N VAL E 204 -12.52 33.75 42.67
CA VAL E 204 -11.50 32.80 42.99
C VAL E 204 -10.12 33.42 43.42
N VAL E 205 -9.44 32.82 44.40
CA VAL E 205 -8.44 33.41 45.24
C VAL E 205 -7.31 32.37 45.23
N SER E 206 -6.14 32.89 45.11
CA SER E 206 -4.94 32.04 45.15
C SER E 206 -4.35 32.06 46.51
N CYS E 207 -5.02 32.73 47.43
CA CYS E 207 -4.54 32.75 48.83
C CYS E 207 -5.71 32.42 49.82
N LEU E 208 -5.58 31.38 50.64
CA LEU E 208 -6.44 31.03 51.78
C LEU E 208 -6.22 31.99 52.92
N ALA E 209 -7.23 32.82 53.19
CA ALA E 209 -7.09 33.82 54.21
C ALA E 209 -8.52 34.09 54.62
N GLU E 210 -8.73 34.92 55.62
CA GLU E 210 -9.97 35.17 56.29
C GLU E 210 -10.88 35.82 55.27
N GLY E 211 -12.08 35.30 55.07
CA GLY E 211 -13.01 35.89 54.07
C GLY E 211 -13.34 34.92 52.96
N VAL E 212 -12.49 33.93 52.65
CA VAL E 212 -12.92 32.88 51.75
C VAL E 212 -14.12 32.12 52.40
N SER E 213 -15.14 31.85 51.58
CA SER E 213 -16.26 31.32 52.16
C SER E 213 -16.11 29.81 51.88
N HIS E 214 -15.42 29.41 50.80
CA HIS E 214 -15.41 27.97 50.34
C HIS E 214 -14.04 27.56 49.92
N VAL E 215 -13.66 26.29 50.13
CA VAL E 215 -12.47 25.78 49.54
C VAL E 215 -12.88 24.51 48.79
N ILE E 216 -12.35 24.30 47.59
CA ILE E 216 -12.72 23.28 46.80
C ILE E 216 -11.61 22.32 46.53
N ILE E 217 -11.75 21.07 47.06
CA ILE E 217 -10.96 19.83 46.90
C ILE E 217 -11.37 19.03 45.57
N GLY E 218 -10.45 18.36 44.95
CA GLY E 218 -10.76 17.35 44.02
C GLY E 218 -10.33 16.04 44.69
N GLU E 219 -9.74 15.17 43.91
CA GLU E 219 -9.43 13.85 44.30
C GLU E 219 -8.37 13.65 45.27
N ASP E 220 -7.23 14.35 45.15
CA ASP E 220 -6.21 14.42 46.27
C ASP E 220 -6.82 15.02 47.55
N HIS E 221 -7.10 14.22 48.59
CA HIS E 221 -7.41 14.81 49.91
C HIS E 221 -6.11 15.07 50.76
N SER E 222 -4.95 15.09 50.13
CA SER E 222 -3.72 15.14 50.99
C SER E 222 -3.68 16.37 51.87
N ARG E 223 -4.18 17.53 51.45
CA ARG E 223 -4.19 18.77 52.29
C ARG E 223 -5.37 19.06 53.15
N VAL E 224 -6.38 18.14 53.14
CA VAL E 224 -7.68 18.36 53.86
C VAL E 224 -7.56 18.71 55.28
N ALA E 225 -6.66 18.02 55.90
CA ALA E 225 -6.37 18.16 57.32
C ALA E 225 -5.65 19.43 57.59
N ASP E 226 -4.60 19.81 56.83
CA ASP E 226 -4.11 21.27 56.82
C ASP E 226 -5.23 22.28 56.71
N PHE E 227 -6.10 22.15 55.71
CA PHE E 227 -7.23 23.08 55.69
C PHE E 227 -8.03 23.15 56.91
N LYS E 228 -8.39 22.03 57.48
CA LYS E 228 -9.29 22.08 58.67
C LYS E 228 -8.55 22.59 59.82
N ALA E 229 -7.24 22.32 59.81
CA ALA E 229 -6.30 22.98 60.78
C ALA E 229 -6.22 24.48 60.57
N PHE E 230 -6.07 24.94 59.32
CA PHE E 230 -6.11 26.41 59.08
C PHE E 230 -7.35 27.05 59.58
N ARG E 231 -8.45 26.39 59.36
CA ARG E 231 -9.79 26.96 59.57
C ARG E 231 -10.08 27.06 61.00
N ARG E 232 -9.51 26.19 61.86
CA ARG E 232 -9.64 26.49 63.36
C ARG E 232 -9.10 27.90 63.68
N THR E 233 -8.16 28.44 62.91
CA THR E 233 -7.63 29.75 63.20
C THR E 233 -8.40 30.86 62.52
N PHE E 234 -9.43 30.54 61.71
CA PHE E 234 -10.16 31.61 61.05
C PHE E 234 -11.31 32.15 61.90
N LYS E 235 -11.75 33.35 61.59
CA LYS E 235 -13.01 33.84 62.19
C LYS E 235 -14.22 33.37 61.38
N ARG E 236 -14.05 33.15 60.06
CA ARG E 236 -15.17 33.00 59.18
C ARG E 236 -15.29 31.63 58.47
N LYS E 237 -14.51 30.70 58.91
CA LYS E 237 -15.15 29.33 58.94
C LYS E 237 -15.77 28.90 57.58
N PHE E 238 -14.93 28.83 56.56
CA PHE E 238 -15.15 28.28 55.30
C PHE E 238 -15.66 26.85 55.26
N LYS E 239 -16.38 26.51 54.18
CA LYS E 239 -16.75 25.15 53.91
C LYS E 239 -15.77 24.50 53.05
N ILE E 240 -15.63 23.19 53.20
CA ILE E 240 -14.83 22.39 52.27
C ILE E 240 -15.70 21.51 51.42
N LEU E 241 -15.48 21.57 50.14
CA LEU E 241 -16.48 21.06 49.25
C LEU E 241 -15.87 20.27 48.23
N LYS E 242 -16.64 19.30 47.78
CA LYS E 242 -16.32 18.55 46.59
C LYS E 242 -16.47 19.32 45.28
N GLU E 243 -15.59 18.98 44.36
CA GLU E 243 -15.46 19.60 43.02
C GLU E 243 -16.92 19.44 42.44
N SER E 244 -17.62 18.34 42.75
CA SER E 244 -18.83 17.95 41.91
C SER E 244 -20.02 18.89 42.32
N TRP E 245 -19.84 19.63 43.39
CA TRP E 245 -20.71 20.78 43.73
C TRP E 245 -20.93 21.89 42.69
N VAL E 246 -19.81 22.28 42.12
CA VAL E 246 -19.67 23.26 41.14
C VAL E 246 -20.31 22.62 39.91
N THR E 247 -19.89 21.46 39.47
CA THR E 247 -20.55 20.87 38.29
C THR E 247 -21.98 20.72 38.43
N ASP E 248 -22.47 20.08 39.52
CA ASP E 248 -23.97 19.80 39.74
C ASP E 248 -24.75 21.18 39.75
N SER E 249 -24.16 22.30 40.38
CA SER E 249 -24.77 23.65 40.41
C SER E 249 -24.95 24.21 38.98
N ILE E 250 -23.86 24.20 38.18
CA ILE E 250 -23.85 24.73 36.82
C ILE E 250 -24.82 23.77 36.04
N ASP E 251 -24.87 22.45 36.22
CA ASP E 251 -25.60 21.58 35.29
C ASP E 251 -27.18 21.81 35.45
N LYS E 252 -27.60 22.00 36.69
CA LYS E 252 -28.96 22.45 36.97
C LYS E 252 -28.99 23.95 37.29
N CYS E 253 -28.12 24.71 36.62
CA CYS E 253 -28.36 26.13 36.41
C CYS E 253 -28.81 26.82 37.69
N GLU E 254 -28.50 26.21 38.83
CA GLU E 254 -28.65 26.85 40.12
C GLU E 254 -27.88 26.12 41.22
N LEU E 255 -27.56 26.83 42.29
CA LEU E 255 -26.91 26.26 43.40
C LEU E 255 -27.61 24.94 43.98
N GLN E 256 -26.93 23.79 43.90
CA GLN E 256 -27.20 22.62 44.69
C GLN E 256 -26.76 23.20 45.92
N GLU E 257 -26.98 22.53 47.04
CA GLU E 257 -26.10 23.01 48.07
C GLU E 257 -25.51 22.06 49.04
N GLU E 258 -24.85 22.68 49.99
CA GLU E 258 -23.48 22.32 50.19
C GLU E 258 -23.18 21.09 50.96
N ASN E 259 -24.17 20.77 51.76
CA ASN E 259 -24.03 19.74 52.79
C ASN E 259 -24.02 18.33 52.30
N GLN E 260 -24.64 18.07 51.16
CA GLN E 260 -24.23 17.00 50.28
C GLN E 260 -22.71 16.94 50.25
N TYR E 261 -22.09 18.03 49.80
CA TYR E 261 -20.75 17.93 49.23
C TYR E 261 -19.62 18.12 50.19
N LEU E 262 -19.97 18.29 51.46
CA LEU E 262 -18.93 18.44 52.51
C LEU E 262 -17.84 17.44 52.56
N ILE E 263 -16.65 17.89 52.23
CA ILE E 263 -15.34 17.61 52.90
C ILE E 263 -14.25 16.72 52.33
N LYS F 6 5.36 37.42 -68.35
CA LYS F 6 5.65 37.58 -66.94
C LYS F 6 6.83 36.69 -66.49
N ILE F 7 6.61 35.54 -65.87
CA ILE F 7 7.69 35.03 -64.93
C ILE F 7 9.01 34.71 -65.58
N SER F 8 9.01 34.34 -66.86
CA SER F 8 10.21 33.96 -67.54
C SER F 8 9.72 33.82 -68.91
N ASN F 9 10.58 33.61 -69.90
CA ASN F 9 10.30 33.41 -71.35
C ASN F 9 11.36 32.34 -71.80
N ILE F 10 11.78 31.44 -70.93
CA ILE F 10 12.35 30.25 -71.45
C ILE F 10 11.52 29.59 -72.57
N PHE F 11 10.18 29.78 -72.64
CA PHE F 11 9.37 28.93 -73.54
C PHE F 11 8.76 29.69 -74.68
N GLU F 12 9.32 30.91 -74.92
CA GLU F 12 8.60 31.79 -75.71
C GLU F 12 8.88 31.28 -77.07
N ASP F 13 7.87 31.44 -77.94
CA ASP F 13 7.96 30.90 -79.28
C ASP F 13 8.07 29.37 -79.33
N VAL F 14 7.73 28.68 -78.20
CA VAL F 14 7.65 27.27 -78.12
C VAL F 14 6.09 26.95 -77.79
N GLU F 15 5.48 26.06 -78.59
CA GLU F 15 4.14 25.47 -78.47
C GLU F 15 4.18 24.06 -77.88
N PHE F 16 3.41 23.88 -76.82
CA PHE F 16 3.23 22.56 -76.22
C PHE F 16 1.77 22.12 -76.29
N CYS F 17 1.53 20.82 -76.16
CA CYS F 17 0.21 20.30 -75.84
C CYS F 17 0.22 19.58 -74.49
N VAL F 18 -0.57 20.09 -73.54
CA VAL F 18 -0.83 19.38 -72.30
C VAL F 18 -2.13 18.59 -72.38
N MET F 19 -2.01 17.28 -72.55
CA MET F 19 -3.16 16.44 -72.84
C MET F 19 -3.64 15.84 -71.55
N SER F 20 -2.77 15.74 -70.55
CA SER F 20 -3.15 15.25 -69.24
C SER F 20 -2.38 15.97 -68.13
N GLY F 21 -3.01 16.11 -66.98
CA GLY F 21 -2.37 15.79 -65.71
C GLY F 21 -3.35 15.28 -64.68
N THR F 22 -2.97 15.41 -63.41
CA THR F 22 -3.53 14.60 -62.35
C THR F 22 -4.23 15.66 -61.52
N ASP F 23 -3.71 15.88 -60.33
CA ASP F 23 -4.47 15.67 -59.11
C ASP F 23 -4.07 16.86 -58.25
N SER F 24 -2.97 16.71 -57.51
CA SER F 24 -1.61 16.84 -58.04
C SER F 24 -1.55 17.94 -59.08
N GLN F 25 -1.11 17.67 -60.32
CA GLN F 25 -0.88 18.77 -61.23
C GLN F 25 -1.90 18.75 -62.34
N PRO F 26 -2.99 19.47 -62.14
CA PRO F 26 -4.13 19.41 -63.05
C PRO F 26 -3.84 20.18 -64.31
N LYS F 27 -4.62 19.93 -65.35
CA LYS F 27 -4.15 20.16 -66.71
C LYS F 27 -3.95 21.65 -66.98
N PRO F 28 -4.91 22.47 -66.54
CA PRO F 28 -4.91 23.90 -66.87
C PRO F 28 -3.91 24.64 -65.99
N ASP F 29 -3.65 24.11 -64.81
CA ASP F 29 -2.62 24.71 -64.05
C ASP F 29 -1.35 24.66 -64.83
N LEU F 30 -1.00 23.49 -65.40
CA LEU F 30 0.18 23.34 -66.23
C LEU F 30 0.09 24.26 -67.38
N GLU F 31 -1.07 24.35 -67.99
CA GLU F 31 -1.04 25.14 -69.20
C GLU F 31 -0.71 26.64 -68.90
N ASN F 32 -1.25 27.15 -67.80
CA ASN F 32 -1.10 28.51 -67.37
C ASN F 32 0.33 28.81 -67.00
N ARG F 33 0.96 27.90 -66.24
CA ARG F 33 2.36 28.06 -65.89
C ARG F 33 3.22 27.99 -67.15
N ILE F 34 2.90 27.17 -68.15
CA ILE F 34 3.72 27.31 -69.30
C ILE F 34 3.62 28.74 -69.88
N ALA F 35 2.40 29.22 -69.99
CA ALA F 35 2.12 30.59 -70.50
C ALA F 35 2.89 31.72 -69.63
N GLU F 36 2.89 31.66 -68.31
CA GLU F 36 3.74 32.46 -67.46
C GLU F 36 5.27 32.32 -67.74
N PHE F 37 5.72 31.16 -68.28
CA PHE F 37 7.11 31.00 -68.82
C PHE F 37 7.38 31.39 -70.23
N GLY F 38 6.44 32.07 -70.88
CA GLY F 38 6.59 32.49 -72.23
C GLY F 38 6.08 31.57 -73.36
N GLY F 39 5.43 30.42 -73.03
CA GLY F 39 4.95 29.48 -74.06
C GLY F 39 3.56 29.64 -74.55
N TYR F 40 3.24 28.90 -75.62
CA TYR F 40 1.94 28.93 -76.28
C TYR F 40 1.30 27.53 -76.09
N ILE F 41 -0.04 27.52 -76.04
CA ILE F 41 -0.80 26.35 -75.72
C ILE F 41 -1.76 26.06 -76.84
N VAL F 42 -1.95 24.79 -77.07
CA VAL F 42 -2.58 24.28 -78.34
C VAL F 42 -3.40 23.09 -77.81
N GLN F 43 -4.71 22.98 -78.19
CA GLN F 43 -5.49 21.79 -77.63
C GLN F 43 -5.18 20.51 -78.35
N ASN F 44 -4.83 20.67 -79.64
CA ASN F 44 -4.44 19.58 -80.44
C ASN F 44 -3.08 19.88 -81.02
N PRO F 45 -2.23 18.87 -80.97
CA PRO F 45 -0.93 18.88 -81.57
C PRO F 45 -0.91 18.96 -83.07
N GLY F 46 -0.04 19.80 -83.56
CA GLY F 46 0.17 19.78 -84.98
C GLY F 46 1.67 19.87 -85.32
N PRO F 47 2.00 20.35 -86.55
CA PRO F 47 3.44 20.22 -86.95
C PRO F 47 4.49 21.08 -86.22
N ASP F 48 4.10 21.92 -85.28
CA ASP F 48 5.02 22.77 -84.69
C ASP F 48 4.90 22.54 -83.20
N THR F 49 4.10 21.59 -82.71
CA THR F 49 3.93 21.48 -81.27
C THR F 49 5.33 20.91 -80.83
N TYR F 50 5.99 21.49 -79.86
CA TYR F 50 7.33 20.96 -79.51
C TYR F 50 7.19 19.52 -78.86
N CYS F 51 6.27 19.43 -77.89
CA CYS F 51 6.02 18.18 -77.18
C CYS F 51 4.56 18.05 -76.72
N VAL F 52 4.19 16.87 -76.26
CA VAL F 52 2.87 16.66 -75.54
C VAL F 52 3.29 16.31 -74.15
N ILE F 53 2.51 16.87 -73.17
CA ILE F 53 2.72 16.74 -71.79
C ILE F 53 1.54 15.96 -71.22
N ALA F 54 1.84 14.84 -70.59
CA ALA F 54 0.92 13.77 -70.22
C ALA F 54 1.18 13.20 -68.86
N GLY F 55 0.35 13.62 -67.92
CA GLY F 55 0.41 13.15 -66.54
C GLY F 55 -0.53 11.98 -66.19
N SER F 56 -1.46 11.52 -67.01
CA SER F 56 -2.25 10.39 -66.62
C SER F 56 -2.70 9.62 -67.93
N GLU F 57 -2.98 8.33 -67.86
CA GLU F 57 -3.36 7.57 -69.08
C GLU F 57 -4.61 8.23 -69.56
N ASN F 58 -4.71 8.49 -70.84
CA ASN F 58 -6.08 8.65 -71.34
C ASN F 58 -6.10 8.44 -72.78
N ILE F 59 -7.29 8.56 -73.37
CA ILE F 59 -7.35 8.05 -74.67
C ILE F 59 -6.65 8.91 -75.71
N ARG F 60 -6.76 10.24 -75.53
CA ARG F 60 -6.17 11.23 -76.45
C ARG F 60 -4.64 10.93 -76.45
N VAL F 61 -4.05 10.67 -75.27
CA VAL F 61 -2.54 10.35 -75.19
C VAL F 61 -2.37 8.99 -75.94
N LYS F 62 -3.15 7.98 -75.54
CA LYS F 62 -3.03 6.65 -76.22
C LYS F 62 -3.06 6.82 -77.67
N ASN F 63 -3.92 7.73 -78.14
CA ASN F 63 -3.96 7.83 -79.60
C ASN F 63 -2.94 8.77 -80.34
N ILE F 64 -2.43 9.79 -79.57
CA ILE F 64 -1.35 10.67 -80.08
C ILE F 64 -0.15 9.73 -80.16
N ILE F 65 -0.14 8.72 -79.29
CA ILE F 65 1.08 7.96 -79.23
C ILE F 65 1.27 7.13 -80.42
N LEU F 66 0.43 7.17 -81.38
CA LEU F 66 -0.01 5.94 -82.15
C LEU F 66 0.11 6.54 -83.47
N SER F 67 -0.15 7.85 -83.68
CA SER F 67 0.76 8.45 -84.72
C SER F 67 1.99 8.82 -83.86
N ASN F 68 3.01 8.04 -84.08
CA ASN F 68 4.23 8.41 -83.68
C ASN F 68 4.57 9.66 -84.43
N LYS F 69 3.92 10.81 -84.21
CA LYS F 69 4.45 12.08 -84.72
C LYS F 69 5.17 12.99 -83.68
N HIS F 70 4.76 12.97 -82.39
CA HIS F 70 5.12 13.81 -81.31
C HIS F 70 5.77 13.04 -80.15
N ASP F 71 6.72 13.74 -79.46
CA ASP F 71 7.22 13.34 -78.17
C ASP F 71 6.22 13.57 -77.04
N VAL F 72 6.10 12.63 -76.05
CA VAL F 72 5.17 12.76 -74.93
C VAL F 72 6.11 12.73 -73.72
N VAL F 73 5.88 13.59 -72.73
CA VAL F 73 6.88 13.93 -71.79
C VAL F 73 6.10 14.05 -70.47
N LYS F 74 6.69 13.53 -69.41
CA LYS F 74 6.23 13.77 -68.11
C LYS F 74 6.33 15.29 -67.80
N PRO F 75 5.32 15.72 -67.12
CA PRO F 75 5.00 16.91 -66.33
C PRO F 75 6.14 17.22 -65.36
N ALA F 76 6.89 16.25 -64.88
CA ALA F 76 8.00 16.55 -63.97
C ALA F 76 9.02 17.21 -64.86
N TRP F 77 9.13 16.87 -66.16
CA TRP F 77 10.05 17.77 -66.95
C TRP F 77 9.80 19.31 -66.81
N LEU F 78 8.50 19.68 -66.85
CA LEU F 78 8.12 21.03 -66.93
C LEU F 78 8.44 21.55 -65.60
N LEU F 79 8.17 20.79 -64.57
CA LEU F 79 8.33 21.29 -63.18
C LEU F 79 9.85 21.53 -62.77
N GLU F 80 10.77 20.78 -63.37
CA GLU F 80 12.19 21.11 -63.25
C GLU F 80 12.55 22.35 -64.09
N CYS F 81 11.95 22.56 -65.22
CA CYS F 81 12.18 23.78 -65.96
C CYS F 81 11.59 24.97 -65.13
N PHE F 82 10.49 24.81 -64.41
CA PHE F 82 9.85 25.96 -63.77
C PHE F 82 10.72 26.26 -62.62
N LYS F 83 11.12 25.29 -61.79
CA LYS F 83 11.99 25.58 -60.72
C LYS F 83 13.48 26.00 -60.98
N THR F 84 14.13 25.22 -61.81
CA THR F 84 15.28 25.66 -62.60
C THR F 84 15.28 27.07 -63.20
N LYS F 85 14.15 27.53 -63.70
CA LYS F 85 14.08 28.73 -64.55
C LYS F 85 14.95 28.68 -65.80
N SER F 86 14.80 27.57 -66.47
CA SER F 86 15.68 27.02 -67.50
C SER F 86 15.01 26.02 -68.43
N PHE F 87 15.42 26.04 -69.69
CA PHE F 87 15.04 25.07 -70.61
C PHE F 87 15.80 23.76 -70.44
N VAL F 88 15.44 22.91 -69.47
CA VAL F 88 16.06 21.56 -69.22
C VAL F 88 16.00 20.61 -70.38
N PRO F 89 17.21 20.09 -70.79
CA PRO F 89 17.50 19.15 -71.86
C PRO F 89 16.74 17.85 -71.49
N TRP F 90 16.07 17.21 -72.44
CA TRP F 90 15.30 16.02 -72.19
C TRP F 90 16.33 15.01 -71.70
N GLN F 91 15.86 14.02 -70.98
CA GLN F 91 16.60 12.97 -70.27
C GLN F 91 15.46 11.89 -70.40
N PRO F 92 15.84 10.63 -70.66
CA PRO F 92 15.00 9.43 -70.71
C PRO F 92 14.03 9.42 -69.55
N ARG F 93 14.58 9.65 -68.41
CA ARG F 93 13.83 9.92 -67.10
C ARG F 93 12.46 10.69 -67.30
N PHE F 94 12.47 11.48 -68.38
CA PHE F 94 11.36 12.36 -68.65
C PHE F 94 10.36 11.89 -69.72
N MET F 95 10.75 10.90 -70.53
CA MET F 95 10.06 10.50 -71.83
C MET F 95 9.03 9.40 -71.56
N ILE F 96 7.77 9.70 -71.72
CA ILE F 96 6.72 8.73 -71.99
C ILE F 96 6.74 8.11 -73.40
N HIS F 97 6.93 8.85 -74.46
CA HIS F 97 7.10 8.20 -75.70
C HIS F 97 7.89 9.07 -76.63
N MET F 98 8.65 8.46 -77.53
CA MET F 98 9.46 9.21 -78.48
C MET F 98 9.11 8.92 -79.93
N CYS F 99 9.02 9.96 -80.76
CA CYS F 99 8.83 9.73 -82.08
C CYS F 99 10.24 9.24 -82.65
N PRO F 100 10.20 8.65 -83.92
CA PRO F 100 11.16 7.84 -84.64
C PRO F 100 12.52 8.39 -84.49
N SER F 101 12.63 9.71 -84.66
CA SER F 101 13.91 10.37 -84.71
C SER F 101 14.59 10.88 -83.45
N THR F 102 13.76 11.33 -82.48
CA THR F 102 14.12 11.52 -81.05
C THR F 102 14.51 10.20 -80.55
N LYS F 103 13.75 9.22 -80.83
CA LYS F 103 14.02 7.84 -80.43
C LYS F 103 15.35 7.26 -80.85
N GLU F 104 15.63 7.48 -82.07
CA GLU F 104 16.85 7.08 -82.73
C GLU F 104 18.03 7.85 -82.18
N HIS F 105 17.83 9.15 -81.96
CA HIS F 105 18.73 10.01 -81.25
C HIS F 105 19.07 9.43 -79.83
N PHE F 106 18.12 9.43 -78.86
CA PHE F 106 18.25 8.61 -77.64
C PHE F 106 18.85 7.21 -77.74
N ALA F 107 18.41 6.38 -78.67
CA ALA F 107 18.91 5.04 -78.73
C ALA F 107 20.33 4.89 -79.13
N ARG F 108 21.06 5.92 -79.55
CA ARG F 108 22.48 5.61 -79.80
C ARG F 108 23.25 5.75 -78.49
N GLU F 109 22.66 6.44 -77.50
CA GLU F 109 23.20 6.52 -76.24
C GLU F 109 22.57 5.69 -75.10
N TYR F 110 21.24 5.59 -75.07
CA TYR F 110 20.48 4.91 -74.01
C TYR F 110 19.87 3.68 -74.47
N ASP F 111 19.37 2.91 -73.49
CA ASP F 111 18.77 1.56 -73.38
C ASP F 111 17.33 2.03 -73.52
N CYS F 112 16.28 1.20 -73.62
CA CYS F 112 14.90 1.68 -73.68
C CYS F 112 14.36 1.96 -72.27
N TYR F 113 14.96 1.52 -71.18
CA TYR F 113 14.77 2.09 -69.77
C TYR F 113 15.98 3.04 -69.91
N GLY F 114 16.22 4.06 -69.14
CA GLY F 114 17.28 4.97 -69.85
C GLY F 114 18.72 4.63 -69.33
N ASP F 115 19.26 3.41 -69.45
CA ASP F 115 20.55 3.03 -68.96
C ASP F 115 21.48 3.43 -70.11
N SER F 116 22.41 4.28 -69.83
CA SER F 116 23.44 4.52 -70.84
C SER F 116 24.24 3.24 -71.18
N TYR F 117 24.36 2.97 -72.45
CA TYR F 117 25.33 2.07 -72.99
C TYR F 117 26.77 2.35 -72.67
N PHE F 118 27.23 3.61 -72.63
CA PHE F 118 28.66 3.95 -72.87
C PHE F 118 29.28 4.54 -71.65
N ILE F 119 28.43 4.90 -70.69
CA ILE F 119 28.75 5.66 -69.51
C ILE F 119 28.34 4.90 -68.29
N ASP F 120 29.33 4.68 -67.42
CA ASP F 120 29.00 3.80 -66.31
C ASP F 120 27.87 4.47 -65.51
N THR F 121 27.03 3.62 -64.96
CA THR F 121 26.07 3.96 -63.92
C THR F 121 26.58 4.07 -62.53
N ASP F 122 25.68 4.42 -61.61
CA ASP F 122 25.99 4.53 -60.23
C ASP F 122 24.64 4.36 -59.49
N LEU F 123 24.63 4.70 -58.24
CA LEU F 123 23.42 4.29 -57.50
C LEU F 123 22.18 5.20 -57.79
N ASN F 124 22.45 6.49 -57.84
CA ASN F 124 21.45 7.41 -58.13
C ASN F 124 20.82 7.10 -59.49
N GLN F 125 21.69 7.17 -60.52
CA GLN F 125 21.28 6.83 -61.89
C GLN F 125 20.54 5.47 -61.96
N LEU F 126 20.95 4.39 -61.30
CA LEU F 126 20.20 3.08 -61.47
C LEU F 126 18.91 3.02 -60.75
N LYS F 127 18.92 3.58 -59.53
CA LYS F 127 17.67 3.88 -58.84
C LYS F 127 16.65 4.58 -59.72
N GLU F 128 17.16 5.58 -60.45
CA GLU F 128 16.27 6.33 -61.27
C GLU F 128 15.72 5.45 -62.39
N VAL F 129 16.60 4.79 -63.11
CA VAL F 129 16.14 3.81 -64.13
C VAL F 129 15.08 2.80 -63.58
N PHE F 130 15.43 2.28 -62.38
CA PHE F 130 14.65 1.22 -61.88
C PHE F 130 13.25 1.64 -61.63
N SER F 131 13.23 2.82 -61.04
CA SER F 131 12.07 3.59 -60.72
C SER F 131 11.13 3.82 -61.83
N GLY F 132 11.64 3.86 -63.09
CA GLY F 132 10.85 4.21 -64.27
C GLY F 132 10.29 3.00 -64.97
N ILE F 133 10.72 1.83 -64.54
CA ILE F 133 10.16 0.57 -65.04
C ILE F 133 8.86 0.21 -64.33
N LYS F 134 7.77 0.16 -65.09
CA LYS F 134 6.47 -0.24 -64.56
C LYS F 134 6.38 -1.67 -64.06
N ASN F 135 5.75 -1.82 -62.92
CA ASN F 135 5.39 -3.11 -62.31
C ASN F 135 4.70 -4.08 -63.28
N SER F 136 5.06 -5.36 -63.20
CA SER F 136 4.54 -6.36 -64.15
C SER F 136 4.49 -7.74 -63.51
N ASN F 137 3.74 -8.67 -64.10
CA ASN F 137 3.53 -9.90 -63.44
C ASN F 137 3.62 -11.13 -64.29
N GLU F 138 4.68 -11.30 -65.05
CA GLU F 138 4.79 -12.53 -65.85
C GLU F 138 5.42 -13.65 -65.18
N GLN F 139 5.75 -13.48 -63.92
CA GLN F 139 6.62 -14.45 -63.32
C GLN F 139 6.00 -15.03 -62.09
N THR F 140 5.91 -16.37 -62.14
CA THR F 140 5.75 -17.23 -60.96
C THR F 140 6.90 -17.17 -59.93
N PRO F 141 6.56 -17.24 -58.62
CA PRO F 141 7.65 -17.41 -57.64
C PRO F 141 8.71 -18.48 -58.07
N GLU F 142 8.24 -19.52 -58.76
CA GLU F 142 9.05 -20.67 -59.11
C GLU F 142 10.00 -20.29 -60.16
N GLU F 143 9.52 -19.52 -61.14
CA GLU F 143 10.27 -19.15 -62.35
C GLU F 143 11.26 -18.24 -61.86
N MET F 144 10.81 -17.35 -60.96
CA MET F 144 11.57 -16.26 -60.41
C MET F 144 12.67 -16.71 -59.55
N ALA F 145 12.46 -17.85 -58.88
CA ALA F 145 13.48 -18.45 -58.07
C ALA F 145 14.57 -19.04 -58.97
N SER F 146 14.24 -19.46 -60.18
CA SER F 146 15.41 -19.87 -61.00
C SER F 146 16.12 -18.87 -61.75
N LEU F 147 15.42 -17.85 -62.27
CA LEU F 147 16.15 -16.62 -62.75
C LEU F 147 17.17 -16.21 -61.72
N ILE F 148 16.76 -15.98 -60.49
CA ILE F 148 17.72 -15.60 -59.35
C ILE F 148 18.85 -16.56 -59.17
N ALA F 149 18.49 -17.88 -59.06
CA ALA F 149 19.43 -18.94 -58.80
C ALA F 149 20.43 -18.97 -59.91
N ASP F 150 20.03 -18.91 -61.13
CA ASP F 150 21.00 -18.80 -62.22
C ASP F 150 21.86 -17.56 -62.24
N LEU F 151 21.26 -16.39 -61.86
CA LEU F 151 22.06 -15.18 -61.87
C LEU F 151 23.12 -15.24 -60.76
N GLU F 152 22.70 -15.61 -59.56
CA GLU F 152 23.75 -15.83 -58.52
C GLU F 152 24.80 -16.93 -58.79
N TYR F 153 24.57 -17.86 -59.68
CA TYR F 153 25.47 -18.91 -60.11
C TYR F 153 26.29 -18.21 -61.22
N ARG F 154 25.70 -17.58 -62.22
CA ARG F 154 26.59 -16.80 -63.08
C ARG F 154 27.57 -15.87 -62.35
N TYR F 155 27.12 -15.12 -61.35
CA TYR F 155 27.89 -14.01 -60.83
C TYR F 155 28.55 -14.29 -59.54
N SER F 156 28.28 -15.48 -59.04
CA SER F 156 28.88 -15.95 -57.81
C SER F 156 28.32 -15.24 -56.59
N TRP F 157 27.05 -14.85 -56.67
CA TRP F 157 26.35 -14.35 -55.44
C TRP F 157 25.70 -15.51 -54.69
N ASP F 158 25.95 -16.72 -55.18
CA ASP F 158 25.47 -17.93 -54.50
C ASP F 158 26.02 -18.46 -53.17
N CYS F 159 27.16 -17.92 -52.63
CA CYS F 159 27.52 -18.10 -51.21
C CYS F 159 27.13 -16.99 -50.24
N SER F 160 26.36 -16.05 -50.74
CA SER F 160 25.97 -14.93 -49.99
C SER F 160 24.91 -15.44 -49.06
N PRO F 161 24.88 -14.98 -47.86
CA PRO F 161 24.17 -15.62 -46.83
C PRO F 161 22.63 -15.57 -47.04
N LEU F 162 22.00 -14.46 -47.44
CA LEU F 162 20.58 -14.42 -47.71
C LEU F 162 20.18 -15.23 -48.87
N SER F 163 21.00 -16.06 -49.37
CA SER F 163 20.60 -16.79 -50.53
C SER F 163 21.30 -18.23 -50.47
N MET F 164 21.83 -18.63 -49.30
CA MET F 164 22.66 -19.92 -49.07
C MET F 164 21.73 -21.12 -49.18
N PHE F 165 20.46 -21.01 -48.82
CA PHE F 165 19.62 -22.17 -49.16
C PHE F 165 18.75 -22.07 -50.43
N ARG F 166 19.23 -21.32 -51.43
CA ARG F 166 18.52 -21.06 -52.66
C ARG F 166 18.27 -22.39 -53.37
N ARG F 167 19.27 -23.24 -53.33
CA ARG F 167 19.14 -24.51 -54.11
C ARG F 167 18.57 -25.72 -53.28
N HIS F 168 17.84 -25.43 -52.19
CA HIS F 168 17.17 -26.40 -51.43
C HIS F 168 15.67 -26.28 -51.64
N THR F 169 14.94 -27.39 -51.69
CA THR F 169 13.48 -27.24 -51.59
C THR F 169 13.25 -28.19 -50.47
N VAL F 170 12.36 -27.79 -49.52
CA VAL F 170 12.40 -28.12 -48.17
C VAL F 170 11.02 -28.31 -47.58
N TYR F 171 10.74 -29.57 -47.23
CA TYR F 171 9.62 -29.92 -46.39
C TYR F 171 10.09 -30.07 -44.92
N LEU F 172 9.16 -29.66 -44.07
CA LEU F 172 9.39 -29.17 -42.73
C LEU F 172 8.24 -29.81 -41.97
N ASP F 173 8.55 -30.57 -40.94
CA ASP F 173 7.59 -31.48 -40.34
C ASP F 173 6.58 -30.80 -39.41
N SER F 174 5.81 -29.86 -39.93
CA SER F 174 4.87 -29.09 -39.08
C SER F 174 3.44 -29.64 -39.09
N TYR F 175 3.30 -30.80 -39.71
CA TYR F 175 2.04 -31.44 -40.03
C TYR F 175 1.94 -32.73 -39.37
N ALA F 176 1.08 -32.82 -38.35
CA ALA F 176 0.73 -34.12 -37.66
C ALA F 176 0.37 -35.26 -38.57
N VAL F 177 0.06 -34.99 -39.84
CA VAL F 177 -0.13 -35.97 -40.83
C VAL F 177 0.55 -35.53 -42.08
N ILE F 178 1.69 -36.16 -42.38
CA ILE F 178 2.53 -35.77 -43.51
C ILE F 178 1.61 -35.25 -44.63
N ASN F 179 1.98 -34.11 -45.26
CA ASN F 179 1.26 -33.74 -46.49
C ASN F 179 -0.21 -33.27 -46.31
N ASP F 180 -0.82 -33.38 -45.11
CA ASP F 180 -2.26 -33.01 -44.89
C ASP F 180 -2.48 -31.63 -44.20
N LEU F 181 -2.39 -30.65 -45.12
CA LEU F 181 -2.50 -29.19 -44.92
C LEU F 181 -3.40 -28.75 -43.84
N SER F 182 -3.96 -29.62 -43.04
CA SER F 182 -4.20 -29.10 -41.72
C SER F 182 -4.38 -30.00 -40.56
N THR F 183 -3.37 -30.90 -40.59
CA THR F 183 -2.67 -31.28 -39.38
C THR F 183 -1.69 -30.22 -38.79
N LYS F 184 -1.34 -29.23 -39.60
CA LYS F 184 -0.52 -28.06 -39.14
C LYS F 184 -0.53 -27.83 -37.65
N ASN F 185 0.66 -28.13 -37.02
CA ASN F 185 0.88 -28.35 -35.57
C ASN F 185 1.08 -27.06 -34.77
N GLU F 186 0.75 -25.95 -35.39
CA GLU F 186 1.52 -24.76 -35.30
C GLU F 186 1.70 -24.22 -33.89
N GLY F 187 2.54 -23.23 -33.89
CA GLY F 187 3.25 -22.57 -32.81
C GLY F 187 4.48 -23.33 -32.34
N THR F 188 4.75 -24.44 -33.00
CA THR F 188 6.07 -25.07 -33.07
C THR F 188 7.24 -24.02 -33.22
N ARG F 189 8.40 -24.29 -32.64
CA ARG F 189 9.61 -23.64 -33.16
C ARG F 189 10.05 -24.01 -34.61
N LEU F 190 9.41 -25.05 -35.17
CA LEU F 190 9.52 -25.34 -36.64
C LEU F 190 8.89 -24.20 -37.55
N ALA F 191 7.94 -23.43 -37.03
CA ALA F 191 7.34 -22.34 -37.78
C ALA F 191 8.45 -21.39 -38.04
N ILE F 192 9.27 -21.10 -36.96
CA ILE F 192 10.45 -20.21 -36.97
C ILE F 192 11.56 -20.69 -37.94
N LYS F 193 11.77 -21.97 -38.01
CA LYS F 193 12.70 -22.39 -38.95
C LYS F 193 12.32 -22.15 -40.33
N ALA F 194 11.01 -22.17 -40.56
CA ALA F 194 10.53 -22.00 -41.96
C ALA F 194 10.68 -20.57 -42.25
N LEU F 195 10.44 -19.66 -41.33
CA LEU F 195 10.79 -18.28 -41.60
C LEU F 195 12.27 -18.11 -41.89
N GLU F 196 13.11 -18.90 -41.22
CA GLU F 196 14.56 -18.80 -41.35
C GLU F 196 15.08 -19.35 -42.67
N LEU F 197 14.49 -20.44 -43.14
CA LEU F 197 14.79 -20.96 -44.46
C LEU F 197 14.36 -20.02 -45.58
N ARG F 198 13.12 -19.52 -45.47
CA ARG F 198 12.62 -18.55 -46.42
C ARG F 198 13.45 -17.29 -46.52
N PHE F 199 13.78 -16.69 -45.38
CA PHE F 199 14.58 -15.55 -45.37
C PHE F 199 15.99 -15.79 -46.19
N HIS F 200 16.58 -17.00 -46.11
CA HIS F 200 17.89 -17.23 -46.63
C HIS F 200 17.94 -18.01 -47.85
N GLY F 201 16.82 -17.85 -48.59
CA GLY F 201 16.60 -18.27 -49.97
C GLY F 201 15.92 -19.61 -50.21
N ALA F 202 15.43 -20.35 -49.19
CA ALA F 202 14.96 -21.75 -49.50
C ALA F 202 13.59 -21.69 -50.14
N LYS F 203 13.29 -22.63 -51.01
CA LYS F 203 11.94 -22.87 -51.33
C LYS F 203 11.43 -23.81 -50.23
N VAL F 204 10.56 -23.29 -49.38
CA VAL F 204 9.73 -24.01 -48.39
C VAL F 204 8.26 -24.39 -48.91
N VAL F 205 8.10 -25.68 -49.04
CA VAL F 205 7.00 -26.37 -49.62
C VAL F 205 6.07 -26.97 -48.48
N SER F 206 4.75 -26.96 -48.74
CA SER F 206 3.85 -27.57 -47.74
C SER F 206 3.36 -29.01 -48.22
N CYS F 207 4.07 -29.55 -49.22
CA CYS F 207 3.87 -30.94 -49.64
C CYS F 207 5.15 -31.71 -49.96
N LEU F 208 5.26 -32.89 -49.39
CA LEU F 208 6.35 -33.83 -49.65
C LEU F 208 6.25 -34.67 -50.97
N ALA F 209 5.95 -33.98 -52.08
CA ALA F 209 6.05 -34.59 -53.39
C ALA F 209 7.53 -34.83 -53.76
N GLU F 210 7.72 -35.29 -54.97
CA GLU F 210 9.01 -35.35 -55.58
C GLU F 210 9.58 -33.93 -55.97
N GLY F 211 9.28 -32.82 -55.30
CA GLY F 211 10.26 -31.62 -55.51
C GLY F 211 11.60 -31.80 -54.65
N VAL F 212 11.33 -32.34 -53.47
CA VAL F 212 11.94 -31.98 -52.26
C VAL F 212 13.33 -32.52 -52.14
N SER F 213 14.24 -31.67 -51.65
CA SER F 213 15.56 -32.18 -51.54
C SER F 213 15.76 -32.41 -50.07
N HIS F 214 14.96 -31.87 -49.12
CA HIS F 214 15.28 -31.87 -47.67
C HIS F 214 14.11 -31.93 -46.93
N VAL F 215 14.04 -32.68 -45.82
CA VAL F 215 12.91 -32.58 -44.86
C VAL F 215 13.50 -32.22 -43.53
N ILE F 216 12.86 -31.39 -42.73
CA ILE F 216 13.48 -30.99 -41.58
C ILE F 216 12.67 -31.39 -40.39
N ILE F 217 13.25 -32.20 -39.47
CA ILE F 217 12.68 -32.72 -38.26
C ILE F 217 13.00 -31.78 -37.00
N GLY F 218 12.08 -31.76 -36.06
CA GLY F 218 12.34 -31.15 -34.78
C GLY F 218 12.40 -32.19 -33.69
N GLU F 219 11.96 -31.82 -32.49
CA GLU F 219 12.12 -32.68 -31.33
C GLU F 219 11.32 -33.95 -31.51
N ASP F 220 10.06 -33.80 -31.92
CA ASP F 220 9.21 -34.92 -32.28
C ASP F 220 9.78 -35.72 -33.42
N HIS F 221 10.15 -36.97 -33.16
CA HIS F 221 10.50 -37.88 -34.29
C HIS F 221 9.39 -38.81 -34.67
N SER F 222 8.17 -38.43 -34.28
CA SER F 222 6.95 -39.31 -34.40
C SER F 222 6.79 -39.82 -35.81
N ARG F 223 7.11 -39.00 -36.82
CA ARG F 223 6.91 -39.41 -38.18
C ARG F 223 8.14 -39.86 -38.94
N VAL F 224 9.28 -40.03 -38.28
CA VAL F 224 10.39 -40.27 -39.20
C VAL F 224 10.30 -41.48 -39.94
N ALA F 225 9.53 -42.43 -39.36
CA ALA F 225 9.52 -43.87 -39.89
C ALA F 225 8.79 -43.92 -41.21
N ASP F 226 7.73 -43.14 -41.26
CA ASP F 226 7.05 -42.68 -42.47
C ASP F 226 7.86 -41.90 -43.49
N PHE F 227 8.40 -40.79 -43.12
CA PHE F 227 9.33 -40.22 -44.10
C PHE F 227 10.19 -41.25 -44.64
N LYS F 228 10.80 -42.09 -43.83
CA LYS F 228 11.87 -42.94 -44.39
C LYS F 228 11.32 -44.01 -45.31
N ALA F 229 10.06 -44.31 -45.07
CA ALA F 229 9.23 -45.40 -45.71
C ALA F 229 8.72 -44.90 -47.05
N PHE F 230 8.00 -43.79 -47.01
CA PHE F 230 7.64 -42.90 -48.17
C PHE F 230 8.88 -42.45 -49.05
N ARG F 231 9.99 -42.11 -48.45
CA ARG F 231 11.20 -41.99 -49.29
C ARG F 231 11.56 -43.18 -50.22
N ARG F 232 11.51 -44.43 -49.72
CA ARG F 232 11.47 -45.71 -50.55
C ARG F 232 10.83 -45.54 -51.96
N THR F 233 9.57 -45.05 -51.99
CA THR F 233 8.81 -44.61 -53.20
C THR F 233 9.67 -44.01 -54.29
N PHE F 234 10.43 -42.94 -53.88
CA PHE F 234 10.87 -41.75 -54.61
C PHE F 234 12.01 -41.97 -55.57
N LYS F 235 12.09 -41.18 -56.67
CA LYS F 235 13.24 -41.28 -57.64
C LYS F 235 14.55 -40.49 -57.19
N ARG F 236 14.36 -39.23 -56.80
CA ARG F 236 15.40 -38.53 -56.09
C ARG F 236 14.81 -38.24 -54.73
N LYS F 237 15.64 -38.68 -53.81
CA LYS F 237 15.28 -39.04 -52.53
C LYS F 237 15.70 -37.87 -51.71
N PHE F 238 14.86 -37.38 -50.79
CA PHE F 238 15.25 -36.26 -49.97
C PHE F 238 16.25 -36.62 -48.90
N LYS F 239 16.73 -35.63 -48.15
CA LYS F 239 17.51 -35.89 -46.95
C LYS F 239 16.56 -35.49 -45.86
N ILE F 240 16.74 -36.09 -44.72
CA ILE F 240 16.04 -35.67 -43.49
C ILE F 240 17.20 -35.23 -42.56
N LEU F 241 17.08 -34.02 -42.06
CA LEU F 241 18.16 -33.36 -41.35
C LEU F 241 17.58 -32.87 -40.09
N LYS F 242 18.33 -32.71 -39.02
CA LYS F 242 17.93 -31.97 -37.79
C LYS F 242 17.77 -30.37 -37.96
N GLU F 243 16.73 -29.81 -37.33
CA GLU F 243 16.48 -28.41 -37.27
C GLU F 243 17.90 -27.72 -37.18
N SER F 244 18.87 -28.23 -36.35
CA SER F 244 20.12 -27.51 -35.95
C SER F 244 20.97 -27.14 -37.18
N TRP F 245 20.73 -27.81 -38.28
CA TRP F 245 21.46 -27.63 -39.50
C TRP F 245 21.30 -26.23 -40.05
N VAL F 246 20.06 -25.70 -39.90
CA VAL F 246 19.74 -24.40 -40.41
C VAL F 246 20.22 -23.41 -39.42
N THR F 247 19.88 -23.58 -38.16
CA THR F 247 20.43 -22.64 -37.23
C THR F 247 21.98 -22.50 -37.37
N ASP F 248 22.72 -23.59 -37.29
CA ASP F 248 24.15 -23.60 -37.48
C ASP F 248 24.56 -23.05 -38.79
N SER F 249 23.99 -23.42 -39.98
CA SER F 249 24.31 -22.71 -41.23
C SER F 249 24.06 -21.24 -41.13
N ILE F 250 23.00 -20.83 -40.46
CA ILE F 250 22.80 -19.43 -40.54
C ILE F 250 23.84 -18.78 -39.58
N ASP F 251 23.86 -19.09 -38.31
CA ASP F 251 24.97 -18.66 -37.44
C ASP F 251 26.39 -18.49 -38.08
N LYS F 252 26.85 -19.36 -38.96
CA LYS F 252 28.21 -19.38 -39.45
C LYS F 252 28.26 -18.67 -40.83
N CYS F 253 27.08 -18.12 -41.22
CA CYS F 253 26.82 -17.48 -42.52
C CYS F 253 27.28 -18.34 -43.64
N GLU F 254 27.32 -19.64 -43.51
CA GLU F 254 27.71 -20.47 -44.63
C GLU F 254 27.10 -21.83 -44.39
N LEU F 255 26.59 -22.49 -45.44
CA LEU F 255 26.07 -23.85 -45.39
C LEU F 255 27.25 -24.60 -44.71
N GLN F 256 27.06 -25.09 -43.44
CA GLN F 256 27.54 -26.26 -42.76
C GLN F 256 27.04 -27.39 -43.49
N GLU F 257 27.73 -28.55 -43.44
CA GLU F 257 27.04 -29.54 -44.23
C GLU F 257 26.66 -30.79 -43.69
N GLU F 258 25.77 -31.43 -44.41
CA GLU F 258 24.62 -32.04 -43.78
C GLU F 258 24.85 -33.30 -43.03
N ASN F 259 25.92 -34.02 -43.30
CA ASN F 259 25.93 -35.41 -42.85
C ASN F 259 26.05 -35.65 -41.37
N GLN F 260 26.54 -34.64 -40.67
CA GLN F 260 26.59 -34.68 -39.28
C GLN F 260 25.20 -34.21 -38.74
N TYR F 261 24.20 -33.94 -39.61
CA TYR F 261 22.84 -33.53 -39.15
C TYR F 261 21.87 -34.47 -39.77
N LEU F 262 22.38 -35.49 -40.43
CA LEU F 262 21.52 -36.56 -40.95
C LEU F 262 20.67 -37.29 -39.93
N ILE F 263 19.43 -37.58 -40.35
CA ILE F 263 18.18 -37.81 -39.54
C ILE F 263 17.82 -37.10 -38.15
#